data_6BZN
#
_entry.id   6BZN
#
_cell.length_a   64.235
_cell.length_b   157.107
_cell.length_c   214.015
_cell.angle_alpha   90.00
_cell.angle_beta   90.00
_cell.angle_gamma   90.00
#
_symmetry.space_group_name_H-M   'P 21 21 21'
#
loop_
_entity.id
_entity.type
_entity.pdbx_description
1 polymer 'Halogenase PltM'
2 non-polymer 'CALCIUM ION'
3 non-polymer GLYCEROL
4 water water
#
_entity_poly.entity_id   1
_entity_poly.type   'polypeptide(L)'
_entity_poly.pdbx_seq_one_letter_code
;MGSSHHHHHHSSGLVPRGSHMNQYDVIIIGSGIAGALTGAVLAKSGLNVLILDSAQHPRFSVGEAATPESGFLLRLLSKR
FDIPEIAYLSHPDKIIQHVGSSACGIKLGFSFAWHQENAPSSPDHLVAPPLKVPEAHLFRQDIDYFALMIALKHGAESRQ
NIKIESISLNDDGVEVALSNAAPVKAAFIIDAAAQGSPLSRQLGLRTTEGLATDTCSFFTHMLNVKSYEDALAPLSRTRS
PIELFKSTLHHIFEEGWLWVIPFNNHPQGTNQLCSIGFQFNNAKYRPTEAPEIEFRKLLKKYPAIGEHFKDAVNAREWIY
APRINYRSVQNVGDRFCLLPQATGFIDPLFSRGLITTFESILRLAPKVLDAARSNRWQREQFIEVERHCLNAVATNDQLV
SCSYEAFSDFHLWNVWHRVWLSGSNLGSAFLQKLLHDLEHSGDARQFDAALEAVRFPGCLSLDSPAYESLFRQSCQVMQQ
AREQARPVAETANALHELIKEHEAELLPLGYSRISNRFILKV
;
_entity_poly.pdbx_strand_id   A,B,C,D
#
loop_
_chem_comp.id
_chem_comp.type
_chem_comp.name
_chem_comp.formula
CA non-polymer 'CALCIUM ION' 'Ca 2'
GOL non-polymer GLYCEROL 'C3 H8 O3'
#
# COMPACT_ATOMS: atom_id res chain seq x y z
N ASN A 22 -21.33 -12.27 -49.13
CA ASN A 22 -20.93 -11.32 -48.02
C ASN A 22 -19.88 -11.95 -47.14
N GLN A 23 -18.62 -11.52 -47.25
CA GLN A 23 -17.61 -11.98 -46.30
C GLN A 23 -17.68 -11.32 -44.90
N TYR A 24 -18.29 -10.14 -44.75
CA TYR A 24 -18.48 -9.52 -43.43
C TYR A 24 -19.93 -9.13 -43.18
N ASP A 25 -20.26 -8.89 -41.91
CA ASP A 25 -21.55 -8.28 -41.57
C ASP A 25 -21.50 -6.78 -41.81
N VAL A 26 -20.45 -6.14 -41.29
CA VAL A 26 -20.29 -4.69 -41.35
C VAL A 26 -18.86 -4.30 -41.75
N ILE A 27 -18.76 -3.33 -42.67
CA ILE A 27 -17.52 -2.64 -42.96
C ILE A 27 -17.58 -1.27 -42.30
N ILE A 28 -16.49 -0.88 -41.65
CA ILE A 28 -16.37 0.41 -40.98
C ILE A 28 -15.20 1.15 -41.62
N ILE A 29 -15.46 2.34 -42.15
CA ILE A 29 -14.41 3.19 -42.68
C ILE A 29 -13.92 4.11 -41.56
N GLY A 30 -12.63 4.04 -41.24
CA GLY A 30 -12.00 4.85 -40.20
C GLY A 30 -11.66 4.03 -38.97
N SER A 31 -10.41 4.09 -38.52
CA SER A 31 -9.96 3.30 -37.40
C SER A 31 -9.60 4.19 -36.20
N GLY A 32 -10.11 5.43 -36.19
CA GLY A 32 -10.01 6.33 -35.05
C GLY A 32 -10.97 5.88 -33.96
N ILE A 33 -11.09 6.66 -32.89
CA ILE A 33 -11.87 6.20 -31.75
C ILE A 33 -13.32 5.82 -32.12
N ALA A 34 -13.95 6.59 -33.01
CA ALA A 34 -15.32 6.28 -33.44
C ALA A 34 -15.40 4.92 -34.13
N GLY A 35 -14.55 4.70 -35.12
CA GLY A 35 -14.57 3.43 -35.87
C GLY A 35 -14.19 2.25 -35.00
N ALA A 36 -13.20 2.45 -34.15
CA ALA A 36 -12.72 1.40 -33.27
C ALA A 36 -13.76 0.98 -32.24
N LEU A 37 -14.42 1.94 -31.59
CA LEU A 37 -15.43 1.58 -30.59
C LEU A 37 -16.66 0.92 -31.23
N THR A 38 -17.09 1.45 -32.38
CA THR A 38 -18.13 0.83 -33.18
C THR A 38 -17.77 -0.62 -33.50
N GLY A 39 -16.54 -0.84 -33.95
CA GLY A 39 -16.10 -2.18 -34.33
C GLY A 39 -16.04 -3.11 -33.14
N ALA A 40 -15.60 -2.58 -32.00
CA ALA A 40 -15.49 -3.40 -30.80
C ALA A 40 -16.86 -3.88 -30.34
N VAL A 41 -17.83 -2.98 -30.24
CA VAL A 41 -19.15 -3.35 -29.72
C VAL A 41 -19.91 -4.31 -30.64
N LEU A 42 -19.74 -4.13 -31.95
CA LEU A 42 -20.36 -5.02 -32.92
C LEU A 42 -19.66 -6.39 -32.93
N ALA A 43 -18.33 -6.41 -32.90
CA ALA A 43 -17.58 -7.67 -32.88
C ALA A 43 -17.89 -8.47 -31.59
N LYS A 44 -17.89 -7.76 -30.47
CA LYS A 44 -18.28 -8.35 -29.18
C LYS A 44 -19.64 -9.03 -29.24
N SER A 45 -20.57 -8.42 -29.95
CA SER A 45 -21.97 -8.85 -30.04
C SER A 45 -22.25 -9.97 -31.06
N GLY A 46 -21.22 -10.44 -31.76
CA GLY A 46 -21.32 -11.60 -32.66
C GLY A 46 -21.29 -11.29 -34.16
N LEU A 47 -20.95 -10.05 -34.54
CA LEU A 47 -20.81 -9.69 -35.94
C LEU A 47 -19.36 -9.81 -36.42
N ASN A 48 -19.17 -10.16 -37.69
N ASN A 48 -19.18 -10.17 -37.69
CA ASN A 48 -17.88 -10.17 -38.36
CA ASN A 48 -17.88 -10.14 -38.32
C ASN A 48 -17.67 -8.77 -38.93
C ASN A 48 -17.69 -8.75 -38.92
N VAL A 49 -16.68 -8.05 -38.43
CA VAL A 49 -16.48 -6.64 -38.75
C VAL A 49 -15.14 -6.45 -39.41
N LEU A 50 -15.09 -5.57 -40.42
CA LEU A 50 -13.87 -5.17 -41.08
C LEU A 50 -13.74 -3.66 -40.98
N ILE A 51 -12.65 -3.21 -40.36
CA ILE A 51 -12.32 -1.80 -40.28
C ILE A 51 -11.27 -1.47 -41.32
N LEU A 52 -11.56 -0.48 -42.16
CA LEU A 52 -10.66 -0.03 -43.23
C LEU A 52 -10.21 1.38 -42.96
N ASP A 53 -8.92 1.66 -43.12
CA ASP A 53 -8.42 3.04 -42.97
C ASP A 53 -7.30 3.29 -43.97
N SER A 54 -7.33 4.46 -44.61
CA SER A 54 -6.25 4.87 -45.52
C SER A 54 -5.03 5.32 -44.73
N ALA A 55 -5.24 5.75 -43.48
CA ALA A 55 -4.14 6.16 -42.62
C ALA A 55 -3.64 4.94 -41.83
N GLN A 56 -2.65 5.18 -40.97
CA GLN A 56 -2.19 4.16 -40.04
C GLN A 56 -1.87 4.74 -38.67
N HIS A 57 -1.95 3.89 -37.65
CA HIS A 57 -1.59 4.26 -36.30
C HIS A 57 -0.07 4.08 -36.15
N PRO A 58 0.59 4.90 -35.34
CA PRO A 58 0.02 6.00 -34.60
C PRO A 58 -0.20 7.23 -35.48
N ARG A 59 -1.20 8.03 -35.15
CA ARG A 59 -1.34 9.32 -35.83
C ARG A 59 -2.00 10.36 -34.94
N PHE A 60 -1.70 11.61 -35.26
CA PHE A 60 -2.19 12.77 -34.54
C PHE A 60 -3.65 13.03 -34.88
N SER A 61 -4.41 13.48 -33.88
CA SER A 61 -5.74 13.99 -34.11
C SER A 61 -6.07 15.01 -33.00
N VAL A 62 -6.90 16.01 -33.29
CA VAL A 62 -7.45 16.87 -32.23
C VAL A 62 -8.83 16.31 -31.84
N GLY A 63 -9.59 17.03 -30.99
CA GLY A 63 -10.82 16.48 -30.40
C GLY A 63 -10.41 15.89 -29.07
N GLU A 64 -9.98 16.76 -28.17
CA GLU A 64 -9.21 16.35 -27.00
C GLU A 64 -9.91 16.58 -25.67
N ALA A 65 -10.85 17.51 -25.60
CA ALA A 65 -11.44 17.88 -24.32
C ALA A 65 -12.64 17.01 -24.04
N ALA A 66 -12.49 16.09 -23.10
CA ALA A 66 -13.62 15.30 -22.66
C ALA A 66 -14.59 16.20 -21.90
N THR A 67 -15.83 15.73 -21.76
CA THR A 67 -16.88 16.45 -21.05
C THR A 67 -17.59 15.49 -20.10
N PRO A 68 -18.42 16.03 -19.18
CA PRO A 68 -19.22 15.10 -18.39
C PRO A 68 -20.06 14.16 -19.25
N GLU A 69 -20.68 14.69 -20.30
CA GLU A 69 -21.49 13.90 -21.19
C GLU A 69 -20.69 12.81 -21.89
N SER A 70 -19.53 13.17 -22.42
CA SER A 70 -18.73 12.20 -23.17
C SER A 70 -18.29 11.07 -22.22
N GLY A 71 -17.98 11.40 -20.97
CA GLY A 71 -17.58 10.39 -20.00
C GLY A 71 -18.72 9.43 -19.66
N PHE A 72 -19.92 9.96 -19.45
CA PHE A 72 -21.09 9.13 -19.21
C PHE A 72 -21.41 8.24 -20.41
N LEU A 73 -21.25 8.78 -21.62
CA LEU A 73 -21.48 8.02 -22.84
C LEU A 73 -20.49 6.89 -23.01
N LEU A 74 -19.23 7.11 -22.68
CA LEU A 74 -18.25 6.01 -22.75
C LEU A 74 -18.60 4.93 -21.73
N ARG A 75 -19.00 5.34 -20.54
CA ARG A 75 -19.41 4.38 -19.51
C ARG A 75 -20.67 3.62 -19.92
N LEU A 76 -21.61 4.31 -20.57
CA LEU A 76 -22.82 3.66 -21.10
C LEU A 76 -22.46 2.63 -22.18
N LEU A 77 -21.58 3.00 -23.11
CA LEU A 77 -21.11 2.06 -24.12
C LEU A 77 -20.47 0.82 -23.50
N SER A 78 -19.59 1.06 -22.53
CA SER A 78 -18.92 0.01 -21.79
C SER A 78 -19.90 -0.95 -21.11
N LYS A 79 -20.92 -0.40 -20.46
CA LYS A 79 -21.87 -1.22 -19.71
C LYS A 79 -22.89 -1.88 -20.64
N ARG A 80 -23.38 -1.12 -21.62
CA ARG A 80 -24.35 -1.64 -22.60
C ARG A 80 -23.81 -2.85 -23.36
N PHE A 81 -22.52 -2.89 -23.63
CA PHE A 81 -21.93 -3.99 -24.41
C PHE A 81 -20.94 -4.87 -23.63
N ASP A 82 -20.82 -4.65 -22.31
CA ASP A 82 -19.94 -5.44 -21.44
C ASP A 82 -18.48 -5.45 -21.95
N ILE A 83 -17.95 -4.26 -22.24
CA ILE A 83 -16.54 -4.11 -22.54
C ILE A 83 -15.95 -3.15 -21.52
N PRO A 84 -15.43 -3.67 -20.41
CA PRO A 84 -14.86 -2.79 -19.37
C PRO A 84 -13.81 -1.75 -19.82
N GLU A 85 -12.96 -2.10 -20.78
CA GLU A 85 -11.87 -1.19 -21.19
C GLU A 85 -12.37 0.10 -21.79
N ILE A 86 -13.57 0.09 -22.36
CA ILE A 86 -14.15 1.33 -22.88
C ILE A 86 -14.34 2.35 -21.74
N ALA A 87 -14.79 1.91 -20.56
CA ALA A 87 -15.00 2.83 -19.43
C ALA A 87 -13.70 3.44 -18.92
N TYR A 88 -12.58 2.73 -19.05
CA TYR A 88 -11.26 3.32 -18.72
C TYR A 88 -11.03 4.67 -19.37
N LEU A 89 -11.48 4.80 -20.63
CA LEU A 89 -11.24 6.01 -21.40
C LEU A 89 -12.00 7.22 -20.86
N SER A 90 -12.97 7.04 -19.95
CA SER A 90 -13.66 8.18 -19.33
C SER A 90 -12.97 8.78 -18.12
N HIS A 91 -11.98 8.09 -17.55
CA HIS A 91 -11.37 8.53 -16.28
C HIS A 91 -9.86 8.78 -16.49
N PRO A 92 -9.35 9.98 -16.18
CA PRO A 92 -7.92 10.22 -16.40
C PRO A 92 -7.01 9.28 -15.61
N ASP A 93 -7.39 8.93 -14.38
CA ASP A 93 -6.55 8.04 -13.57
C ASP A 93 -6.53 6.64 -14.19
N LYS A 94 -7.68 6.18 -14.68
CA LYS A 94 -7.72 4.91 -15.40
C LYS A 94 -6.97 4.95 -16.74
N ILE A 95 -7.00 6.07 -17.46
CA ILE A 95 -6.19 6.23 -18.69
C ILE A 95 -4.70 6.09 -18.41
N ILE A 96 -4.23 6.81 -17.39
CA ILE A 96 -2.81 6.76 -17.01
C ILE A 96 -2.43 5.31 -16.68
N GLN A 97 -3.29 4.64 -15.91
CA GLN A 97 -3.02 3.28 -15.43
C GLN A 97 -3.04 2.20 -16.53
N HIS A 98 -3.97 2.30 -17.46
CA HIS A 98 -4.21 1.24 -18.46
C HIS A 98 -3.80 1.55 -19.88
N VAL A 99 -3.89 2.79 -20.30
CA VAL A 99 -3.50 3.19 -21.65
C VAL A 99 -2.02 3.57 -21.62
N GLY A 100 -1.67 4.46 -20.71
CA GLY A 100 -0.29 4.86 -20.51
C GLY A 100 -0.19 6.24 -19.92
N SER A 101 0.94 6.50 -19.26
CA SER A 101 1.10 7.74 -18.52
C SER A 101 1.20 8.99 -19.43
N SER A 102 1.52 8.82 -20.71
CA SER A 102 1.52 9.94 -21.63
C SER A 102 0.15 10.17 -22.32
N ALA A 103 -0.85 9.35 -22.01
CA ALA A 103 -2.08 9.30 -22.82
C ALA A 103 -3.11 10.39 -22.51
N CYS A 104 -2.95 11.11 -21.41
CA CYS A 104 -3.85 12.21 -21.12
C CYS A 104 -3.27 13.24 -20.16
N GLY A 105 -3.87 14.41 -20.23
CA GLY A 105 -3.83 15.39 -19.17
C GLY A 105 -5.14 15.35 -18.40
N ILE A 106 -5.30 16.31 -17.50
CA ILE A 106 -6.47 16.38 -16.63
C ILE A 106 -7.25 17.66 -16.86
N LYS A 107 -8.55 17.62 -16.63
CA LYS A 107 -9.34 18.84 -16.56
C LYS A 107 -10.35 18.78 -15.44
N LEU A 108 -10.43 19.89 -14.71
CA LEU A 108 -11.37 20.03 -13.62
C LEU A 108 -12.52 20.94 -14.00
N GLY A 109 -12.56 21.35 -15.28
CA GLY A 109 -13.64 22.16 -15.81
C GLY A 109 -13.23 22.90 -17.08
N PHE A 110 -14.17 23.66 -17.62
CA PHE A 110 -13.92 24.60 -18.71
C PHE A 110 -13.70 25.97 -18.09
N SER A 111 -12.67 26.69 -18.52
CA SER A 111 -12.46 28.06 -18.07
C SER A 111 -12.41 28.97 -19.30
N PHE A 112 -12.84 30.21 -19.08
CA PHE A 112 -12.96 31.20 -20.14
C PHE A 112 -12.37 32.50 -19.65
N ALA A 113 -11.40 33.05 -20.37
CA ALA A 113 -10.80 34.35 -20.05
C ALA A 113 -10.98 35.26 -21.27
N TRP A 114 -11.55 36.44 -21.04
CA TRP A 114 -11.94 37.35 -22.12
C TRP A 114 -10.89 38.45 -22.30
N HIS A 115 -10.72 38.88 -23.54
CA HIS A 115 -9.72 39.88 -23.92
C HIS A 115 -10.27 40.80 -24.96
N GLN A 116 -9.64 41.95 -25.12
CA GLN A 116 -9.97 42.85 -26.20
C GLN A 116 -8.73 43.56 -26.69
N GLU A 117 -8.75 43.87 -27.97
CA GLU A 117 -7.66 44.53 -28.62
C GLU A 117 -7.52 45.94 -28.02
N ASN A 118 -6.27 46.40 -27.89
CA ASN A 118 -5.95 47.75 -27.45
C ASN A 118 -6.34 48.08 -26.01
N ALA A 119 -6.44 47.05 -25.17
CA ALA A 119 -6.70 47.21 -23.75
C ALA A 119 -6.02 46.07 -23.00
N PRO A 120 -5.59 46.33 -21.75
CA PRO A 120 -5.01 45.25 -20.95
C PRO A 120 -6.07 44.27 -20.48
N SER A 121 -5.70 43.00 -20.39
CA SER A 121 -6.62 41.96 -19.98
C SER A 121 -6.75 41.89 -18.46
N SER A 122 -7.96 41.62 -17.97
CA SER A 122 -8.20 41.55 -16.53
C SER A 122 -8.41 40.10 -16.07
N PRO A 123 -7.70 39.68 -15.02
CA PRO A 123 -8.00 38.38 -14.41
C PRO A 123 -9.37 38.26 -13.72
N ASP A 124 -10.14 39.35 -13.66
CA ASP A 124 -11.54 39.28 -13.25
C ASP A 124 -12.53 39.02 -14.39
N HIS A 125 -12.04 39.01 -15.63
CA HIS A 125 -12.88 38.66 -16.79
C HIS A 125 -12.75 37.18 -17.09
N LEU A 126 -13.06 36.36 -16.07
CA LEU A 126 -12.97 34.90 -16.09
C LEU A 126 -14.27 34.26 -15.59
N VAL A 127 -14.66 33.14 -16.21
CA VAL A 127 -15.65 32.23 -15.62
C VAL A 127 -15.08 30.82 -15.71
N ALA A 128 -15.35 30.01 -14.71
CA ALA A 128 -14.88 28.63 -14.70
C ALA A 128 -15.75 27.80 -13.76
N PRO A 129 -16.80 27.14 -14.29
CA PRO A 129 -17.60 26.30 -13.43
C PRO A 129 -16.94 24.95 -13.24
N PRO A 130 -16.54 24.59 -12.00
CA PRO A 130 -15.78 23.35 -11.85
C PRO A 130 -16.59 22.06 -11.88
N LEU A 131 -15.92 20.98 -12.24
CA LEU A 131 -16.48 19.63 -12.15
C LEU A 131 -16.30 19.12 -10.73
N LYS A 132 -17.06 18.09 -10.38
CA LYS A 132 -16.83 17.38 -9.11
C LYS A 132 -15.76 16.30 -9.32
N VAL A 133 -15.88 15.56 -10.43
CA VAL A 133 -14.95 14.47 -10.81
C VAL A 133 -14.05 14.93 -11.97
N PRO A 134 -12.73 14.65 -11.89
CA PRO A 134 -11.84 15.08 -12.98
C PRO A 134 -12.15 14.38 -14.30
N GLU A 135 -11.90 15.08 -15.40
CA GLU A 135 -12.02 14.50 -16.74
C GLU A 135 -10.70 14.61 -17.48
N ALA A 136 -10.65 14.04 -18.68
CA ALA A 136 -9.40 13.91 -19.42
C ALA A 136 -9.23 14.95 -20.53
N HIS A 137 -7.97 15.35 -20.72
CA HIS A 137 -7.51 15.91 -21.99
C HIS A 137 -6.85 14.74 -22.73
N LEU A 138 -7.52 14.30 -23.78
CA LEU A 138 -7.17 13.07 -24.49
C LEU A 138 -6.04 13.28 -25.47
N PHE A 139 -4.93 12.57 -25.29
CA PHE A 139 -3.82 12.60 -26.25
C PHE A 139 -4.19 11.56 -27.28
N ARG A 140 -4.80 12.02 -28.36
CA ARG A 140 -5.55 11.12 -29.24
C ARG A 140 -4.71 10.04 -29.94
N GLN A 141 -3.46 10.34 -30.27
CA GLN A 141 -2.61 9.28 -30.81
C GLN A 141 -2.58 8.01 -29.94
N ASP A 142 -2.57 8.18 -28.62
CA ASP A 142 -2.47 7.03 -27.72
C ASP A 142 -3.84 6.47 -27.38
N ILE A 143 -4.80 7.36 -27.18
CA ILE A 143 -6.17 6.96 -26.89
C ILE A 143 -6.76 6.15 -28.04
N ASP A 144 -6.62 6.65 -29.26
CA ASP A 144 -7.21 5.99 -30.44
C ASP A 144 -6.55 4.65 -30.74
N TYR A 145 -5.24 4.56 -30.54
CA TYR A 145 -4.54 3.31 -30.82
C TYR A 145 -5.05 2.27 -29.81
N PHE A 146 -5.16 2.65 -28.55
CA PHE A 146 -5.74 1.79 -27.51
C PHE A 146 -7.16 1.32 -27.87
N ALA A 147 -7.98 2.25 -28.35
CA ALA A 147 -9.34 1.93 -28.79
C ALA A 147 -9.32 0.89 -29.91
N LEU A 148 -8.46 1.05 -30.91
CA LEU A 148 -8.36 0.04 -31.95
C LEU A 148 -7.96 -1.32 -31.36
N MET A 149 -7.05 -1.32 -30.40
CA MET A 149 -6.67 -2.57 -29.75
C MET A 149 -7.88 -3.25 -29.08
N ILE A 150 -8.79 -2.46 -28.51
CA ILE A 150 -10.03 -3.06 -27.96
C ILE A 150 -10.76 -3.83 -29.06
N ALA A 151 -10.97 -3.19 -30.20
CA ALA A 151 -11.68 -3.81 -31.32
C ALA A 151 -11.01 -5.09 -31.81
N LEU A 152 -9.69 -5.02 -31.97
CA LEU A 152 -8.92 -6.16 -32.47
C LEU A 152 -9.01 -7.37 -31.53
N LYS A 153 -8.95 -7.08 -30.24
CA LYS A 153 -9.01 -8.14 -29.21
C LYS A 153 -10.40 -8.80 -29.15
N HIS A 154 -11.42 -8.09 -29.60
CA HIS A 154 -12.77 -8.64 -29.70
C HIS A 154 -13.08 -9.28 -31.05
N GLY A 155 -12.11 -9.35 -31.96
CA GLY A 155 -12.29 -10.06 -33.21
C GLY A 155 -12.57 -9.23 -34.45
N ALA A 156 -12.66 -7.90 -34.33
CA ALA A 156 -12.76 -7.04 -35.50
C ALA A 156 -11.48 -7.18 -36.32
N GLU A 157 -11.61 -7.30 -37.64
CA GLU A 157 -10.46 -7.25 -38.55
C GLU A 157 -10.20 -5.81 -38.93
N SER A 158 -8.92 -5.47 -39.11
CA SER A 158 -8.50 -4.13 -39.47
C SER A 158 -7.47 -4.20 -40.59
N ARG A 159 -7.64 -3.37 -41.61
CA ARG A 159 -6.64 -3.16 -42.66
C ARG A 159 -6.35 -1.68 -42.69
N GLN A 160 -5.08 -1.35 -42.41
N GLN A 160 -5.11 -1.30 -42.37
CA GLN A 160 -4.55 0.00 -42.39
CA GLN A 160 -4.69 0.09 -42.41
C GLN A 160 -3.83 0.30 -43.68
C GLN A 160 -3.82 0.32 -43.63
N ASN A 161 -3.60 1.59 -43.94
CA ASN A 161 -2.84 2.05 -45.11
C ASN A 161 -3.38 1.51 -46.44
N ILE A 162 -4.70 1.38 -46.54
CA ILE A 162 -5.34 0.85 -47.76
C ILE A 162 -5.87 1.99 -48.61
N LYS A 163 -6.26 1.68 -49.83
CA LYS A 163 -6.86 2.64 -50.73
C LYS A 163 -8.17 2.05 -51.21
N ILE A 164 -9.27 2.70 -50.86
CA ILE A 164 -10.59 2.30 -51.33
C ILE A 164 -10.76 2.85 -52.73
N GLU A 165 -11.03 1.96 -53.68
CA GLU A 165 -11.22 2.35 -55.09
C GLU A 165 -12.66 2.68 -55.42
N SER A 166 -13.61 1.95 -54.83
CA SER A 166 -15.03 2.29 -54.97
C SER A 166 -15.85 1.61 -53.89
N ILE A 167 -17.01 2.17 -53.61
CA ILE A 167 -17.97 1.61 -52.69
C ILE A 167 -19.30 1.48 -53.44
N SER A 168 -19.76 0.25 -53.62
CA SER A 168 -21.03 0.00 -54.32
C SER A 168 -22.10 -0.34 -53.30
N LEU A 169 -23.24 0.34 -53.41
CA LEU A 169 -24.35 0.12 -52.50
C LEU A 169 -25.45 -0.57 -53.31
N ASN A 170 -25.73 -1.82 -52.98
CA ASN A 170 -26.64 -2.66 -53.78
C ASN A 170 -27.84 -2.98 -52.92
N ASP A 171 -28.88 -3.56 -53.51
CA ASP A 171 -30.02 -4.01 -52.70
C ASP A 171 -29.73 -5.26 -51.85
N ASP A 172 -28.63 -5.97 -52.10
CA ASP A 172 -28.27 -7.14 -51.29
C ASP A 172 -26.96 -6.98 -50.48
N GLY A 173 -26.45 -5.76 -50.38
CA GLY A 173 -25.27 -5.49 -49.57
C GLY A 173 -24.38 -4.41 -50.13
N VAL A 174 -23.15 -4.40 -49.65
CA VAL A 174 -22.19 -3.38 -50.02
C VAL A 174 -20.96 -4.08 -50.56
N GLU A 175 -20.31 -3.46 -51.53
CA GLU A 175 -19.07 -4.02 -52.07
C GLU A 175 -18.01 -2.95 -52.14
N VAL A 176 -16.86 -3.19 -51.52
CA VAL A 176 -15.78 -2.22 -51.48
C VAL A 176 -14.61 -2.82 -52.26
N ALA A 177 -14.18 -2.09 -53.29
CA ALA A 177 -13.01 -2.46 -54.07
C ALA A 177 -11.80 -1.77 -53.45
N LEU A 178 -10.68 -2.50 -53.38
CA LEU A 178 -9.45 -2.04 -52.74
C LEU A 178 -8.29 -2.14 -53.74
N SER A 179 -7.34 -1.19 -53.69
CA SER A 179 -6.16 -1.28 -54.57
C SER A 179 -5.32 -2.48 -54.15
N ASN A 180 -4.88 -3.28 -55.12
CA ASN A 180 -4.01 -4.43 -54.88
C ASN A 180 -4.58 -5.48 -53.89
N ALA A 181 -5.89 -5.71 -53.98
CA ALA A 181 -6.56 -6.75 -53.22
C ALA A 181 -7.93 -7.05 -53.80
N ALA A 182 -8.46 -8.23 -53.49
CA ALA A 182 -9.80 -8.61 -53.92
C ALA A 182 -10.86 -7.75 -53.22
N PRO A 183 -12.03 -7.55 -53.86
CA PRO A 183 -13.07 -6.75 -53.20
C PRO A 183 -13.61 -7.40 -51.94
N VAL A 184 -14.11 -6.59 -51.01
CA VAL A 184 -14.74 -7.12 -49.80
C VAL A 184 -16.20 -6.74 -49.81
N LYS A 185 -17.02 -7.61 -49.22
CA LYS A 185 -18.47 -7.47 -49.24
C LYS A 185 -19.04 -7.50 -47.82
N ALA A 186 -20.11 -6.73 -47.61
CA ALA A 186 -20.78 -6.73 -46.32
C ALA A 186 -22.27 -6.42 -46.47
N ALA A 187 -23.00 -6.62 -45.37
CA ALA A 187 -24.41 -6.26 -45.33
C ALA A 187 -24.62 -4.74 -45.18
N PHE A 188 -23.63 -4.05 -44.62
CA PHE A 188 -23.82 -2.67 -44.16
C PHE A 188 -22.46 -1.97 -44.04
N ILE A 189 -22.44 -0.67 -44.30
CA ILE A 189 -21.19 0.11 -44.20
C ILE A 189 -21.41 1.32 -43.28
N ILE A 190 -20.50 1.50 -42.33
CA ILE A 190 -20.53 2.64 -41.42
C ILE A 190 -19.35 3.54 -41.73
N ASP A 191 -19.63 4.80 -42.02
CA ASP A 191 -18.59 5.78 -42.25
C ASP A 191 -18.22 6.45 -40.93
N ALA A 192 -17.07 6.04 -40.40
CA ALA A 192 -16.54 6.57 -39.14
C ALA A 192 -15.35 7.49 -39.41
N ALA A 193 -15.23 7.98 -40.63
CA ALA A 193 -14.17 8.93 -40.99
C ALA A 193 -14.62 10.36 -40.62
N ALA A 194 -13.83 11.37 -40.97
CA ALA A 194 -14.16 12.73 -40.52
C ALA A 194 -14.54 13.58 -41.74
N GLN A 195 -13.81 14.67 -42.01
CA GLN A 195 -14.09 15.50 -43.17
C GLN A 195 -13.83 14.75 -44.49
N GLY A 196 -12.99 13.71 -44.44
CA GLY A 196 -12.73 12.84 -45.60
C GLY A 196 -13.68 11.67 -45.83
N SER A 197 -14.87 11.71 -45.23
CA SER A 197 -15.93 10.71 -45.45
C SER A 197 -16.13 10.40 -46.96
N PRO A 198 -15.69 9.22 -47.44
CA PRO A 198 -15.82 8.89 -48.87
C PRO A 198 -17.26 8.56 -49.28
N LEU A 199 -18.07 8.10 -48.32
CA LEU A 199 -19.50 7.95 -48.52
C LEU A 199 -20.14 9.30 -48.62
N SER A 200 -19.73 10.24 -47.77
CA SER A 200 -20.30 11.56 -47.84
C SER A 200 -20.05 12.15 -49.22
N ARG A 201 -18.81 12.03 -49.72
CA ARG A 201 -18.48 12.59 -51.04
C ARG A 201 -19.32 11.93 -52.13
N GLN A 202 -19.43 10.60 -52.09
CA GLN A 202 -20.12 9.90 -53.19
C GLN A 202 -21.64 10.00 -53.12
N LEU A 203 -22.19 10.22 -51.93
CA LEU A 203 -23.64 10.26 -51.75
C LEU A 203 -24.26 11.62 -51.93
N GLY A 204 -23.45 12.66 -51.95
CA GLY A 204 -23.93 14.01 -52.18
C GLY A 204 -24.80 14.56 -51.07
N LEU A 205 -24.50 14.20 -49.81
CA LEU A 205 -25.33 14.64 -48.68
C LEU A 205 -24.81 15.87 -47.94
N ARG A 206 -23.54 16.24 -48.13
CA ARG A 206 -22.94 17.33 -47.37
C ARG A 206 -23.21 18.71 -47.98
N THR A 207 -23.41 19.69 -47.09
CA THR A 207 -23.62 21.09 -47.50
C THR A 207 -23.20 22.02 -46.37
N THR A 208 -22.93 23.27 -46.73
CA THR A 208 -22.77 24.35 -45.78
C THR A 208 -23.98 25.28 -45.76
N GLU A 209 -24.99 25.01 -46.60
CA GLU A 209 -26.18 25.85 -46.68
C GLU A 209 -26.86 25.83 -45.32
N GLY A 210 -27.30 27.00 -44.88
CA GLY A 210 -28.08 27.12 -43.66
C GLY A 210 -27.29 27.14 -42.34
N LEU A 211 -25.96 27.04 -42.39
CA LEU A 211 -25.15 27.05 -41.16
C LEU A 211 -24.92 28.47 -40.70
N ALA A 212 -25.18 28.71 -39.41
CA ALA A 212 -24.88 29.99 -38.76
C ALA A 212 -23.41 30.19 -38.43
N THR A 213 -22.67 29.09 -38.23
CA THR A 213 -21.26 29.16 -37.86
C THR A 213 -20.39 29.03 -39.12
N ASP A 214 -19.47 29.98 -39.28
CA ASP A 214 -18.51 30.01 -40.39
C ASP A 214 -17.16 30.34 -39.77
N THR A 215 -16.37 29.30 -39.46
CA THR A 215 -15.14 29.44 -38.74
C THR A 215 -14.02 28.63 -39.34
N CYS A 216 -12.80 29.09 -39.05
CA CYS A 216 -11.57 28.41 -39.44
C CYS A 216 -10.84 28.01 -38.16
N SER A 217 -9.84 27.15 -38.31
CA SER A 217 -9.06 26.66 -37.18
C SER A 217 -7.60 26.45 -37.57
N PHE A 218 -6.71 26.88 -36.67
CA PHE A 218 -5.28 26.60 -36.73
C PHE A 218 -4.93 25.82 -35.46
N PHE A 219 -4.29 24.66 -35.58
CA PHE A 219 -3.97 23.86 -34.40
C PHE A 219 -2.65 23.11 -34.47
N THR A 220 -2.09 22.89 -33.30
CA THR A 220 -0.81 22.20 -33.18
C THR A 220 -0.62 21.73 -31.73
N HIS A 221 0.51 21.08 -31.49
CA HIS A 221 0.95 20.77 -30.15
C HIS A 221 2.29 21.44 -29.87
N MET A 222 2.45 21.93 -28.65
CA MET A 222 3.65 22.69 -28.26
C MET A 222 4.27 22.20 -26.98
N LEU A 223 5.58 22.47 -26.88
CA LEU A 223 6.34 22.28 -25.64
C LEU A 223 6.53 23.59 -24.93
N ASN A 224 6.74 23.49 -23.62
CA ASN A 224 7.06 24.65 -22.77
C ASN A 224 6.02 25.77 -22.81
N VAL A 225 4.74 25.39 -22.88
CA VAL A 225 3.68 26.35 -22.74
C VAL A 225 3.46 26.61 -21.26
N LYS A 226 3.59 27.87 -20.85
CA LYS A 226 3.37 28.25 -19.45
C LYS A 226 1.93 28.08 -18.99
N SER A 227 1.77 27.71 -17.72
CA SER A 227 0.46 27.60 -17.11
C SER A 227 -0.18 28.97 -16.97
N TYR A 228 -1.50 29.02 -16.97
CA TYR A 228 -2.22 30.27 -16.74
C TYR A 228 -1.75 30.94 -15.43
N GLU A 229 -1.60 30.14 -14.38
CA GLU A 229 -1.25 30.68 -13.06
C GLU A 229 0.14 31.32 -13.06
N ASP A 230 1.11 30.71 -13.75
CA ASP A 230 2.47 31.27 -13.89
C ASP A 230 2.55 32.44 -14.86
N ALA A 231 1.76 32.39 -15.93
CA ALA A 231 1.85 33.39 -16.99
C ALA A 231 1.04 34.63 -16.70
N LEU A 232 -0.12 34.47 -16.09
CA LEU A 232 -1.11 35.56 -15.99
C LEU A 232 -1.54 35.91 -14.58
N ALA A 233 -2.05 34.96 -13.80
CA ALA A 233 -2.52 35.28 -12.45
C ALA A 233 -2.71 34.04 -11.63
N PRO A 234 -2.22 34.05 -10.38
CA PRO A 234 -2.38 32.88 -9.51
C PRO A 234 -3.79 32.75 -8.97
N LEU A 235 -4.09 31.63 -8.33
CA LEU A 235 -5.41 31.39 -7.74
C LEU A 235 -5.79 32.44 -6.68
N SER A 236 -4.79 32.92 -5.94
CA SER A 236 -5.00 33.99 -4.94
C SER A 236 -5.50 35.32 -5.54
N ARG A 237 -5.21 35.54 -6.83
CA ARG A 237 -5.71 36.70 -7.55
C ARG A 237 -7.05 36.43 -8.24
N THR A 238 -7.16 35.31 -8.96
CA THR A 238 -8.37 35.03 -9.72
C THR A 238 -9.53 34.59 -8.82
N ARG A 239 -9.21 33.97 -7.69
CA ARG A 239 -10.19 33.34 -6.80
C ARG A 239 -10.92 32.17 -7.47
N SER A 240 -10.34 31.61 -8.53
CA SER A 240 -10.94 30.45 -9.17
C SER A 240 -10.77 29.26 -8.22
N PRO A 241 -11.83 28.45 -8.07
CA PRO A 241 -11.73 27.23 -7.28
C PRO A 241 -10.83 26.14 -7.90
N ILE A 242 -10.47 26.26 -9.18
CA ILE A 242 -9.59 25.30 -9.86
C ILE A 242 -8.48 26.05 -10.55
N GLU A 243 -7.31 25.41 -10.64
CA GLU A 243 -6.22 25.94 -11.46
C GLU A 243 -6.67 25.92 -12.91
N LEU A 244 -6.52 27.04 -13.61
CA LEU A 244 -6.87 27.08 -15.02
C LEU A 244 -5.95 26.17 -15.84
N PHE A 245 -4.72 25.96 -15.33
CA PHE A 245 -3.79 24.97 -15.86
C PHE A 245 -4.41 23.57 -15.93
N LYS A 246 -5.21 23.23 -14.91
CA LYS A 246 -5.95 21.98 -14.83
C LYS A 246 -7.38 22.14 -15.33
N SER A 247 -7.52 22.80 -16.48
CA SER A 247 -8.80 23.03 -17.12
C SER A 247 -8.61 23.13 -18.63
N THR A 248 -9.68 22.99 -19.36
CA THR A 248 -9.70 23.39 -20.76
C THR A 248 -9.91 24.90 -20.80
N LEU A 249 -8.85 25.62 -21.12
CA LEU A 249 -8.85 27.07 -21.05
C LEU A 249 -9.16 27.64 -22.42
N HIS A 250 -10.15 28.54 -22.45
CA HIS A 250 -10.62 29.20 -23.65
C HIS A 250 -10.33 30.68 -23.49
N HIS A 251 -9.41 31.22 -24.30
CA HIS A 251 -9.18 32.65 -24.37
C HIS A 251 -10.08 33.18 -25.46
N ILE A 252 -11.04 34.03 -25.10
CA ILE A 252 -12.08 34.46 -26.02
C ILE A 252 -11.94 35.96 -26.29
N PHE A 253 -12.31 36.36 -27.50
CA PHE A 253 -12.23 37.75 -27.91
C PHE A 253 -13.18 37.92 -29.07
N GLU A 254 -13.40 39.15 -29.51
CA GLU A 254 -14.52 39.43 -30.42
C GLU A 254 -14.58 38.55 -31.68
N GLU A 255 -13.44 38.29 -32.30
CA GLU A 255 -13.37 37.63 -33.62
C GLU A 255 -13.06 36.14 -33.55
N GLY A 256 -12.89 35.60 -32.36
CA GLY A 256 -12.43 34.24 -32.23
C GLY A 256 -12.05 33.79 -30.85
N TRP A 257 -11.35 32.67 -30.80
CA TRP A 257 -10.88 32.13 -29.54
C TRP A 257 -9.69 31.21 -29.72
N LEU A 258 -8.98 30.99 -28.62
CA LEU A 258 -7.81 30.11 -28.59
C LEU A 258 -7.92 29.17 -27.38
N TRP A 259 -7.58 27.91 -27.59
CA TRP A 259 -7.56 26.92 -26.52
C TRP A 259 -6.15 26.65 -26.03
N VAL A 260 -6.05 26.40 -24.72
CA VAL A 260 -4.86 25.88 -24.07
C VAL A 260 -5.30 24.62 -23.33
N ILE A 261 -4.84 23.47 -23.83
CA ILE A 261 -5.27 22.16 -23.38
C ILE A 261 -4.01 21.37 -23.05
N PRO A 262 -3.53 21.47 -21.79
CA PRO A 262 -2.29 20.77 -21.45
C PRO A 262 -2.44 19.27 -21.33
N PHE A 263 -1.43 18.53 -21.79
CA PHE A 263 -1.27 17.12 -21.42
C PHE A 263 -0.27 16.94 -20.28
N ASN A 264 0.36 18.02 -19.85
CA ASN A 264 1.46 17.99 -18.87
C ASN A 264 1.07 18.53 -17.47
N ASN A 265 -0.21 18.42 -17.14
CA ASN A 265 -0.78 19.00 -15.92
C ASN A 265 -1.27 17.96 -14.92
N HIS A 266 -0.96 16.68 -15.18
CA HIS A 266 -1.38 15.57 -14.34
C HIS A 266 -0.17 15.16 -13.50
N PRO A 267 -0.34 15.03 -12.17
CA PRO A 267 0.85 14.72 -11.35
C PRO A 267 1.53 13.38 -11.68
N GLN A 268 0.78 12.37 -12.10
CA GLN A 268 1.34 11.12 -12.66
C GLN A 268 1.48 10.99 -14.21
N GLY A 269 1.28 12.09 -14.93
CA GLY A 269 1.42 12.12 -16.38
C GLY A 269 2.87 12.30 -16.80
N THR A 270 3.21 11.82 -17.98
CA THR A 270 4.54 12.03 -18.55
C THR A 270 4.55 12.84 -19.83
N ASN A 271 3.39 13.20 -20.36
CA ASN A 271 3.36 13.92 -21.62
C ASN A 271 3.84 15.34 -21.38
N GLN A 272 4.72 15.86 -22.24
CA GLN A 272 5.25 17.23 -22.11
C GLN A 272 4.47 18.28 -22.89
N LEU A 273 3.54 17.85 -23.73
CA LEU A 273 2.93 18.73 -24.70
C LEU A 273 1.69 19.41 -24.18
N CYS A 274 1.34 20.47 -24.88
CA CYS A 274 0.12 21.20 -24.71
C CYS A 274 -0.52 21.45 -26.08
N SER A 275 -1.80 21.15 -26.17
CA SER A 275 -2.52 21.40 -27.41
C SER A 275 -2.95 22.84 -27.49
N ILE A 276 -2.76 23.44 -28.67
CA ILE A 276 -3.07 24.85 -28.91
C ILE A 276 -3.85 24.93 -30.22
N GLY A 277 -5.02 25.57 -30.19
CA GLY A 277 -5.81 25.78 -31.40
C GLY A 277 -6.41 27.16 -31.37
N PHE A 278 -6.34 27.90 -32.45
CA PHE A 278 -7.05 29.19 -32.51
C PHE A 278 -7.98 29.26 -33.70
N GLN A 279 -9.15 29.84 -33.45
CA GLN A 279 -10.27 29.81 -34.38
C GLN A 279 -10.73 31.23 -34.63
N PHE A 280 -11.07 31.53 -35.88
CA PHE A 280 -11.69 32.80 -36.23
C PHE A 280 -13.09 32.64 -36.81
N ASN A 281 -13.97 33.52 -36.39
CA ASN A 281 -15.22 33.78 -37.06
C ASN A 281 -14.89 34.46 -38.39
N ASN A 282 -15.09 33.74 -39.50
CA ASN A 282 -14.70 34.24 -40.83
C ASN A 282 -15.52 35.46 -41.27
N ALA A 283 -16.69 35.64 -40.66
CA ALA A 283 -17.47 36.87 -40.85
C ALA A 283 -16.81 38.11 -40.24
N LYS A 284 -15.91 37.93 -39.28
CA LYS A 284 -15.22 39.06 -38.63
C LYS A 284 -13.74 39.18 -38.94
N TYR A 285 -13.03 38.08 -39.17
CA TYR A 285 -11.62 38.14 -39.55
C TYR A 285 -11.28 36.93 -40.39
N ARG A 286 -10.70 37.16 -41.56
CA ARG A 286 -10.18 36.09 -42.41
C ARG A 286 -8.66 36.13 -42.41
N PRO A 287 -8.00 35.06 -41.96
CA PRO A 287 -6.55 35.08 -42.00
C PRO A 287 -6.03 35.09 -43.44
N THR A 288 -4.87 35.72 -43.64
CA THR A 288 -4.26 35.83 -44.97
C THR A 288 -2.86 35.26 -45.08
N GLU A 289 -2.18 35.01 -43.96
CA GLU A 289 -0.76 34.66 -43.99
C GLU A 289 -0.54 33.27 -43.41
N ALA A 290 0.72 32.82 -43.41
CA ALA A 290 1.06 31.48 -42.95
C ALA A 290 0.65 31.29 -41.47
N PRO A 291 0.36 30.04 -41.08
CA PRO A 291 -0.10 29.82 -39.69
C PRO A 291 0.77 30.46 -38.60
N GLU A 292 2.10 30.29 -38.67
CA GLU A 292 2.96 30.91 -37.64
C GLU A 292 2.88 32.45 -37.63
N ILE A 293 2.70 33.07 -38.79
CA ILE A 293 2.55 34.53 -38.88
C ILE A 293 1.20 34.95 -38.27
N GLU A 294 0.15 34.23 -38.58
CA GLU A 294 -1.16 34.49 -37.98
C GLU A 294 -1.12 34.33 -36.46
N PHE A 295 -0.39 33.32 -35.98
CA PHE A 295 -0.22 33.10 -34.54
C PHE A 295 0.45 34.31 -33.89
N ARG A 296 1.55 34.77 -34.47
CA ARG A 296 2.26 35.94 -33.94
C ARG A 296 1.41 37.20 -33.98
N LYS A 297 0.64 37.41 -35.05
CA LYS A 297 -0.30 38.54 -35.11
C LYS A 297 -1.34 38.49 -33.98
N LEU A 298 -1.86 37.30 -33.71
CA LEU A 298 -2.81 37.10 -32.62
C LEU A 298 -2.20 37.50 -31.28
N LEU A 299 -0.96 37.05 -31.03
CA LEU A 299 -0.28 37.31 -29.77
C LEU A 299 0.05 38.81 -29.58
N LYS A 300 0.32 39.51 -30.68
CA LYS A 300 0.55 40.96 -30.67
C LYS A 300 -0.76 41.69 -30.35
N LYS A 301 -1.86 41.22 -30.93
CA LYS A 301 -3.20 41.74 -30.65
C LYS A 301 -3.61 41.54 -29.19
N TYR A 302 -3.25 40.38 -28.63
CA TYR A 302 -3.65 39.95 -27.28
C TYR A 302 -2.43 39.52 -26.46
N PRO A 303 -1.61 40.49 -26.00
CA PRO A 303 -0.38 40.16 -25.27
C PRO A 303 -0.57 39.28 -24.04
N ALA A 304 -1.73 39.38 -23.39
CA ALA A 304 -2.04 38.48 -22.28
C ALA A 304 -1.94 37.02 -22.71
N ILE A 305 -2.56 36.69 -23.84
CA ILE A 305 -2.48 35.34 -24.40
C ILE A 305 -1.01 34.97 -24.67
N GLY A 306 -0.26 35.94 -25.21
CA GLY A 306 1.17 35.79 -25.47
C GLY A 306 2.02 35.39 -24.27
N GLU A 307 1.58 35.73 -23.06
CA GLU A 307 2.31 35.33 -21.85
C GLU A 307 2.47 33.80 -21.69
N HIS A 308 1.61 33.01 -22.34
CA HIS A 308 1.79 31.56 -22.32
C HIS A 308 2.98 31.07 -23.10
N PHE A 309 3.43 31.84 -24.09
CA PHE A 309 4.24 31.32 -25.18
C PHE A 309 5.66 31.87 -25.28
N LYS A 310 6.12 32.61 -24.27
CA LYS A 310 7.42 33.28 -24.33
C LYS A 310 8.57 32.32 -24.56
N ASP A 311 8.50 31.15 -23.91
CA ASP A 311 9.50 30.11 -24.07
C ASP A 311 9.00 28.88 -24.81
N ALA A 312 7.82 28.96 -25.44
CA ALA A 312 7.19 27.79 -26.08
C ALA A 312 7.84 27.48 -27.42
N VAL A 313 7.85 26.21 -27.79
CA VAL A 313 8.24 25.82 -29.15
C VAL A 313 7.22 24.85 -29.72
N ASN A 314 6.98 24.99 -31.00
CA ASN A 314 6.05 24.16 -31.72
C ASN A 314 6.67 22.78 -31.88
N ALA A 315 5.89 21.73 -31.60
CA ALA A 315 6.36 20.34 -31.69
C ALA A 315 5.83 19.61 -32.92
N ARG A 316 4.99 20.27 -33.70
CA ARG A 316 4.45 19.75 -34.96
C ARG A 316 4.33 20.92 -35.94
N GLU A 317 4.01 20.61 -37.19
CA GLU A 317 3.57 21.64 -38.12
C GLU A 317 2.16 22.07 -37.76
N TRP A 318 1.89 23.37 -37.84
CA TRP A 318 0.52 23.88 -37.77
C TRP A 318 -0.33 23.25 -38.87
N ILE A 319 -1.58 22.97 -38.55
CA ILE A 319 -2.58 22.61 -39.55
C ILE A 319 -3.57 23.75 -39.60
N TYR A 320 -3.92 24.19 -40.81
CA TYR A 320 -4.94 25.21 -41.02
C TYR A 320 -6.10 24.60 -41.77
N ALA A 321 -7.32 24.80 -41.27
CA ALA A 321 -8.54 24.43 -41.97
C ALA A 321 -9.35 25.72 -42.20
N PRO A 322 -9.52 26.14 -43.47
CA PRO A 322 -10.21 27.42 -43.73
C PRO A 322 -11.71 27.48 -43.41
N ARG A 323 -12.38 26.33 -43.49
CA ARG A 323 -13.75 26.24 -43.04
C ARG A 323 -14.09 24.87 -42.45
N ILE A 324 -14.35 24.87 -41.16
CA ILE A 324 -14.52 23.63 -40.43
C ILE A 324 -15.96 23.14 -40.30
N ASN A 325 -16.92 23.94 -40.76
CA ASN A 325 -18.33 23.69 -40.50
C ASN A 325 -19.02 23.04 -41.68
N TYR A 326 -19.83 22.03 -41.42
CA TYR A 326 -20.64 21.38 -42.45
C TYR A 326 -21.75 20.60 -41.79
N ARG A 327 -22.79 20.33 -42.55
CA ARG A 327 -23.89 19.47 -42.12
C ARG A 327 -24.28 18.57 -43.28
N SER A 328 -25.21 17.67 -43.03
CA SER A 328 -25.73 16.78 -44.07
C SER A 328 -27.24 16.75 -44.06
N VAL A 329 -27.82 16.54 -45.24
CA VAL A 329 -29.27 16.52 -45.39
C VAL A 329 -29.88 15.18 -44.94
N GLN A 330 -29.09 14.11 -45.03
CA GLN A 330 -29.46 12.77 -44.55
C GLN A 330 -28.15 12.10 -44.15
N ASN A 331 -28.24 11.05 -43.34
CA ASN A 331 -27.04 10.27 -43.04
C ASN A 331 -27.22 8.79 -42.84
N VAL A 332 -28.40 8.25 -43.14
CA VAL A 332 -28.62 6.82 -43.11
C VAL A 332 -29.33 6.42 -44.39
N GLY A 333 -29.10 5.17 -44.81
CA GLY A 333 -29.85 4.55 -45.90
C GLY A 333 -30.12 3.11 -45.56
N ASP A 334 -30.63 2.35 -46.53
CA ASP A 334 -30.85 0.92 -46.37
C ASP A 334 -29.55 0.22 -45.93
N ARG A 335 -28.44 0.61 -46.56
CA ARG A 335 -27.17 -0.12 -46.41
C ARG A 335 -25.99 0.70 -45.86
N PHE A 336 -26.26 1.88 -45.31
CA PHE A 336 -25.18 2.69 -44.76
C PHE A 336 -25.64 3.57 -43.62
N CYS A 337 -24.66 3.99 -42.82
CA CYS A 337 -24.84 5.05 -41.85
C CYS A 337 -23.55 5.84 -41.80
N LEU A 338 -23.68 7.17 -41.80
CA LEU A 338 -22.58 8.07 -41.53
C LEU A 338 -22.62 8.38 -40.04
N LEU A 339 -21.49 8.15 -39.37
CA LEU A 339 -21.37 8.60 -37.99
C LEU A 339 -21.24 10.14 -37.96
N PRO A 340 -21.34 10.75 -36.77
CA PRO A 340 -21.43 12.22 -36.73
C PRO A 340 -20.32 13.00 -37.41
N GLN A 341 -19.05 12.66 -37.24
CA GLN A 341 -17.99 13.40 -37.93
C GLN A 341 -18.12 13.40 -39.46
N ALA A 342 -18.58 12.28 -40.01
CA ALA A 342 -18.84 12.16 -41.43
C ALA A 342 -20.09 12.95 -41.87
N THR A 343 -20.98 13.28 -40.93
CA THR A 343 -22.26 13.93 -41.18
C THR A 343 -22.21 15.43 -41.03
N GLY A 344 -21.67 15.87 -39.89
CA GLY A 344 -21.62 17.29 -39.61
C GLY A 344 -20.63 17.64 -38.53
N PHE A 345 -20.07 18.84 -38.63
CA PHE A 345 -19.21 19.38 -37.58
C PHE A 345 -19.39 20.88 -37.49
N ILE A 346 -19.31 21.43 -36.28
CA ILE A 346 -19.52 22.87 -36.10
C ILE A 346 -18.25 23.57 -35.65
N ASP A 347 -17.73 23.22 -34.49
CA ASP A 347 -16.57 23.93 -33.95
C ASP A 347 -16.01 23.15 -32.77
N PRO A 348 -14.71 23.32 -32.48
CA PRO A 348 -14.20 22.74 -31.24
C PRO A 348 -14.82 23.28 -29.95
N LEU A 349 -15.44 24.47 -30.04
CA LEU A 349 -15.97 25.16 -28.86
C LEU A 349 -17.03 24.34 -28.14
N PHE A 350 -16.76 24.05 -26.88
CA PHE A 350 -17.60 23.20 -26.02
C PHE A 350 -17.48 21.71 -26.28
N SER A 351 -16.64 21.31 -27.23
CA SER A 351 -16.29 19.92 -27.43
C SER A 351 -17.54 19.01 -27.59
N ARG A 352 -18.50 19.47 -28.39
CA ARG A 352 -19.73 18.73 -28.62
C ARG A 352 -19.56 17.54 -29.58
N GLY A 353 -18.52 17.59 -30.43
CA GLY A 353 -18.27 16.52 -31.41
C GLY A 353 -18.14 15.13 -30.80
N LEU A 354 -17.30 15.00 -29.78
CA LEU A 354 -17.15 13.72 -29.10
C LEU A 354 -18.44 13.21 -28.49
N ILE A 355 -19.23 14.14 -27.96
CA ILE A 355 -20.49 13.79 -27.34
C ILE A 355 -21.42 13.20 -28.39
N THR A 356 -21.61 13.92 -29.49
CA THR A 356 -22.51 13.47 -30.55
C THR A 356 -22.05 12.12 -31.09
N THR A 357 -20.74 11.98 -31.29
CA THR A 357 -20.15 10.71 -31.74
C THR A 357 -20.49 9.51 -30.86
N PHE A 358 -20.22 9.60 -29.55
CA PHE A 358 -20.42 8.44 -28.69
C PHE A 358 -21.90 8.13 -28.54
N GLU A 359 -22.74 9.16 -28.51
CA GLU A 359 -24.19 8.92 -28.40
C GLU A 359 -24.70 8.26 -29.67
N SER A 360 -24.19 8.68 -30.82
CA SER A 360 -24.63 8.10 -32.10
C SER A 360 -24.27 6.61 -32.19
N ILE A 361 -23.08 6.26 -31.70
CA ILE A 361 -22.66 4.85 -31.68
C ILE A 361 -23.61 4.04 -30.80
N LEU A 362 -23.92 4.61 -29.64
CA LEU A 362 -24.79 3.98 -28.67
C LEU A 362 -26.20 3.74 -29.20
N ARG A 363 -26.71 4.68 -30.00
CA ARG A 363 -28.00 4.54 -30.64
C ARG A 363 -27.97 3.59 -31.84
N LEU A 364 -26.92 3.67 -32.65
CA LEU A 364 -26.81 2.88 -33.89
C LEU A 364 -26.57 1.38 -33.66
N ALA A 365 -25.68 1.04 -32.74
CA ALA A 365 -25.15 -0.33 -32.64
C ALA A 365 -26.26 -1.37 -32.37
N PRO A 366 -27.20 -1.09 -31.45
CA PRO A 366 -28.31 -2.04 -31.23
C PRO A 366 -29.17 -2.24 -32.47
N LYS A 367 -29.31 -1.19 -33.28
CA LYS A 367 -30.11 -1.28 -34.50
C LYS A 367 -29.40 -2.09 -35.57
N VAL A 368 -28.08 -1.94 -35.66
CA VAL A 368 -27.30 -2.74 -36.63
C VAL A 368 -27.37 -4.22 -36.24
N LEU A 369 -27.27 -4.50 -34.93
CA LEU A 369 -27.40 -5.87 -34.43
C LEU A 369 -28.77 -6.46 -34.74
N ASP A 370 -29.83 -5.69 -34.52
CA ASP A 370 -31.19 -6.15 -34.86
C ASP A 370 -31.30 -6.43 -36.37
N ALA A 371 -30.78 -5.52 -37.19
CA ALA A 371 -30.80 -5.68 -38.64
C ALA A 371 -30.08 -6.96 -39.09
N ALA A 372 -28.89 -7.17 -38.54
CA ALA A 372 -28.07 -8.36 -38.86
C ALA A 372 -28.71 -9.67 -38.40
N ARG A 373 -29.47 -9.60 -37.31
CA ARG A 373 -30.17 -10.78 -36.78
C ARG A 373 -31.48 -11.08 -37.49
N SER A 374 -32.14 -10.06 -38.01
CA SER A 374 -33.39 -10.22 -38.72
C SER A 374 -33.18 -10.25 -40.24
N ASN A 375 -31.97 -9.94 -40.70
CA ASN A 375 -31.66 -9.74 -42.12
C ASN A 375 -32.63 -8.78 -42.81
N ARG A 376 -32.89 -7.65 -42.15
CA ARG A 376 -33.70 -6.58 -42.71
C ARG A 376 -32.86 -5.33 -42.72
N TRP A 377 -32.71 -4.73 -43.89
CA TRP A 377 -31.85 -3.57 -44.07
C TRP A 377 -32.61 -2.48 -44.82
N GLN A 378 -33.31 -1.66 -44.05
CA GLN A 378 -34.13 -0.57 -44.59
C GLN A 378 -33.84 0.72 -43.84
N ARG A 379 -33.80 1.82 -44.58
CA ARG A 379 -33.54 3.15 -44.03
C ARG A 379 -34.35 3.45 -42.77
N GLU A 380 -35.64 3.12 -42.80
CA GLU A 380 -36.53 3.47 -41.69
C GLU A 380 -36.10 2.86 -40.34
N GLN A 381 -35.40 1.72 -40.37
CA GLN A 381 -34.88 1.11 -39.14
C GLN A 381 -33.87 2.02 -38.44
N PHE A 382 -33.21 2.88 -39.20
CA PHE A 382 -32.14 3.73 -38.64
C PHE A 382 -32.54 5.20 -38.51
N ILE A 383 -33.83 5.49 -38.68
CA ILE A 383 -34.27 6.88 -38.78
C ILE A 383 -33.99 7.68 -37.50
N GLU A 384 -34.07 7.05 -36.35
CA GLU A 384 -33.80 7.75 -35.09
C GLU A 384 -32.30 8.07 -34.91
N VAL A 385 -31.44 7.31 -35.57
CA VAL A 385 -30.02 7.65 -35.60
C VAL A 385 -29.83 8.98 -36.35
N GLU A 386 -30.48 9.10 -37.51
CA GLU A 386 -30.44 10.34 -38.27
C GLU A 386 -31.06 11.52 -37.51
N ARG A 387 -32.22 11.29 -36.91
CA ARG A 387 -32.89 12.33 -36.15
C ARG A 387 -32.00 12.88 -35.03
N HIS A 388 -31.42 11.99 -34.24
CA HIS A 388 -30.44 12.42 -33.24
C HIS A 388 -29.28 13.22 -33.86
N CYS A 389 -28.64 12.69 -34.89
CA CYS A 389 -27.42 13.31 -35.41
C CYS A 389 -27.68 14.68 -36.03
N LEU A 390 -28.71 14.76 -36.86
CA LEU A 390 -29.02 16.03 -37.54
C LEU A 390 -29.49 17.09 -36.51
N ASN A 391 -30.30 16.68 -35.54
CA ASN A 391 -30.71 17.61 -34.46
C ASN A 391 -29.52 18.05 -33.64
N ALA A 392 -28.59 17.14 -33.35
CA ALA A 392 -27.38 17.48 -32.59
C ALA A 392 -26.49 18.52 -33.28
N VAL A 393 -26.30 18.36 -34.59
CA VAL A 393 -25.52 19.31 -35.38
C VAL A 393 -26.23 20.68 -35.43
N ALA A 394 -27.54 20.66 -35.61
CA ALA A 394 -28.33 21.90 -35.60
C ALA A 394 -28.22 22.62 -34.25
N THR A 395 -28.39 21.88 -33.16
CA THR A 395 -28.24 22.46 -31.82
C THR A 395 -26.83 23.00 -31.61
N ASN A 396 -25.85 22.22 -32.02
CA ASN A 396 -24.44 22.59 -31.91
C ASN A 396 -24.17 23.91 -32.68
N ASP A 397 -24.79 24.04 -33.85
CA ASP A 397 -24.66 25.26 -34.68
C ASP A 397 -25.23 26.49 -33.97
N GLN A 398 -26.42 26.31 -33.37
N GLN A 398 -26.40 26.37 -33.35
CA GLN A 398 -27.13 27.32 -32.59
CA GLN A 398 -26.99 27.49 -32.60
C GLN A 398 -26.32 27.76 -31.33
C GLN A 398 -26.14 27.81 -31.37
N LEU A 399 -25.77 26.77 -30.61
CA LEU A 399 -24.94 26.99 -29.43
C LEU A 399 -23.67 27.77 -29.75
N VAL A 400 -22.98 27.34 -30.80
CA VAL A 400 -21.66 27.87 -31.11
C VAL A 400 -21.79 29.25 -31.76
N SER A 401 -22.67 29.40 -32.74
CA SER A 401 -22.84 30.70 -33.39
C SER A 401 -23.23 31.77 -32.36
N CYS A 402 -24.17 31.46 -31.48
CA CYS A 402 -24.56 32.42 -30.44
C CYS A 402 -23.41 32.71 -29.46
N SER A 403 -22.57 31.70 -29.18
CA SER A 403 -21.40 31.90 -28.34
C SER A 403 -20.39 32.86 -28.96
N TYR A 404 -20.09 32.68 -30.24
CA TYR A 404 -19.16 33.56 -30.92
C TYR A 404 -19.65 35.04 -30.88
N GLU A 405 -20.97 35.27 -30.91
CA GLU A 405 -21.49 36.63 -30.76
C GLU A 405 -21.30 37.12 -29.32
N ALA A 406 -21.52 36.23 -28.35
CA ALA A 406 -21.29 36.56 -26.95
C ALA A 406 -19.83 36.84 -26.61
N PHE A 407 -18.88 36.42 -27.45
CA PHE A 407 -17.47 36.78 -27.26
C PHE A 407 -17.20 38.29 -27.29
N SER A 408 -18.14 39.11 -27.78
CA SER A 408 -17.92 40.57 -27.92
C SER A 408 -17.72 41.33 -26.61
N ASP A 409 -18.13 40.76 -25.48
CA ASP A 409 -18.13 41.49 -24.20
C ASP A 409 -18.09 40.50 -23.04
N PHE A 410 -17.26 40.75 -22.03
CA PHE A 410 -17.16 39.79 -20.95
C PHE A 410 -18.46 39.62 -20.18
N HIS A 411 -19.12 40.73 -19.81
CA HIS A 411 -20.38 40.61 -19.04
C HIS A 411 -21.41 39.79 -19.83
N LEU A 412 -21.51 40.05 -21.13
CA LEU A 412 -22.40 39.28 -22.00
C LEU A 412 -22.01 37.81 -22.00
N TRP A 413 -20.71 37.53 -22.13
CA TRP A 413 -20.24 36.15 -22.07
C TRP A 413 -20.64 35.51 -20.73
N ASN A 414 -20.41 36.22 -19.64
CA ASN A 414 -20.72 35.69 -18.31
C ASN A 414 -22.18 35.30 -18.22
N VAL A 415 -23.09 36.17 -18.67
CA VAL A 415 -24.52 35.83 -18.64
C VAL A 415 -24.79 34.63 -19.58
N TRP A 416 -24.28 34.74 -20.81
CA TRP A 416 -24.51 33.70 -21.82
C TRP A 416 -24.04 32.29 -21.40
N HIS A 417 -22.89 32.18 -20.77
CA HIS A 417 -22.32 30.86 -20.47
C HIS A 417 -23.23 30.02 -19.57
N ARG A 418 -24.08 30.68 -18.78
CA ARG A 418 -25.05 30.00 -17.93
C ARG A 418 -26.15 29.29 -18.72
N VAL A 419 -26.43 29.74 -19.94
CA VAL A 419 -27.37 29.05 -20.85
C VAL A 419 -26.77 27.70 -21.27
N TRP A 420 -25.53 27.71 -21.73
CA TRP A 420 -24.80 26.47 -22.01
C TRP A 420 -24.69 25.59 -20.75
N LEU A 421 -24.24 26.18 -19.65
CA LEU A 421 -23.95 25.37 -18.46
C LEU A 421 -25.19 24.66 -17.93
N SER A 422 -26.29 25.38 -17.78
CA SER A 422 -27.51 24.79 -17.26
C SER A 422 -28.02 23.65 -18.14
N GLY A 423 -27.92 23.81 -19.45
CA GLY A 423 -28.30 22.75 -20.38
C GLY A 423 -27.41 21.53 -20.29
N SER A 424 -26.10 21.76 -20.35
CA SER A 424 -25.14 20.68 -20.19
C SER A 424 -25.32 19.93 -18.87
N ASN A 425 -25.52 20.68 -17.78
CA ASN A 425 -25.74 20.06 -16.47
C ASN A 425 -26.98 19.16 -16.47
N LEU A 426 -28.06 19.59 -17.11
CA LEU A 426 -29.29 18.78 -17.24
C LEU A 426 -29.05 17.51 -18.08
N GLY A 427 -28.36 17.65 -19.21
CA GLY A 427 -28.07 16.48 -20.06
C GLY A 427 -27.18 15.47 -19.37
N SER A 428 -26.15 15.96 -18.71
CA SER A 428 -25.25 15.11 -17.93
C SER A 428 -26.01 14.34 -16.85
N ALA A 429 -26.86 15.03 -16.10
CA ALA A 429 -27.68 14.39 -15.07
C ALA A 429 -28.58 13.32 -15.68
N PHE A 430 -29.17 13.61 -16.84
CA PHE A 430 -30.03 12.64 -17.53
C PHE A 430 -29.26 11.37 -17.90
N LEU A 431 -28.09 11.54 -18.48
CA LEU A 431 -27.24 10.40 -18.84
C LEU A 431 -26.79 9.62 -17.60
N GLN A 432 -26.45 10.33 -16.53
CA GLN A 432 -26.04 9.69 -15.28
C GLN A 432 -27.13 8.75 -14.75
N LYS A 433 -28.38 9.21 -14.82
CA LYS A 433 -29.56 8.42 -14.42
C LYS A 433 -29.76 7.17 -15.28
N LEU A 434 -29.64 7.32 -16.60
CA LEU A 434 -29.71 6.19 -17.54
C LEU A 434 -28.67 5.12 -17.19
N LEU A 435 -27.46 5.56 -16.88
CA LEU A 435 -26.36 4.66 -16.52
C LEU A 435 -26.67 3.94 -15.21
N HIS A 436 -27.09 4.70 -14.19
CA HIS A 436 -27.50 4.09 -12.92
C HIS A 436 -28.56 3.00 -13.12
N ASP A 437 -29.60 3.28 -13.90
CA ASP A 437 -30.66 2.29 -14.17
C ASP A 437 -30.12 1.06 -14.90
N LEU A 438 -29.27 1.28 -15.91
CA LEU A 438 -28.65 0.18 -16.64
C LEU A 438 -27.71 -0.66 -15.76
N GLU A 439 -26.91 -0.01 -14.91
CA GLU A 439 -25.93 -0.73 -14.07
C GLU A 439 -26.62 -1.73 -13.15
N HIS A 440 -27.72 -1.29 -12.55
CA HIS A 440 -28.45 -2.08 -11.58
C HIS A 440 -29.50 -3.04 -12.14
N SER A 441 -30.15 -2.66 -13.24
CA SER A 441 -31.17 -3.53 -13.85
C SER A 441 -30.56 -4.56 -14.79
N GLY A 442 -29.38 -4.28 -15.34
CA GLY A 442 -28.84 -5.04 -16.47
C GLY A 442 -29.68 -5.03 -17.74
N ASP A 443 -30.68 -4.16 -17.82
CA ASP A 443 -31.71 -4.24 -18.87
C ASP A 443 -31.36 -3.34 -20.07
N ALA A 444 -30.65 -3.92 -21.03
CA ALA A 444 -30.23 -3.23 -22.24
C ALA A 444 -31.40 -2.68 -23.07
N ARG A 445 -32.47 -3.46 -23.24
CA ARG A 445 -33.58 -3.02 -24.07
C ARG A 445 -34.29 -1.80 -23.46
N GLN A 446 -34.43 -1.82 -22.15
CA GLN A 446 -35.01 -0.69 -21.43
C GLN A 446 -34.16 0.57 -21.63
N PHE A 447 -32.84 0.44 -21.49
CA PHE A 447 -31.94 1.56 -21.73
C PHE A 447 -32.09 2.13 -23.15
N ASP A 448 -32.03 1.25 -24.16
CA ASP A 448 -32.11 1.71 -25.57
C ASP A 448 -33.40 2.47 -25.80
N ALA A 449 -34.51 1.95 -25.24
CA ALA A 449 -35.81 2.58 -25.44
C ALA A 449 -35.90 3.91 -24.68
N ALA A 450 -35.32 3.96 -23.48
CA ALA A 450 -35.31 5.21 -22.70
C ALA A 450 -34.52 6.33 -23.39
N LEU A 451 -33.36 5.99 -23.96
CA LEU A 451 -32.58 6.97 -24.72
C LEU A 451 -33.34 7.43 -25.96
N GLU A 452 -34.01 6.50 -26.64
CA GLU A 452 -34.74 6.87 -27.84
C GLU A 452 -35.99 7.68 -27.54
N ALA A 453 -36.58 7.48 -26.37
CA ALA A 453 -37.82 8.19 -26.01
C ALA A 453 -37.62 9.62 -25.49
N VAL A 454 -36.39 10.12 -25.42
CA VAL A 454 -36.18 11.48 -24.94
C VAL A 454 -36.92 12.47 -25.85
N ARG A 455 -37.45 13.53 -25.26
CA ARG A 455 -38.28 14.47 -26.03
C ARG A 455 -37.47 15.36 -26.98
N PHE A 456 -36.19 15.59 -26.68
CA PHE A 456 -35.34 16.50 -27.47
C PHE A 456 -33.99 15.86 -27.81
N PRO A 457 -34.01 14.77 -28.60
CA PRO A 457 -32.74 14.16 -28.99
C PRO A 457 -31.86 15.17 -29.72
N GLY A 458 -30.58 15.21 -29.35
CA GLY A 458 -29.63 16.15 -29.95
C GLY A 458 -29.54 17.49 -29.23
N CYS A 459 -30.45 17.76 -28.31
CA CYS A 459 -30.46 19.02 -27.58
C CYS A 459 -29.72 18.84 -26.26
N LEU A 460 -29.23 19.95 -25.70
CA LEU A 460 -28.32 19.88 -24.56
C LEU A 460 -28.91 19.18 -23.33
N SER A 461 -30.19 19.41 -23.06
CA SER A 461 -30.87 18.79 -21.89
C SER A 461 -31.35 17.37 -22.14
N LEU A 462 -31.45 16.98 -23.42
CA LEU A 462 -32.09 15.73 -23.87
C LEU A 462 -33.60 15.67 -23.65
N ASP A 463 -34.09 16.06 -22.48
CA ASP A 463 -35.48 15.81 -22.12
C ASP A 463 -36.22 16.88 -21.31
N SER A 464 -35.69 18.10 -21.21
CA SER A 464 -36.31 19.16 -20.39
C SER A 464 -37.03 20.22 -21.24
N PRO A 465 -38.38 20.22 -21.28
CA PRO A 465 -39.01 21.28 -22.07
C PRO A 465 -38.69 22.70 -21.58
N ALA A 466 -38.56 22.89 -20.27
CA ALA A 466 -38.23 24.19 -19.73
C ALA A 466 -36.84 24.65 -20.19
N TYR A 467 -35.84 23.76 -20.13
CA TYR A 467 -34.52 24.15 -20.60
C TYR A 467 -34.54 24.49 -22.10
N GLU A 468 -35.19 23.67 -22.90
CA GLU A 468 -35.17 23.89 -24.34
C GLU A 468 -35.90 25.18 -24.74
N SER A 469 -36.87 25.58 -23.92
CA SER A 469 -37.48 26.92 -24.02
C SER A 469 -36.46 28.03 -23.74
N LEU A 470 -35.67 27.88 -22.67
CA LEU A 470 -34.60 28.83 -22.37
C LEU A 470 -33.59 28.90 -23.52
N PHE A 471 -33.16 27.73 -24.01
CA PHE A 471 -32.17 27.71 -25.07
C PHE A 471 -32.68 28.39 -26.35
N ARG A 472 -33.89 28.02 -26.79
CA ARG A 472 -34.50 28.59 -27.98
C ARG A 472 -34.60 30.13 -27.89
N GLN A 473 -35.16 30.62 -26.78
CA GLN A 473 -35.34 32.05 -26.59
C GLN A 473 -34.02 32.81 -26.44
N SER A 474 -33.06 32.23 -25.72
CA SER A 474 -31.73 32.83 -25.59
C SER A 474 -30.98 32.94 -26.92
N CYS A 475 -31.06 31.91 -27.76
CA CYS A 475 -30.47 31.97 -29.10
C CYS A 475 -31.13 33.03 -29.98
N GLN A 476 -32.46 33.16 -29.87
CA GLN A 476 -33.21 34.23 -30.58
C GLN A 476 -32.71 35.60 -30.15
N VAL A 477 -32.49 35.79 -28.85
CA VAL A 477 -31.94 37.05 -28.33
C VAL A 477 -30.57 37.33 -28.94
N MET A 478 -29.70 36.31 -28.96
CA MET A 478 -28.34 36.49 -29.53
C MET A 478 -28.33 36.75 -31.02
N GLN A 479 -29.16 36.03 -31.79
CA GLN A 479 -29.19 36.23 -33.25
C GLN A 479 -29.72 37.62 -33.59
N GLN A 480 -30.76 38.06 -32.88
CA GLN A 480 -31.31 39.41 -33.06
C GLN A 480 -30.28 40.48 -32.69
N ALA A 481 -29.57 40.26 -31.60
CA ALA A 481 -28.45 41.13 -31.20
C ALA A 481 -27.39 41.24 -32.29
N ARG A 482 -27.02 40.12 -32.91
CA ARG A 482 -26.07 40.15 -34.04
C ARG A 482 -26.71 40.94 -35.19
N GLU A 483 -27.89 40.50 -35.62
CA GLU A 483 -28.56 41.06 -36.81
C GLU A 483 -28.77 42.56 -36.74
N GLN A 484 -29.16 43.05 -35.56
CA GLN A 484 -29.47 44.46 -35.36
C GLN A 484 -28.38 45.26 -34.65
N ALA A 485 -27.21 44.66 -34.44
CA ALA A 485 -26.09 45.31 -33.75
C ALA A 485 -26.54 45.99 -32.43
N ARG A 486 -27.26 45.24 -31.60
CA ARG A 486 -27.83 45.78 -30.35
C ARG A 486 -26.75 46.03 -29.30
N PRO A 487 -26.98 46.96 -28.34
CA PRO A 487 -25.96 47.17 -27.31
C PRO A 487 -25.82 45.96 -26.39
N VAL A 488 -24.58 45.61 -26.05
CA VAL A 488 -24.30 44.40 -25.27
C VAL A 488 -24.98 44.38 -23.89
N ALA A 489 -25.15 45.55 -23.25
CA ALA A 489 -25.83 45.61 -21.94
C ALA A 489 -27.30 45.19 -22.02
N GLU A 490 -27.97 45.56 -23.10
CA GLU A 490 -29.36 45.19 -23.34
C GLU A 490 -29.51 43.68 -23.54
N THR A 491 -28.63 43.14 -24.35
CA THR A 491 -28.61 41.72 -24.66
C THR A 491 -28.35 40.90 -23.38
N ALA A 492 -27.31 41.25 -22.63
CA ALA A 492 -26.99 40.57 -21.38
C ALA A 492 -28.17 40.58 -20.43
N ASN A 493 -28.84 41.73 -20.33
CA ASN A 493 -29.99 41.83 -19.45
C ASN A 493 -31.17 40.96 -19.89
N ALA A 494 -31.45 40.94 -21.19
CA ALA A 494 -32.49 40.10 -21.76
C ALA A 494 -32.20 38.62 -21.47
N LEU A 495 -30.94 38.20 -21.61
CA LEU A 495 -30.57 36.84 -21.23
C LEU A 495 -30.78 36.57 -19.74
N HIS A 496 -30.35 37.51 -18.90
CA HIS A 496 -30.48 37.36 -17.44
C HIS A 496 -31.96 37.16 -17.04
N GLU A 497 -32.86 37.93 -17.63
CA GLU A 497 -34.30 37.81 -17.33
C GLU A 497 -34.85 36.44 -17.77
N LEU A 498 -34.42 35.95 -18.94
CA LEU A 498 -34.76 34.59 -19.38
C LEU A 498 -34.27 33.53 -18.38
N ILE A 499 -33.04 33.67 -17.89
CA ILE A 499 -32.50 32.71 -16.93
C ILE A 499 -33.35 32.71 -15.64
N LYS A 500 -33.66 33.91 -15.14
CA LYS A 500 -34.52 34.04 -13.95
C LYS A 500 -35.90 33.40 -14.14
N GLU A 501 -36.49 33.62 -15.31
CA GLU A 501 -37.78 33.03 -15.67
C GLU A 501 -37.79 31.50 -15.62
N HIS A 502 -36.71 30.87 -16.10
CA HIS A 502 -36.65 29.41 -16.24
C HIS A 502 -35.98 28.68 -15.09
N GLU A 503 -35.35 29.45 -14.19
CA GLU A 503 -34.43 28.91 -13.19
C GLU A 503 -35.05 27.86 -12.25
N ALA A 504 -36.33 28.01 -11.95
CA ALA A 504 -37.01 27.07 -11.05
C ALA A 504 -37.04 25.65 -11.61
N GLU A 505 -36.99 25.50 -12.93
CA GLU A 505 -37.05 24.20 -13.60
C GLU A 505 -35.67 23.66 -14.02
N LEU A 506 -34.60 24.31 -13.57
CA LEU A 506 -33.22 23.88 -13.82
C LEU A 506 -32.65 23.27 -12.55
N LEU A 507 -31.42 22.77 -12.61
CA LEU A 507 -30.73 22.36 -11.39
C LEU A 507 -30.53 23.59 -10.48
N PRO A 508 -30.60 23.39 -9.16
CA PRO A 508 -30.58 24.53 -8.22
C PRO A 508 -29.18 25.10 -7.94
N LEU A 509 -28.47 25.53 -8.99
CA LEU A 509 -27.08 25.98 -8.90
C LEU A 509 -26.93 27.50 -8.80
N GLY A 510 -28.01 28.25 -8.93
CA GLY A 510 -27.91 29.70 -8.82
C GLY A 510 -27.33 30.33 -10.09
N TYR A 511 -27.84 29.88 -11.23
CA TYR A 511 -27.40 30.38 -12.53
C TYR A 511 -27.68 31.86 -12.73
N SER A 512 -28.72 32.41 -12.09
CA SER A 512 -29.02 33.84 -12.24
C SER A 512 -28.14 34.78 -11.40
N ARG A 513 -27.30 34.23 -10.52
CA ARG A 513 -26.37 35.05 -9.74
C ARG A 513 -25.13 35.39 -10.52
N ILE A 514 -25.22 36.47 -11.28
CA ILE A 514 -24.20 36.85 -12.26
C ILE A 514 -22.86 37.25 -11.62
N SER A 515 -22.89 37.74 -10.39
CA SER A 515 -21.67 38.13 -9.68
C SER A 515 -20.81 36.93 -9.27
N ASN A 516 -21.42 35.75 -9.16
CA ASN A 516 -20.68 34.52 -8.94
C ASN A 516 -20.20 33.93 -10.28
N ARG A 517 -18.93 34.13 -10.58
CA ARG A 517 -18.34 33.69 -11.85
C ARG A 517 -17.81 32.25 -11.88
N PHE A 518 -17.91 31.56 -10.74
CA PHE A 518 -17.44 30.20 -10.58
C PHE A 518 -18.57 29.40 -9.97
N ILE A 519 -19.50 29.01 -10.82
CA ILE A 519 -20.71 28.31 -10.39
C ILE A 519 -20.38 26.88 -9.93
N LEU A 520 -20.70 26.58 -8.67
CA LEU A 520 -20.34 25.28 -8.07
C LEU A 520 -21.48 24.28 -8.18
N LYS A 521 -21.13 23.00 -8.23
CA LYS A 521 -22.12 21.92 -8.19
C LYS A 521 -22.79 21.81 -6.82
N VAL A 522 -23.90 21.07 -6.85
CA VAL A 522 -24.72 20.62 -5.72
C VAL A 522 -25.73 21.70 -5.36
N ASN B 22 24.81 31.49 -45.13
CA ASN B 22 24.34 30.30 -44.36
C ASN B 22 23.33 30.70 -43.27
N GLN B 23 22.04 30.44 -43.51
CA GLN B 23 20.99 30.52 -42.47
C GLN B 23 21.31 29.65 -41.24
N TYR B 24 21.86 28.45 -41.46
CA TYR B 24 22.14 27.52 -40.38
C TYR B 24 23.59 27.06 -40.43
N ASP B 25 24.07 26.53 -39.30
CA ASP B 25 25.37 25.86 -39.28
C ASP B 25 25.26 24.48 -39.90
N VAL B 26 24.20 23.74 -39.51
CA VAL B 26 24.02 22.34 -39.91
C VAL B 26 22.57 22.06 -40.25
N ILE B 27 22.36 21.40 -41.39
CA ILE B 27 21.08 20.80 -41.73
C ILE B 27 21.17 19.28 -41.46
N ILE B 28 20.13 18.73 -40.84
CA ILE B 28 20.05 17.31 -40.57
C ILE B 28 18.84 16.75 -41.28
N ILE B 29 19.04 15.72 -42.10
CA ILE B 29 17.96 15.07 -42.80
C ILE B 29 17.50 13.90 -41.92
N GLY B 30 16.25 13.95 -41.47
CA GLY B 30 15.67 12.89 -40.66
C GLY B 30 15.51 13.28 -39.20
N SER B 31 14.31 13.09 -38.65
CA SER B 31 14.00 13.51 -37.29
C SER B 31 13.73 12.31 -36.37
N GLY B 32 14.15 11.11 -36.78
CA GLY B 32 14.15 9.95 -35.89
C GLY B 32 15.21 10.10 -34.80
N ILE B 33 15.42 9.06 -34.00
CA ILE B 33 16.30 9.19 -32.86
C ILE B 33 17.72 9.66 -33.26
N ALA B 34 18.22 9.20 -34.40
CA ALA B 34 19.55 9.59 -34.86
C ALA B 34 19.64 11.09 -35.12
N GLY B 35 18.69 11.59 -35.91
CA GLY B 35 18.64 13.00 -36.27
C GLY B 35 18.39 13.90 -35.08
N ALA B 36 17.48 13.47 -34.21
CA ALA B 36 17.11 14.25 -33.04
C ALA B 36 18.24 14.35 -32.03
N LEU B 37 18.92 13.24 -31.75
CA LEU B 37 20.04 13.29 -30.80
C LEU B 37 21.21 14.12 -31.34
N THR B 38 21.51 13.99 -32.64
CA THR B 38 22.54 14.80 -33.29
C THR B 38 22.18 16.28 -33.23
N GLY B 39 20.93 16.60 -33.60
CA GLY B 39 20.44 17.96 -33.48
C GLY B 39 20.53 18.51 -32.07
N ALA B 40 20.17 17.70 -31.09
CA ALA B 40 20.20 18.13 -29.69
C ALA B 40 21.61 18.49 -29.24
N VAL B 41 22.57 17.61 -29.51
CA VAL B 41 23.94 17.86 -29.07
C VAL B 41 24.57 19.05 -29.78
N LEU B 42 24.25 19.27 -31.05
CA LEU B 42 24.81 20.40 -31.79
C LEU B 42 24.17 21.73 -31.36
N ALA B 43 22.87 21.71 -31.10
CA ALA B 43 22.16 22.92 -30.63
C ALA B 43 22.57 23.30 -29.21
N LYS B 44 22.66 22.31 -28.33
CA LYS B 44 23.22 22.48 -27.00
C LYS B 44 24.60 23.17 -27.03
N SER B 45 25.40 22.83 -28.02
CA SER B 45 26.79 23.28 -28.13
C SER B 45 26.95 24.66 -28.78
N GLY B 46 25.85 25.26 -29.22
CA GLY B 46 25.86 26.62 -29.75
C GLY B 46 25.68 26.74 -31.25
N LEU B 47 25.37 25.65 -31.95
CA LEU B 47 25.10 25.72 -33.37
C LEU B 47 23.62 25.94 -33.65
N ASN B 48 23.35 26.64 -34.76
N ASN B 48 23.32 26.61 -34.76
CA ASN B 48 22.02 26.78 -35.34
CA ASN B 48 21.95 26.74 -35.24
C ASN B 48 21.77 25.53 -36.19
C ASN B 48 21.67 25.62 -36.23
N VAL B 49 20.76 24.74 -35.83
CA VAL B 49 20.48 23.46 -36.49
C VAL B 49 19.07 23.43 -37.06
N LEU B 50 18.94 22.88 -38.26
CA LEU B 50 17.63 22.68 -38.91
C LEU B 50 17.49 21.20 -39.23
N ILE B 51 16.44 20.58 -38.70
CA ILE B 51 16.15 19.17 -38.91
C ILE B 51 14.99 19.14 -39.90
N LEU B 52 15.18 18.43 -41.01
CA LEU B 52 14.18 18.29 -42.07
C LEU B 52 13.75 16.85 -42.13
N ASP B 53 12.43 16.62 -42.22
CA ASP B 53 11.91 15.26 -42.36
C ASP B 53 10.67 15.28 -43.25
N SER B 54 10.59 14.33 -44.16
CA SER B 54 9.44 14.20 -45.05
C SER B 54 8.26 13.53 -44.36
N ALA B 55 8.51 12.84 -43.27
CA ALA B 55 7.46 12.21 -42.45
C ALA B 55 7.12 13.15 -41.28
N GLN B 56 6.26 12.69 -40.39
CA GLN B 56 5.98 13.45 -39.16
C GLN B 56 5.89 12.51 -37.99
N HIS B 57 5.94 13.07 -36.80
CA HIS B 57 5.72 12.29 -35.58
C HIS B 57 4.23 12.39 -35.23
N PRO B 58 3.64 11.37 -34.61
CA PRO B 58 4.26 10.10 -34.26
C PRO B 58 4.37 9.16 -35.45
N ARG B 59 5.39 8.31 -35.47
CA ARG B 59 5.43 7.26 -36.47
C ARG B 59 6.19 6.04 -35.97
N PHE B 60 5.87 4.93 -36.59
CA PHE B 60 6.41 3.62 -36.29
C PHE B 60 7.83 3.49 -36.84
N SER B 61 8.67 2.77 -36.12
CA SER B 61 9.97 2.34 -36.65
C SER B 61 10.35 1.05 -35.92
N VAL B 62 11.09 0.15 -36.57
CA VAL B 62 11.74 -0.97 -35.86
C VAL B 62 13.18 -0.52 -35.53
N GLY B 63 13.99 -1.43 -34.98
CA GLY B 63 15.26 -1.04 -34.37
C GLY B 63 14.99 -0.83 -32.89
N GLU B 64 14.68 -1.92 -32.21
CA GLU B 64 14.01 -1.89 -30.91
C GLU B 64 14.82 -2.52 -29.78
N ALA B 65 15.70 -3.46 -30.09
CA ALA B 65 16.45 -4.17 -29.07
C ALA B 65 17.70 -3.37 -28.66
N ALA B 66 17.64 -2.78 -27.47
CA ALA B 66 18.79 -2.15 -26.86
C ALA B 66 19.80 -3.22 -26.46
N THR B 67 21.04 -2.78 -26.31
CA THR B 67 22.14 -3.65 -25.95
C THR B 67 22.93 -2.95 -24.87
N PRO B 68 23.80 -3.70 -24.15
CA PRO B 68 24.71 -3.03 -23.22
C PRO B 68 25.50 -1.90 -23.89
N GLU B 69 25.97 -2.13 -25.11
CA GLU B 69 26.72 -1.11 -25.85
C GLU B 69 25.86 0.13 -26.09
N SER B 70 24.65 -0.06 -26.61
CA SER B 70 23.79 1.07 -26.95
C SER B 70 23.48 1.89 -25.71
N GLY B 71 23.29 1.19 -24.57
CA GLY B 71 23.10 1.82 -23.25
C GLY B 71 24.27 2.71 -22.83
N PHE B 72 25.49 2.18 -22.94
CA PHE B 72 26.67 2.98 -22.61
C PHE B 72 26.87 4.16 -23.54
N LEU B 73 26.58 3.96 -24.83
CA LEU B 73 26.70 5.02 -25.81
C LEU B 73 25.73 6.18 -25.56
N LEU B 74 24.49 5.87 -25.15
CA LEU B 74 23.54 6.93 -24.79
C LEU B 74 24.04 7.72 -23.57
N ARG B 75 24.56 6.99 -22.59
CA ARG B 75 25.07 7.62 -21.38
C ARG B 75 26.32 8.45 -21.70
N LEU B 76 27.15 7.97 -22.62
CA LEU B 76 28.29 8.75 -23.11
C LEU B 76 27.84 10.00 -23.86
N LEU B 77 26.79 9.90 -24.68
CA LEU B 77 26.30 11.07 -25.40
C LEU B 77 25.80 12.09 -24.40
N SER B 78 25.11 11.60 -23.37
CA SER B 78 24.51 12.44 -22.34
C SER B 78 25.58 13.19 -21.54
N LYS B 79 26.62 12.47 -21.16
CA LYS B 79 27.67 13.03 -20.31
C LYS B 79 28.61 13.91 -21.14
N ARG B 80 28.96 13.47 -22.35
CA ARG B 80 29.85 14.22 -23.24
C ARG B 80 29.33 15.61 -23.57
N PHE B 81 28.01 15.73 -23.75
CA PHE B 81 27.39 17.01 -24.15
C PHE B 81 26.52 17.65 -23.07
N ASP B 82 26.52 17.07 -21.87
CA ASP B 82 25.75 17.55 -20.70
C ASP B 82 24.25 17.73 -20.98
N ILE B 83 23.61 16.66 -21.44
CA ILE B 83 22.18 16.63 -21.67
C ILE B 83 21.64 15.41 -20.91
N PRO B 84 21.34 15.58 -19.62
CA PRO B 84 20.87 14.48 -18.78
C PRO B 84 19.71 13.65 -19.36
N GLU B 85 18.79 14.30 -20.08
CA GLU B 85 17.64 13.58 -20.64
C GLU B 85 17.99 12.49 -21.65
N ILE B 86 19.15 12.61 -22.32
CA ILE B 86 19.56 11.54 -23.24
C ILE B 86 19.78 10.23 -22.47
N ALA B 87 20.40 10.33 -21.29
CA ALA B 87 20.69 9.13 -20.49
C ALA B 87 19.43 8.39 -20.03
N TYR B 88 18.30 9.09 -19.89
CA TYR B 88 17.04 8.43 -19.54
C TYR B 88 16.66 7.31 -20.52
N LEU B 89 17.06 7.47 -21.78
CA LEU B 89 16.75 6.51 -22.83
C LEU B 89 17.56 5.21 -22.75
N SER B 90 18.55 5.12 -21.85
CA SER B 90 19.38 3.92 -21.68
C SER B 90 18.86 2.91 -20.66
N HIS B 91 17.93 3.30 -19.81
CA HIS B 91 17.43 2.39 -18.78
C HIS B 91 15.91 2.29 -18.83
N PRO B 92 15.36 1.06 -18.86
CA PRO B 92 13.90 0.94 -18.97
C PRO B 92 13.11 1.62 -17.84
N ASP B 93 13.58 1.54 -16.60
CA ASP B 93 12.97 2.30 -15.49
C ASP B 93 12.95 3.82 -15.72
N LYS B 94 13.99 4.37 -16.33
CA LYS B 94 14.01 5.81 -16.63
C LYS B 94 13.12 6.14 -17.81
N ILE B 95 13.05 5.24 -18.78
CA ILE B 95 12.13 5.40 -19.92
C ILE B 95 10.69 5.46 -19.40
N ILE B 96 10.31 4.47 -18.59
CA ILE B 96 8.97 4.42 -18.01
C ILE B 96 8.66 5.69 -17.22
N GLN B 97 9.63 6.14 -16.43
CA GLN B 97 9.45 7.31 -15.58
C GLN B 97 9.35 8.61 -16.37
N HIS B 98 10.21 8.79 -17.37
CA HIS B 98 10.34 10.07 -18.05
C HIS B 98 9.69 10.16 -19.44
N VAL B 99 9.75 9.08 -20.22
CA VAL B 99 9.14 9.07 -21.55
C VAL B 99 7.68 8.69 -21.42
N GLY B 100 7.41 7.59 -20.74
CA GLY B 100 6.04 7.12 -20.50
C GLY B 100 5.97 5.63 -20.32
N SER B 101 4.89 5.19 -19.67
CA SER B 101 4.76 3.79 -19.32
C SER B 101 4.55 2.85 -20.51
N SER B 102 4.15 3.38 -21.67
CA SER B 102 4.03 2.59 -22.90
C SER B 102 5.30 2.57 -23.76
N ALA B 103 6.34 3.27 -23.32
CA ALA B 103 7.49 3.57 -24.21
C ALA B 103 8.50 2.43 -24.33
N CYS B 104 8.41 1.41 -23.48
CA CYS B 104 9.31 0.26 -23.58
C CYS B 104 8.79 -0.98 -22.90
N GLY B 105 9.33 -2.13 -23.35
CA GLY B 105 9.33 -3.35 -22.58
C GLY B 105 10.71 -3.51 -21.96
N ILE B 106 10.89 -4.65 -21.31
CA ILE B 106 12.16 -4.99 -20.65
C ILE B 106 12.88 -6.10 -21.38
N LYS B 107 14.21 -6.11 -21.24
CA LYS B 107 14.96 -7.28 -21.66
C LYS B 107 16.06 -7.55 -20.65
N LEU B 108 16.14 -8.81 -20.28
CA LEU B 108 17.13 -9.27 -19.30
C LEU B 108 18.21 -10.10 -19.98
N GLY B 109 18.21 -10.13 -21.32
CA GLY B 109 19.19 -10.87 -22.11
C GLY B 109 18.67 -11.07 -23.52
N PHE B 110 19.54 -11.60 -24.38
CA PHE B 110 19.18 -12.17 -25.68
C PHE B 110 18.99 -13.67 -25.47
N SER B 111 17.94 -14.25 -26.05
CA SER B 111 17.73 -15.69 -26.01
C SER B 111 17.56 -16.24 -27.43
N PHE B 112 18.05 -17.46 -27.65
CA PHE B 112 18.02 -18.08 -28.97
C PHE B 112 17.44 -19.49 -28.83
N ALA B 113 16.39 -19.78 -29.58
CA ALA B 113 15.80 -21.13 -29.61
C ALA B 113 15.86 -21.69 -31.03
N TRP B 114 16.39 -22.91 -31.16
CA TRP B 114 16.69 -23.51 -32.47
C TRP B 114 15.62 -24.53 -32.88
N HIS B 115 15.34 -24.58 -34.19
CA HIS B 115 14.30 -25.42 -34.77
C HIS B 115 14.79 -25.99 -36.09
N GLN B 116 14.16 -27.08 -36.52
CA GLN B 116 14.38 -27.63 -37.85
C GLN B 116 13.08 -28.13 -38.47
N GLU B 117 13.01 -28.03 -39.79
CA GLU B 117 11.88 -28.51 -40.57
C GLU B 117 11.74 -30.03 -40.40
N ASN B 118 10.50 -30.51 -40.35
CA ASN B 118 10.21 -31.96 -40.28
C ASN B 118 10.73 -32.66 -39.01
N ALA B 119 10.82 -31.91 -37.92
CA ALA B 119 11.11 -32.50 -36.62
C ALA B 119 10.56 -31.62 -35.49
N PRO B 120 10.19 -32.24 -34.36
CA PRO B 120 9.73 -31.44 -33.22
C PRO B 120 10.86 -30.63 -32.59
N SER B 121 10.52 -29.43 -32.13
CA SER B 121 11.51 -28.54 -31.51
C SER B 121 11.72 -28.96 -30.07
N SER B 122 12.95 -28.85 -29.59
CA SER B 122 13.29 -29.21 -28.24
C SER B 122 13.55 -27.96 -27.37
N PRO B 123 12.97 -27.92 -26.16
CA PRO B 123 13.28 -26.83 -25.22
C PRO B 123 14.68 -26.83 -24.65
N ASP B 124 15.47 -27.86 -24.95
CA ASP B 124 16.89 -27.90 -24.60
C ASP B 124 17.78 -27.27 -25.65
N HIS B 125 17.23 -26.94 -26.83
CA HIS B 125 17.98 -26.27 -27.88
C HIS B 125 17.86 -24.75 -27.73
N LEU B 126 18.30 -24.27 -26.57
CA LEU B 126 18.21 -22.87 -26.15
C LEU B 126 19.55 -22.40 -25.62
N VAL B 127 19.94 -21.18 -25.98
CA VAL B 127 20.96 -20.45 -25.20
C VAL B 127 20.40 -19.06 -24.84
N ALA B 128 20.72 -18.58 -23.66
CA ALA B 128 20.28 -17.25 -23.25
C ALA B 128 21.25 -16.65 -22.24
N PRO B 129 22.24 -15.86 -22.70
CA PRO B 129 23.14 -15.19 -21.75
C PRO B 129 22.47 -13.98 -21.09
N PRO B 130 22.21 -14.04 -19.76
CA PRO B 130 21.51 -12.94 -19.09
C PRO B 130 22.36 -11.70 -18.79
N LEU B 131 21.69 -10.57 -18.65
CA LEU B 131 22.35 -9.31 -18.34
C LEU B 131 22.37 -9.12 -16.84
N LYS B 132 23.38 -8.39 -16.35
CA LYS B 132 23.35 -7.93 -14.96
C LYS B 132 22.31 -6.81 -14.80
N VAL B 133 22.33 -5.83 -15.70
CA VAL B 133 21.42 -4.69 -15.63
C VAL B 133 20.37 -4.79 -16.76
N PRO B 134 19.08 -4.63 -16.43
CA PRO B 134 18.04 -4.67 -17.48
C PRO B 134 18.20 -3.59 -18.55
N GLU B 135 17.76 -3.93 -19.75
CA GLU B 135 17.75 -3.01 -20.87
C GLU B 135 16.36 -2.94 -21.42
N ALA B 136 16.19 -2.10 -22.43
CA ALA B 136 14.86 -1.80 -22.97
C ALA B 136 14.58 -2.47 -24.31
N HIS B 137 13.30 -2.80 -24.49
CA HIS B 137 12.73 -2.97 -25.81
C HIS B 137 12.04 -1.64 -26.14
N LEU B 138 12.61 -0.93 -27.09
CA LEU B 138 12.24 0.45 -27.40
C LEU B 138 11.00 0.54 -28.29
N PHE B 139 9.94 1.16 -27.78
CA PHE B 139 8.75 1.43 -28.57
C PHE B 139 9.02 2.73 -29.32
N ARG B 140 9.51 2.59 -30.54
CA ARG B 140 10.17 3.71 -31.26
C ARG B 140 9.32 4.96 -31.47
N GLN B 141 8.02 4.78 -31.68
CA GLN B 141 7.16 5.93 -31.88
C GLN B 141 7.23 6.88 -30.68
N ASP B 142 7.33 6.35 -29.47
CA ASP B 142 7.35 7.17 -28.25
C ASP B 142 8.77 7.64 -27.94
N ILE B 143 9.74 6.74 -28.11
CA ILE B 143 11.14 7.06 -27.84
C ILE B 143 11.64 8.15 -28.78
N ASP B 144 11.36 8.02 -30.07
CA ASP B 144 11.85 8.99 -31.05
C ASP B 144 11.17 10.35 -30.90
N TYR B 145 9.89 10.36 -30.56
CA TYR B 145 9.22 11.65 -30.38
C TYR B 145 9.83 12.38 -29.15
N PHE B 146 10.06 11.64 -28.06
CA PHE B 146 10.75 12.18 -26.87
C PHE B 146 12.12 12.75 -27.23
N ALA B 147 12.86 12.02 -28.07
CA ALA B 147 14.17 12.49 -28.51
C ALA B 147 14.08 13.77 -29.33
N LEU B 148 13.10 13.89 -30.22
CA LEU B 148 12.91 15.15 -30.95
C LEU B 148 12.62 16.29 -29.97
N MET B 149 11.87 16.00 -28.91
CA MET B 149 11.56 17.01 -27.90
C MET B 149 12.83 17.49 -27.20
N ILE B 150 13.79 16.60 -27.01
CA ILE B 150 15.09 17.01 -26.46
C ILE B 150 15.71 18.08 -27.37
N ALA B 151 15.75 17.80 -28.67
CA ALA B 151 16.34 18.71 -29.64
C ALA B 151 15.60 20.04 -29.70
N LEU B 152 14.27 19.99 -29.73
CA LEU B 152 13.45 21.19 -29.76
C LEU B 152 13.66 22.06 -28.53
N LYS B 153 13.75 21.45 -27.36
CA LYS B 153 14.01 22.17 -26.11
C LYS B 153 15.41 22.79 -26.06
N HIS B 154 16.36 22.26 -26.83
CA HIS B 154 17.70 22.86 -26.92
C HIS B 154 17.88 23.83 -28.08
N GLY B 155 16.80 24.12 -28.81
CA GLY B 155 16.80 25.19 -29.79
C GLY B 155 16.99 24.78 -31.22
N ALA B 156 17.07 23.47 -31.48
CA ALA B 156 17.06 22.99 -32.87
C ALA B 156 15.71 23.32 -33.51
N GLU B 157 15.75 23.78 -34.77
CA GLU B 157 14.55 23.95 -35.54
C GLU B 157 14.20 22.61 -36.23
N SER B 158 12.91 22.35 -36.38
CA SER B 158 12.40 21.15 -37.00
C SER B 158 11.30 21.51 -37.99
N ARG B 159 11.40 20.99 -39.22
CA ARG B 159 10.34 21.08 -40.20
C ARG B 159 9.98 19.68 -40.66
N GLN B 160 8.72 19.31 -40.46
CA GLN B 160 8.18 18.01 -40.79
C GLN B 160 7.32 18.12 -42.04
N ASN B 161 7.02 16.99 -42.68
CA ASN B 161 6.24 16.97 -43.93
C ASN B 161 6.82 17.78 -45.07
N ILE B 162 8.14 17.89 -45.12
CA ILE B 162 8.78 18.69 -46.18
C ILE B 162 9.10 17.79 -47.37
N LYS B 163 9.49 18.38 -48.49
CA LYS B 163 10.03 17.60 -49.60
C LYS B 163 11.26 18.31 -50.13
N ILE B 164 12.39 17.62 -50.08
CA ILE B 164 13.64 18.16 -50.59
C ILE B 164 13.63 17.98 -52.11
N GLU B 165 13.71 19.09 -52.82
CA GLU B 165 13.72 19.10 -54.28
C GLU B 165 15.13 18.94 -54.85
N SER B 166 16.12 19.54 -54.18
CA SER B 166 17.53 19.37 -54.57
C SER B 166 18.49 19.72 -53.44
N ILE B 167 19.69 19.14 -53.48
CA ILE B 167 20.77 19.48 -52.56
C ILE B 167 22.02 19.79 -53.38
N SER B 168 22.59 20.97 -53.16
CA SER B 168 23.85 21.39 -53.78
C SER B 168 24.94 21.50 -52.75
N LEU B 169 26.05 20.81 -53.00
CA LEU B 169 27.23 20.86 -52.16
C LEU B 169 28.30 21.74 -52.85
N ASN B 170 28.61 22.88 -52.26
CA ASN B 170 29.52 23.89 -52.85
C ASN B 170 30.74 24.06 -51.97
N ASP B 171 31.77 24.76 -52.47
CA ASP B 171 32.94 25.09 -51.63
C ASP B 171 32.60 26.01 -50.45
N ASP B 172 31.51 26.77 -50.54
CA ASP B 172 31.15 27.73 -49.47
C ASP B 172 29.94 27.29 -48.62
N GLY B 173 29.42 26.09 -48.86
CA GLY B 173 28.39 25.50 -48.02
C GLY B 173 27.42 24.64 -48.78
N VAL B 174 26.25 24.45 -48.19
CA VAL B 174 25.22 23.54 -48.70
C VAL B 174 23.94 24.33 -48.89
N GLU B 175 23.21 24.05 -49.96
CA GLU B 175 21.92 24.67 -50.25
C GLU B 175 20.88 23.59 -50.53
N VAL B 176 19.77 23.64 -49.81
CA VAL B 176 18.69 22.66 -49.93
C VAL B 176 17.46 23.39 -50.42
N ALA B 177 16.95 22.98 -51.59
CA ALA B 177 15.74 23.55 -52.14
C ALA B 177 14.58 22.71 -51.68
N LEU B 178 13.56 23.37 -51.13
CA LEU B 178 12.38 22.71 -50.59
C LEU B 178 11.18 23.05 -51.46
N SER B 179 10.29 22.08 -51.64
CA SER B 179 9.05 22.31 -52.37
C SER B 179 8.16 23.28 -51.59
N ASN B 180 7.57 24.26 -52.28
CA ASN B 180 6.72 25.27 -51.66
C ASN B 180 7.37 26.01 -50.48
N ALA B 181 8.67 26.30 -50.60
CA ALA B 181 9.39 27.09 -49.61
C ALA B 181 10.69 27.63 -50.19
N ALA B 182 11.23 28.66 -49.55
CA ALA B 182 12.48 29.26 -49.96
C ALA B 182 13.63 28.28 -49.64
N PRO B 183 14.77 28.39 -50.37
CA PRO B 183 15.84 27.46 -50.06
C PRO B 183 16.48 27.77 -48.71
N VAL B 184 17.08 26.77 -48.08
CA VAL B 184 17.80 26.97 -46.83
C VAL B 184 19.26 26.63 -47.07
N LYS B 185 20.14 27.27 -46.32
CA LYS B 185 21.56 27.15 -46.52
C LYS B 185 22.23 26.78 -45.22
N ALA B 186 23.31 26.03 -45.30
CA ALA B 186 24.10 25.72 -44.13
C ALA B 186 25.54 25.43 -44.48
N ALA B 187 26.38 25.33 -43.46
CA ALA B 187 27.79 24.97 -43.66
C ALA B 187 28.01 23.47 -43.87
N PHE B 188 27.06 22.65 -43.44
CA PHE B 188 27.25 21.20 -43.38
C PHE B 188 25.89 20.52 -43.41
N ILE B 189 25.83 19.33 -43.98
CA ILE B 189 24.59 18.54 -44.00
C ILE B 189 24.86 17.12 -43.50
N ILE B 190 23.97 16.63 -42.65
CA ILE B 190 24.11 15.30 -42.05
C ILE B 190 22.89 14.50 -42.45
N ASP B 191 23.12 13.35 -43.09
CA ASP B 191 22.03 12.47 -43.48
C ASP B 191 21.80 11.44 -42.38
N ALA B 192 20.75 11.68 -41.60
CA ALA B 192 20.35 10.83 -40.48
C ALA B 192 19.09 10.06 -40.83
N ALA B 193 18.74 10.00 -42.11
CA ALA B 193 17.53 9.31 -42.52
C ALA B 193 17.72 7.80 -42.37
N ALA B 194 16.64 7.14 -41.93
CA ALA B 194 16.69 5.72 -41.55
C ALA B 194 16.73 4.76 -42.74
N GLY B 196 16.46 5.89 -46.69
CA GLY B 196 17.05 6.64 -47.82
C GLY B 196 16.74 8.13 -47.79
N SER B 197 17.41 8.89 -48.65
CA SER B 197 17.21 10.34 -48.76
C SER B 197 17.73 10.83 -50.11
N PRO B 198 17.37 12.07 -50.51
CA PRO B 198 17.94 12.59 -51.75
C PRO B 198 19.46 12.72 -51.72
N LEU B 199 20.05 12.91 -50.54
CA LEU B 199 21.50 13.08 -50.45
C LEU B 199 22.21 11.77 -50.78
N SER B 200 21.84 10.68 -50.11
CA SER B 200 22.46 9.37 -50.41
C SER B 200 22.23 8.94 -51.86
N ARG B 201 21.05 9.22 -52.41
CA ARG B 201 20.77 8.90 -53.83
C ARG B 201 21.68 9.66 -54.78
N GLN B 202 21.77 10.98 -54.64
CA GLN B 202 22.56 11.80 -55.55
C GLN B 202 24.08 11.55 -55.46
N LEU B 203 24.57 11.18 -54.28
CA LEU B 203 26.00 10.89 -54.12
C LEU B 203 26.39 9.56 -54.77
N GLY B 204 25.46 8.61 -54.83
CA GLY B 204 25.70 7.31 -55.47
C GLY B 204 26.84 6.52 -54.89
N LEU B 205 26.98 6.54 -53.57
CA LEU B 205 28.07 5.83 -52.87
C LEU B 205 27.65 4.44 -52.38
N ARG B 206 26.36 4.13 -52.45
CA ARG B 206 25.81 2.89 -51.95
C ARG B 206 26.00 1.75 -52.95
N THR B 207 26.18 0.54 -52.41
CA THR B 207 26.37 -0.67 -53.21
C THR B 207 25.98 -1.90 -52.38
N THR B 208 25.59 -2.96 -53.05
CA THR B 208 25.46 -4.29 -52.44
C THR B 208 26.66 -5.19 -52.79
N GLU B 209 27.55 -4.73 -53.67
CA GLU B 209 28.75 -5.49 -54.03
C GLU B 209 29.59 -5.72 -52.78
N GLY B 210 30.14 -6.94 -52.67
CA GLY B 210 31.05 -7.30 -51.60
C GLY B 210 30.39 -7.89 -50.37
N LEU B 211 29.08 -7.70 -50.21
CA LEU B 211 28.41 -8.10 -48.98
C LEU B 211 28.19 -9.60 -48.90
N ALA B 212 28.59 -10.17 -47.77
CA ALA B 212 28.37 -11.60 -47.47
C ALA B 212 26.93 -11.90 -47.04
N THR B 213 26.20 -10.89 -46.58
CA THR B 213 24.84 -11.08 -46.06
C THR B 213 23.83 -10.63 -47.11
N ASP B 214 22.87 -11.51 -47.43
CA ASP B 214 21.84 -11.25 -48.42
C ASP B 214 20.52 -11.72 -47.79
N THR B 215 19.81 -10.80 -47.13
CA THR B 215 18.64 -11.15 -46.35
C THR B 215 17.48 -10.18 -46.59
N CYS B 216 16.27 -10.70 -46.40
CA CYS B 216 15.03 -9.94 -46.48
C CYS B 216 14.41 -9.91 -45.08
N SER B 217 13.41 -9.06 -44.89
CA SER B 217 12.75 -8.93 -43.60
C SER B 217 11.26 -8.62 -43.77
N PHE B 218 10.45 -9.28 -42.97
CA PHE B 218 9.02 -9.01 -42.81
C PHE B 218 8.80 -8.60 -41.36
N PHE B 219 8.14 -7.48 -41.07
CA PHE B 219 7.97 -7.08 -39.66
C PHE B 219 6.68 -6.34 -39.38
N THR B 220 6.24 -6.47 -38.14
CA THR B 220 4.98 -5.87 -37.70
C THR B 220 4.93 -5.83 -36.19
N HIS B 221 3.83 -5.29 -35.65
CA HIS B 221 3.54 -5.35 -34.22
C HIS B 221 2.21 -6.09 -34.06
N MET B 222 2.14 -6.93 -33.03
CA MET B 222 0.95 -7.76 -32.80
C MET B 222 0.44 -7.67 -31.37
N LEU B 223 -0.85 -7.98 -31.23
CA LEU B 223 -1.50 -8.14 -29.94
C LEU B 223 -1.67 -9.62 -29.60
N ASN B 224 -1.75 -9.92 -28.32
CA ASN B 224 -2.09 -11.25 -27.83
C ASN B 224 -1.10 -12.35 -28.29
N VAL B 225 0.17 -11.97 -28.39
CA VAL B 225 1.23 -12.93 -28.62
C VAL B 225 1.50 -13.63 -27.30
N LYS B 226 1.44 -14.96 -27.30
CA LYS B 226 1.73 -15.72 -26.09
C LYS B 226 3.22 -15.68 -25.78
N SER B 227 3.53 -15.62 -24.50
CA SER B 227 4.91 -15.70 -24.04
C SER B 227 5.52 -17.06 -24.33
N TYR B 228 6.85 -17.11 -24.39
CA TYR B 228 7.54 -18.37 -24.61
C TYR B 228 7.13 -19.40 -23.54
N GLU B 229 7.11 -18.95 -22.29
CA GLU B 229 6.83 -19.80 -21.12
C GLU B 229 5.42 -20.42 -21.18
N ASP B 230 4.45 -19.64 -21.63
CA ASP B 230 3.07 -20.13 -21.82
C ASP B 230 2.88 -20.99 -23.08
N ALA B 231 3.58 -20.63 -24.14
CA ALA B 231 3.38 -21.25 -25.46
C ALA B 231 4.20 -22.51 -25.68
N LEU B 232 5.41 -22.54 -25.15
CA LEU B 232 6.39 -23.57 -25.50
C LEU B 232 6.91 -24.35 -24.33
N ALA B 233 7.52 -23.68 -23.35
CA ALA B 233 8.07 -24.39 -22.20
C ALA B 233 8.27 -23.47 -21.01
N PRO B 234 7.82 -23.89 -19.82
CA PRO B 234 8.00 -23.03 -18.65
C PRO B 234 9.43 -23.08 -18.13
N LEU B 235 9.73 -22.23 -17.15
CA LEU B 235 11.09 -22.14 -16.61
C LEU B 235 11.54 -23.45 -15.98
N SER B 236 10.59 -24.18 -15.38
CA SER B 236 10.87 -25.51 -14.81
C SER B 236 11.39 -26.51 -15.84
N ARG B 237 10.97 -26.38 -17.11
CA ARG B 237 11.45 -27.23 -18.21
C ARG B 237 12.76 -26.75 -18.86
N THR B 238 12.85 -25.46 -19.16
CA THR B 238 14.04 -24.90 -19.85
C THR B 238 15.25 -24.77 -18.92
N ARG B 239 14.97 -24.49 -17.65
CA ARG B 239 15.98 -24.18 -16.64
C ARG B 239 16.70 -22.86 -16.95
N SER B 240 16.05 -21.96 -17.68
CA SER B 240 16.65 -20.68 -18.04
C SER B 240 16.70 -19.81 -16.79
N PRO B 241 17.77 -19.01 -16.61
CA PRO B 241 17.81 -18.09 -15.48
C PRO B 241 16.88 -16.88 -15.65
N ILE B 242 16.38 -16.66 -16.87
CA ILE B 242 15.42 -15.60 -17.14
C ILE B 242 14.25 -16.11 -17.94
N GLU B 243 13.09 -15.49 -17.73
CA GLU B 243 11.94 -15.71 -18.60
C GLU B 243 12.36 -15.26 -20.03
N LEU B 244 12.17 -16.13 -21.02
CA LEU B 244 12.38 -15.76 -22.41
C LEU B 244 11.38 -14.65 -22.82
N PHE B 245 10.22 -14.59 -22.14
CA PHE B 245 9.30 -13.47 -22.26
C PHE B 245 9.95 -12.11 -21.94
N LYS B 246 10.89 -12.07 -20.99
CA LYS B 246 11.62 -10.86 -20.63
C LYS B 246 13.01 -10.84 -21.27
N SER B 247 13.07 -11.26 -22.54
CA SER B 247 14.30 -11.26 -23.32
C SER B 247 13.97 -10.88 -24.76
N THR B 248 15.02 -10.53 -25.51
CA THR B 248 14.91 -10.45 -26.95
C THR B 248 15.06 -11.89 -27.43
N LEU B 249 13.96 -12.47 -27.89
CA LEU B 249 13.90 -13.88 -28.24
C LEU B 249 14.10 -14.07 -29.74
N HIS B 250 15.06 -14.92 -30.10
CA HIS B 250 15.40 -15.18 -31.48
C HIS B 250 15.08 -16.62 -31.76
N HIS B 251 14.10 -16.90 -32.62
CA HIS B 251 13.85 -18.26 -33.08
C HIS B 251 14.66 -18.46 -34.34
N ILE B 252 15.59 -19.40 -34.29
CA ILE B 252 16.57 -19.57 -35.38
C ILE B 252 16.40 -20.93 -36.06
N PHE B 253 16.72 -20.95 -37.34
CA PHE B 253 16.60 -22.16 -38.15
C PHE B 253 17.42 -21.98 -39.41
N GLU B 254 17.62 -23.07 -40.16
CA GLU B 254 18.59 -23.06 -41.25
C GLU B 254 18.51 -21.85 -42.18
N GLU B 255 17.31 -21.48 -42.62
CA GLU B 255 17.16 -20.46 -43.66
C GLU B 255 16.91 -19.03 -43.14
N GLY B 256 16.84 -18.84 -41.82
CA GLY B 256 16.52 -17.54 -41.27
C GLY B 256 16.19 -17.53 -39.80
N TRP B 257 15.46 -16.50 -39.39
CA TRP B 257 15.12 -16.33 -38.00
C TRP B 257 13.96 -15.38 -37.81
N LEU B 258 13.34 -15.50 -36.64
CA LEU B 258 12.17 -14.72 -36.27
C LEU B 258 12.39 -14.15 -34.87
N TRP B 259 12.00 -12.88 -34.68
CA TRP B 259 12.15 -12.24 -33.37
C TRP B 259 10.81 -12.09 -32.65
N VAL B 260 10.87 -12.21 -31.33
CA VAL B 260 9.73 -11.96 -30.44
C VAL B 260 10.23 -10.95 -29.38
N ILE B 261 9.76 -9.71 -29.51
CA ILE B 261 10.27 -8.59 -28.75
C ILE B 261 9.07 -7.91 -28.08
N PRO B 262 8.74 -8.35 -26.85
CA PRO B 262 7.53 -7.81 -26.25
C PRO B 262 7.71 -6.40 -25.70
N PHE B 263 6.66 -5.58 -25.81
CA PHE B 263 6.59 -4.33 -25.06
C PHE B 263 5.74 -4.49 -23.80
N ASN B 264 5.10 -5.65 -23.64
CA ASN B 264 4.08 -5.89 -22.59
C ASN B 264 4.59 -6.81 -21.48
N ASN B 265 5.91 -6.81 -21.27
CA ASN B 265 6.57 -7.73 -20.34
C ASN B 265 7.18 -7.02 -19.15
N HIS B 266 6.90 -5.72 -18.99
CA HIS B 266 7.49 -4.89 -17.92
C HIS B 266 6.43 -4.72 -16.82
N PRO B 267 6.80 -4.94 -15.54
CA PRO B 267 5.79 -4.86 -14.46
C PRO B 267 5.14 -3.47 -14.27
N GLN B 268 5.87 -2.40 -14.55
CA GLN B 268 5.32 -1.03 -14.65
C GLN B 268 4.90 -0.56 -16.06
N GLY B 269 4.96 -1.42 -17.07
CA GLY B 269 4.64 -1.03 -18.45
C GLY B 269 3.14 -1.09 -18.73
N THR B 270 2.70 -0.35 -19.74
CA THR B 270 1.31 -0.35 -20.18
C THR B 270 1.11 -0.73 -21.64
N ASN B 271 2.19 -0.89 -22.40
CA ASN B 271 2.07 -1.22 -23.82
C ASN B 271 1.59 -2.67 -23.95
N GLN B 272 0.63 -2.90 -24.84
CA GLN B 272 0.10 -4.26 -25.08
C GLN B 272 0.76 -5.02 -26.22
N LEU B 273 1.60 -4.33 -27.00
CA LEU B 273 2.08 -4.87 -28.24
C LEU B 273 3.35 -5.70 -28.08
N CYS B 274 3.56 -6.55 -29.08
CA CYS B 274 4.79 -7.32 -29.22
C CYS B 274 5.30 -7.10 -30.62
N SER B 275 6.58 -6.76 -30.77
CA SER B 275 7.18 -6.66 -32.10
C SER B 275 7.57 -8.05 -32.60
N ILE B 276 7.28 -8.31 -33.88
CA ILE B 276 7.57 -9.57 -34.56
C ILE B 276 8.22 -9.27 -35.90
N GLY B 277 9.34 -9.93 -36.20
CA GLY B 277 9.96 -9.82 -37.49
C GLY B 277 10.60 -11.13 -37.90
N PHE B 278 10.41 -11.54 -39.14
CA PHE B 278 11.10 -12.73 -39.64
C PHE B 278 11.90 -12.41 -40.87
N GLN B 279 13.09 -13.02 -40.94
CA GLN B 279 14.10 -12.72 -41.95
C GLN B 279 14.51 -14.02 -42.61
N PHE B 280 14.75 -13.97 -43.92
CA PHE B 280 15.33 -15.09 -44.64
C PHE B 280 16.68 -14.75 -45.24
N ASN B 281 17.58 -15.72 -45.17
CA ASN B 281 18.74 -15.79 -46.05
C ASN B 281 18.26 -16.08 -47.46
N ASN B 282 18.31 -15.06 -48.32
CA ASN B 282 17.83 -15.16 -49.70
C ASN B 282 18.56 -16.23 -50.53
N ALA B 283 19.79 -16.58 -50.16
CA ALA B 283 20.53 -17.67 -50.81
C ALA B 283 19.95 -19.06 -50.50
N LYS B 284 19.19 -19.19 -49.40
CA LYS B 284 18.53 -20.45 -49.04
C LYS B 284 17.01 -20.47 -49.24
N TYR B 285 16.33 -19.35 -49.02
CA TYR B 285 14.89 -19.27 -49.27
C TYR B 285 14.52 -17.87 -49.71
N ARG B 286 13.86 -17.78 -50.87
CA ARG B 286 13.31 -16.53 -51.36
C ARG B 286 11.80 -16.57 -51.26
N PRO B 287 11.19 -15.66 -50.49
CA PRO B 287 9.73 -15.67 -50.38
C PRO B 287 9.08 -15.24 -51.69
N THR B 288 7.88 -15.75 -51.96
CA THR B 288 7.18 -15.46 -53.21
C THR B 288 5.77 -14.90 -53.07
N GLU B 289 5.20 -14.98 -51.87
CA GLU B 289 3.79 -14.65 -51.65
C GLU B 289 3.68 -13.46 -50.69
N ALA B 290 2.45 -12.98 -50.50
CA ALA B 290 2.15 -11.87 -49.60
C ALA B 290 2.65 -12.14 -48.18
N PRO B 291 3.01 -11.08 -47.42
CA PRO B 291 3.60 -11.30 -46.09
C PRO B 291 2.83 -12.26 -45.17
N GLU B 292 1.51 -12.11 -45.09
CA GLU B 292 0.73 -12.96 -44.19
C GLU B 292 0.75 -14.44 -44.64
N ILE B 293 0.78 -14.69 -45.94
CA ILE B 293 0.89 -16.05 -46.46
C ILE B 293 2.28 -16.62 -46.11
N GLU B 294 3.32 -15.82 -46.32
CA GLU B 294 4.68 -16.25 -45.94
C GLU B 294 4.79 -16.54 -44.44
N PHE B 295 4.13 -15.72 -43.63
CA PHE B 295 4.11 -15.96 -42.19
C PHE B 295 3.45 -17.30 -41.85
N ARG B 296 2.31 -17.60 -42.47
CA ARG B 296 1.61 -18.88 -42.18
C ARG B 296 2.43 -20.07 -42.67
N LYS B 297 3.05 -19.95 -43.83
CA LYS B 297 3.96 -20.98 -44.35
C LYS B 297 5.10 -21.24 -43.36
N LEU B 298 5.64 -20.17 -42.78
CA LEU B 298 6.69 -20.31 -41.76
C LEU B 298 6.24 -21.05 -40.51
N LEU B 299 5.05 -20.71 -40.02
CA LEU B 299 4.49 -21.38 -38.84
C LEU B 299 4.11 -22.85 -39.10
N LYS B 300 3.74 -23.22 -40.34
CA LYS B 300 3.51 -24.64 -40.68
C LYS B 300 4.84 -25.39 -40.66
N LYS B 301 5.86 -24.77 -41.25
CA LYS B 301 7.23 -25.30 -41.24
C LYS B 301 7.80 -25.48 -39.83
N TYR B 302 7.54 -24.51 -38.94
CA TYR B 302 8.05 -24.53 -37.55
C TYR B 302 6.89 -24.37 -36.55
N PRO B 303 6.11 -25.44 -36.34
CA PRO B 303 4.95 -25.38 -35.44
C PRO B 303 5.24 -24.92 -34.01
N ALA B 304 6.45 -25.14 -33.51
CA ALA B 304 6.82 -24.63 -32.19
C ALA B 304 6.72 -23.09 -32.14
N ILE B 305 7.26 -22.43 -33.16
CA ILE B 305 7.15 -20.99 -33.30
C ILE B 305 5.69 -20.59 -33.40
N GLY B 306 4.92 -21.33 -34.19
CA GLY B 306 3.47 -21.12 -34.30
C GLY B 306 2.68 -21.06 -33.00
N GLU B 307 3.19 -21.69 -31.95
CA GLU B 307 2.52 -21.68 -30.64
C GLU B 307 2.42 -20.30 -29.99
N HIS B 308 3.27 -19.37 -30.38
CA HIS B 308 3.18 -17.98 -29.92
C HIS B 308 1.91 -17.27 -30.41
N PHE B 309 1.37 -17.73 -31.54
CA PHE B 309 0.47 -16.93 -32.36
C PHE B 309 -0.97 -17.44 -32.49
N LYS B 310 -1.35 -18.44 -31.70
CA LYS B 310 -2.71 -19.04 -31.79
C LYS B 310 -3.86 -18.05 -31.60
N ASP B 311 -3.69 -17.11 -30.67
CA ASP B 311 -4.67 -16.04 -30.40
C ASP B 311 -4.21 -14.65 -30.86
N ALA B 312 -3.09 -14.59 -31.59
CA ALA B 312 -2.46 -13.32 -31.89
C ALA B 312 -3.21 -12.63 -33.03
N VAL B 313 -3.22 -11.31 -32.99
CA VAL B 313 -3.76 -10.55 -34.11
C VAL B 313 -2.79 -9.44 -34.44
N ASN B 314 -2.70 -9.15 -35.72
CA ASN B 314 -1.81 -8.13 -36.21
C ASN B 314 -2.38 -6.75 -35.88
N ALA B 315 -1.56 -5.84 -35.35
CA ALA B 315 -2.01 -4.47 -35.03
C ALA B 315 -1.52 -3.43 -36.03
N ARG B 316 -0.75 -3.86 -37.03
CA ARG B 316 -0.28 -3.04 -38.15
C ARG B 316 -0.29 -3.87 -39.41
N GLU B 317 -0.07 -3.24 -40.55
CA GLU B 317 0.23 -3.97 -41.77
C GLU B 317 1.65 -4.48 -41.69
N TRP B 318 1.87 -5.70 -42.17
CA TRP B 318 3.20 -6.20 -42.43
C TRP B 318 3.96 -5.27 -43.38
N ILE B 319 5.25 -5.10 -43.13
CA ILE B 319 6.15 -4.46 -44.08
C ILE B 319 7.15 -5.52 -44.53
N TYR B 320 7.36 -5.62 -45.85
CA TYR B 320 8.36 -6.52 -46.44
C TYR B 320 9.46 -5.71 -47.08
N ALA B 321 10.72 -6.08 -46.81
CA ALA B 321 11.89 -5.47 -47.44
C ALA B 321 12.69 -6.61 -48.09
N PRO B 322 12.78 -6.63 -49.44
CA PRO B 322 13.42 -7.80 -50.10
C PRO B 322 14.95 -7.92 -49.96
N ARG B 323 15.65 -6.80 -49.83
CA ARG B 323 17.12 -6.81 -49.59
C ARG B 323 17.44 -5.72 -48.59
N ILE B 324 17.69 -6.11 -47.35
CA ILE B 324 17.94 -5.13 -46.28
C ILE B 324 19.40 -4.71 -46.13
N ASN B 325 20.31 -5.33 -46.89
CA ASN B 325 21.75 -5.14 -46.70
C ASN B 325 22.30 -4.18 -47.75
N TYR B 326 23.13 -3.24 -47.32
CA TYR B 326 23.84 -2.34 -48.22
C TYR B 326 25.05 -1.77 -47.48
N ARG B 327 26.00 -1.26 -48.25
CA ARG B 327 27.15 -0.56 -47.67
C ARG B 327 27.44 0.62 -48.59
N SER B 328 28.42 1.43 -48.21
CA SER B 328 28.87 2.56 -49.03
C SER B 328 30.38 2.60 -49.09
N VAL B 329 30.89 3.07 -50.23
CA VAL B 329 32.34 3.17 -50.46
C VAL B 329 32.99 4.33 -49.69
N GLN B 330 32.20 5.37 -49.41
CA GLN B 330 32.62 6.54 -48.64
C GLN B 330 31.38 7.08 -47.95
N ASN B 331 31.54 7.87 -46.89
CA ASN B 331 30.38 8.49 -46.26
C ASN B 331 30.56 9.87 -45.65
N VAL B 332 31.71 10.50 -45.91
CA VAL B 332 31.96 11.89 -45.54
C VAL B 332 32.58 12.63 -46.70
N GLY B 333 32.34 13.93 -46.74
CA GLY B 333 32.97 14.84 -47.69
C GLY B 333 33.33 16.12 -46.99
N ASP B 334 33.68 17.14 -47.77
CA ASP B 334 33.95 18.45 -47.21
C ASP B 334 32.77 19.00 -46.44
N ARG B 335 31.56 18.79 -46.96
CA ARG B 335 30.37 19.43 -46.44
C ARG B 335 29.26 18.45 -46.06
N PHE B 336 29.57 17.16 -45.93
CA PHE B 336 28.53 16.19 -45.55
C PHE B 336 29.06 15.03 -44.74
N CYS B 337 28.15 14.43 -43.98
CA CYS B 337 28.39 13.12 -43.40
C CYS B 337 27.08 12.36 -43.46
N LEU B 338 27.16 11.13 -43.94
CA LEU B 338 26.04 10.19 -43.88
C LEU B 338 26.19 9.41 -42.59
N LEU B 339 25.17 9.46 -41.73
CA LEU B 339 25.16 8.61 -40.54
C LEU B 339 25.01 7.14 -40.95
N PRO B 340 25.26 6.19 -40.02
CA PRO B 340 25.32 4.78 -40.41
C PRO B 340 24.11 4.25 -41.18
N GLN B 341 22.90 4.57 -40.76
CA GLN B 341 21.72 4.06 -41.44
C GLN B 341 21.65 4.55 -42.92
N ALA B 342 22.17 5.74 -43.21
CA ALA B 342 22.30 6.22 -44.59
C ALA B 342 23.51 5.65 -45.36
N THR B 343 24.41 4.97 -44.65
CA THR B 343 25.67 4.45 -45.19
C THR B 343 25.60 2.95 -45.43
N GLY B 344 25.20 2.21 -44.39
CA GLY B 344 25.19 0.77 -44.46
C GLY B 344 24.37 0.14 -43.35
N PHE B 345 23.84 -1.03 -43.66
CA PHE B 345 23.06 -1.81 -42.73
C PHE B 345 23.19 -3.26 -43.15
N ILE B 346 23.21 -4.16 -42.17
CA ILE B 346 23.37 -5.59 -42.45
C ILE B 346 22.09 -6.36 -42.12
N ASP B 347 21.69 -6.38 -40.85
CA ASP B 347 20.56 -7.21 -40.42
C ASP B 347 20.10 -6.77 -39.04
N PRO B 348 18.83 -7.04 -38.69
CA PRO B 348 18.46 -6.81 -37.29
C PRO B 348 19.18 -7.73 -36.27
N LEU B 349 19.75 -8.85 -36.71
CA LEU B 349 20.37 -9.80 -35.81
C LEU B 349 21.52 -9.20 -34.99
N PHE B 350 21.37 -9.28 -33.67
CA PHE B 350 22.30 -8.72 -32.67
C PHE B 350 22.17 -7.22 -32.45
N SER B 351 21.30 -6.57 -33.21
CA SER B 351 20.95 -5.18 -32.99
C SER B 351 22.18 -4.25 -33.02
N ARG B 352 23.05 -4.46 -34.00
CA ARG B 352 24.27 -3.66 -34.13
C ARG B 352 24.00 -2.29 -34.74
N GLY B 353 22.89 -2.13 -35.45
CA GLY B 353 22.54 -0.86 -36.08
C GLY B 353 22.50 0.32 -35.13
N LEU B 354 21.82 0.15 -33.99
CA LEU B 354 21.72 1.22 -32.98
C LEU B 354 23.07 1.55 -32.35
N ILE B 355 23.89 0.52 -32.17
CA ILE B 355 25.23 0.71 -31.61
C ILE B 355 26.07 1.56 -32.55
N THR B 356 26.11 1.17 -33.81
CA THR B 356 26.87 1.90 -34.82
C THR B 356 26.40 3.35 -34.90
N THR B 357 25.09 3.53 -34.92
CA THR B 357 24.48 4.86 -35.01
C THR B 357 24.93 5.77 -33.86
N PHE B 358 24.74 5.32 -32.63
CA PHE B 358 25.06 6.16 -31.50
C PHE B 358 26.56 6.47 -31.40
N GLU B 359 27.39 5.48 -31.73
CA GLU B 359 28.84 5.71 -31.70
C GLU B 359 29.25 6.70 -32.78
N SER B 360 28.64 6.62 -33.95
CA SER B 360 28.98 7.55 -35.04
C SER B 360 28.67 9.00 -34.67
N ILE B 361 27.51 9.21 -34.06
CA ILE B 361 27.12 10.54 -33.59
C ILE B 361 28.15 11.08 -32.58
N LEU B 362 28.53 10.21 -31.64
CA LEU B 362 29.50 10.55 -30.61
C LEU B 362 30.88 10.91 -31.20
N ARG B 363 31.27 10.24 -32.28
CA ARG B 363 32.51 10.59 -32.98
C ARG B 363 32.38 11.82 -33.86
N LEU B 364 31.23 11.99 -34.50
CA LEU B 364 31.03 13.05 -35.46
C LEU B 364 30.86 14.41 -34.82
N ALA B 365 30.02 14.47 -33.80
CA ALA B 365 29.56 15.76 -33.28
C ALA B 365 30.72 16.68 -32.85
N PRO B 366 31.72 16.18 -32.12
CA PRO B 366 32.84 17.08 -31.76
C PRO B 366 33.62 17.61 -32.97
N LYS B 367 33.68 16.86 -34.05
CA LYS B 367 34.40 17.28 -35.26
C LYS B 367 33.60 18.36 -36.02
N VAL B 368 32.27 18.23 -36.02
CA VAL B 368 31.40 19.25 -36.60
C VAL B 368 31.53 20.57 -35.81
N LEU B 369 31.56 20.45 -34.49
CA LEU B 369 31.77 21.62 -33.64
C LEU B 369 33.11 22.31 -33.88
N ASP B 370 34.18 21.52 -33.99
CA ASP B 370 35.51 22.03 -34.37
C ASP B 370 35.51 22.76 -35.68
N ALA B 371 34.90 22.14 -36.69
CA ALA B 371 34.76 22.69 -38.05
C ALA B 371 34.02 24.03 -38.07
N ALA B 372 32.90 24.10 -37.35
CA ALA B 372 32.08 25.32 -37.28
C ALA B 372 32.77 26.43 -36.49
N ARG B 373 33.59 26.07 -35.51
CA ARG B 373 34.32 27.05 -34.72
C ARG B 373 35.57 27.57 -35.42
N SER B 374 36.21 26.74 -36.25
CA SER B 374 37.39 27.12 -37.03
C SER B 374 37.06 27.56 -38.45
N ASN B 375 35.80 27.39 -38.86
CA ASN B 375 35.36 27.57 -40.24
C ASN B 375 36.23 26.85 -41.29
N ARG B 376 36.54 25.58 -41.01
CA ARG B 376 37.25 24.71 -41.93
C ARG B 376 36.39 23.50 -42.21
N TRP B 377 36.16 23.21 -43.48
CA TRP B 377 35.27 22.15 -43.93
C TRP B 377 35.96 21.34 -45.03
N GLN B 378 36.73 20.34 -44.60
CA GLN B 378 37.48 19.46 -45.51
C GLN B 378 37.24 18.00 -45.12
N ARG B 379 37.00 17.15 -46.14
CA ARG B 379 36.80 15.70 -45.96
C ARG B 379 37.73 15.09 -44.91
N GLU B 380 39.02 15.44 -44.99
CA GLU B 380 40.06 14.88 -44.12
C GLU B 380 39.76 15.01 -42.62
N GLN B 381 39.08 16.08 -42.24
CA GLN B 381 38.68 16.29 -40.84
C GLN B 381 37.73 15.21 -40.32
N PHE B 382 36.97 14.56 -41.22
CA PHE B 382 35.92 13.63 -40.82
C PHE B 382 36.29 12.18 -41.16
N ILE B 383 37.54 11.93 -41.53
CA ILE B 383 37.94 10.62 -42.03
C ILE B 383 37.80 9.50 -40.98
N GLU B 384 37.98 9.80 -39.69
CA GLU B 384 37.81 8.78 -38.64
C GLU B 384 36.35 8.35 -38.41
N VAL B 385 35.41 9.22 -38.79
CA VAL B 385 33.98 8.91 -38.75
C VAL B 385 33.70 7.87 -39.83
N GLU B 386 34.22 8.12 -41.03
CA GLU B 386 34.14 7.14 -42.13
C GLU B 386 34.81 5.83 -41.78
N ARG B 387 36.01 5.89 -41.23
CA ARG B 387 36.74 4.67 -40.88
C ARG B 387 35.92 3.82 -39.90
N HIS B 388 35.41 4.48 -38.86
CA HIS B 388 34.58 3.80 -37.89
C HIS B 388 33.35 3.16 -38.55
N CYS B 389 32.62 3.94 -39.33
CA CYS B 389 31.35 3.47 -39.86
C CYS B 389 31.54 2.34 -40.88
N LEU B 390 32.48 2.49 -41.80
CA LEU B 390 32.71 1.44 -42.81
C LEU B 390 33.26 0.15 -42.17
N ASN B 391 34.15 0.28 -41.19
CA ASN B 391 34.66 -0.91 -40.46
C ASN B 391 33.55 -1.59 -39.64
N ALA B 392 32.67 -0.79 -39.04
CA ALA B 392 31.52 -1.34 -38.28
C ALA B 392 30.59 -2.14 -39.18
N VAL B 393 30.30 -1.61 -40.34
CA VAL B 393 29.43 -2.29 -41.29
C VAL B 393 30.11 -3.59 -41.80
N ALA B 394 31.42 -3.54 -42.08
CA ALA B 394 32.15 -4.75 -42.52
C ALA B 394 32.15 -5.83 -41.44
N THR B 395 32.43 -5.42 -40.20
CA THR B 395 32.39 -6.35 -39.06
C THR B 395 31.00 -6.93 -38.86
N ASN B 396 29.99 -6.08 -38.97
CA ASN B 396 28.59 -6.49 -38.84
C ASN B 396 28.24 -7.53 -39.91
N ASP B 397 28.73 -7.29 -41.13
CA ASP B 397 28.55 -8.23 -42.24
C ASP B 397 29.14 -9.61 -41.93
N GLN B 398 30.35 -9.63 -41.40
CA GLN B 398 31.01 -10.89 -41.06
C GLN B 398 30.28 -11.58 -39.88
N LEU B 399 29.99 -10.81 -38.83
CA LEU B 399 29.24 -11.34 -37.67
C LEU B 399 27.95 -12.04 -38.07
N VAL B 400 27.16 -11.35 -38.89
CA VAL B 400 25.82 -11.79 -39.26
C VAL B 400 25.87 -12.94 -40.28
N SER B 401 26.64 -12.79 -41.36
CA SER B 401 26.73 -13.89 -42.34
C SER B 401 27.20 -15.21 -41.69
N CYS B 402 28.21 -15.14 -40.83
CA CYS B 402 28.68 -16.33 -40.12
C CYS B 402 27.64 -16.86 -39.14
N SER B 403 26.89 -15.96 -38.49
CA SER B 403 25.73 -16.35 -37.69
C SER B 403 24.64 -17.08 -38.49
N TYR B 404 24.25 -16.56 -39.64
CA TYR B 404 23.28 -17.27 -40.50
C TYR B 404 23.76 -18.68 -40.88
N GLU B 405 25.07 -18.87 -41.06
CA GLU B 405 25.60 -20.21 -41.32
C GLU B 405 25.46 -21.10 -40.07
N ALA B 406 25.75 -20.55 -38.90
CA ALA B 406 25.63 -21.28 -37.65
C ALA B 406 24.19 -21.64 -37.25
N PHE B 407 23.20 -20.99 -37.87
CA PHE B 407 21.79 -21.38 -37.72
C PHE B 407 21.49 -22.84 -38.14
N SER B 408 22.39 -23.45 -38.91
CA SER B 408 22.16 -24.81 -39.44
C SER B 408 22.07 -25.92 -38.37
N ASP B 409 22.57 -25.69 -37.17
CA ASP B 409 22.63 -26.74 -36.15
C ASP B 409 22.67 -26.13 -34.76
N PHE B 410 21.94 -26.69 -33.79
CA PHE B 410 21.92 -26.09 -32.46
C PHE B 410 23.28 -26.11 -31.76
N HIS B 411 23.95 -27.27 -31.80
CA HIS B 411 25.25 -27.37 -31.12
C HIS B 411 26.25 -26.39 -31.73
N LEU B 412 26.25 -26.27 -33.06
CA LEU B 412 27.08 -25.27 -33.74
C LEU B 412 26.73 -23.85 -33.27
N TRP B 413 25.43 -23.52 -33.25
CA TRP B 413 25.00 -22.22 -32.74
C TRP B 413 25.49 -21.96 -31.31
N ASN B 414 25.38 -22.97 -30.47
CA ASN B 414 25.78 -22.85 -29.07
C ASN B 414 27.27 -22.50 -28.97
N VAL B 415 28.10 -23.18 -29.74
CA VAL B 415 29.53 -22.85 -29.75
C VAL B 415 29.77 -21.44 -30.32
N TRP B 416 29.21 -21.20 -31.50
CA TRP B 416 29.40 -19.92 -32.21
C TRP B 416 28.96 -18.67 -31.37
N HIS B 417 27.85 -18.77 -30.64
CA HIS B 417 27.30 -17.57 -29.97
C HIS B 417 28.29 -17.04 -28.92
N ARG B 418 29.17 -17.91 -28.43
CA ARG B 418 30.23 -17.48 -27.54
C ARG B 418 31.25 -16.54 -28.18
N VAL B 419 31.46 -16.62 -29.48
CA VAL B 419 32.36 -15.70 -30.19
C VAL B 419 31.75 -14.30 -30.18
N TRP B 420 30.47 -14.21 -30.53
CA TRP B 420 29.74 -12.94 -30.38
C TRP B 420 29.76 -12.44 -28.93
N LEU B 421 29.38 -13.30 -27.98
CA LEU B 421 29.20 -12.86 -26.59
C LEU B 421 30.49 -12.33 -25.97
N SER B 422 31.60 -13.03 -26.15
CA SER B 422 32.87 -12.58 -25.58
C SER B 422 33.30 -11.23 -26.17
N GLY B 423 33.06 -11.05 -27.47
CA GLY B 423 33.37 -9.79 -28.15
C GLY B 423 32.57 -8.64 -27.61
N SER B 424 31.25 -8.83 -27.62
CA SER B 424 30.32 -7.85 -27.09
C SER B 424 30.61 -7.50 -25.63
N ASN B 425 30.88 -8.51 -24.79
CA ASN B 425 31.23 -8.24 -23.38
C ASN B 425 32.49 -7.39 -23.24
N LEU B 426 33.50 -7.65 -24.06
CA LEU B 426 34.72 -6.83 -24.06
C LEU B 426 34.46 -5.39 -24.51
N GLY B 427 33.68 -5.22 -25.58
CA GLY B 427 33.35 -3.90 -26.10
C GLY B 427 32.56 -3.08 -25.11
N SER B 428 31.58 -3.72 -24.46
CA SER B 428 30.77 -3.05 -23.44
C SER B 428 31.63 -2.60 -22.28
N ALA B 429 32.54 -3.48 -21.83
CA ALA B 429 33.43 -3.12 -20.73
C ALA B 429 34.36 -1.95 -21.10
N PHE B 430 34.83 -1.89 -22.35
CA PHE B 430 35.65 -0.76 -22.82
C PHE B 430 34.87 0.55 -22.80
N LEU B 431 33.65 0.53 -23.30
CA LEU B 431 32.79 1.71 -23.28
C LEU B 431 32.46 2.15 -21.85
N GLN B 432 32.21 1.18 -20.98
CA GLN B 432 32.02 1.45 -19.56
C GLN B 432 33.23 2.16 -18.93
N LYS B 433 34.42 1.70 -19.28
CA LYS B 433 35.68 2.31 -18.83
C LYS B 433 35.83 3.74 -19.35
N LEU B 434 35.52 3.96 -20.62
CA LEU B 434 35.53 5.31 -21.19
C LEU B 434 34.57 6.25 -20.43
N LEU B 435 33.37 5.75 -20.14
CA LEU B 435 32.35 6.56 -19.44
C LEU B 435 32.82 6.92 -18.03
N HIS B 436 33.46 5.95 -17.39
CA HIS B 436 33.99 6.13 -16.06
C HIS B 436 35.11 7.19 -16.03
N ASP B 437 36.05 7.09 -16.96
CA ASP B 437 37.15 8.08 -17.08
C ASP B 437 36.61 9.46 -17.43
N LEU B 438 35.60 9.52 -18.30
CA LEU B 438 34.96 10.80 -18.66
C LEU B 438 34.28 11.45 -17.45
N GLU B 439 33.55 10.66 -16.68
CA GLU B 439 32.87 11.20 -15.49
C GLU B 439 33.86 11.72 -14.43
N HIS B 440 35.00 11.05 -14.31
CA HIS B 440 36.00 11.44 -13.33
C HIS B 440 36.90 12.59 -13.75
N SER B 441 37.33 12.60 -15.01
CA SER B 441 38.20 13.66 -15.49
C SER B 441 37.44 14.94 -15.84
N GLY B 442 36.18 14.79 -16.27
CA GLY B 442 35.46 15.84 -16.97
C GLY B 442 36.11 16.27 -18.29
N ASP B 443 37.04 15.47 -18.82
CA ASP B 443 37.89 15.89 -19.94
C ASP B 443 37.33 15.31 -21.23
N ALA B 444 36.53 16.11 -21.91
CA ALA B 444 35.88 15.72 -23.16
C ALA B 444 36.89 15.44 -24.29
N ARG B 445 37.92 16.28 -24.38
CA ARG B 445 38.97 16.13 -25.39
C ARG B 445 39.68 14.79 -25.22
N GLN B 446 40.01 14.47 -23.97
CA GLN B 446 40.61 13.18 -23.63
C GLN B 446 39.71 12.02 -24.01
N PHE B 447 38.40 12.14 -23.74
CA PHE B 447 37.47 11.08 -24.13
C PHE B 447 37.47 10.90 -25.66
N ASP B 448 37.32 11.99 -26.41
CA ASP B 448 37.25 11.94 -27.86
C ASP B 448 38.51 11.25 -28.45
N ALA B 449 39.68 11.63 -27.92
CA ALA B 449 40.96 11.05 -28.35
C ALA B 449 41.07 9.56 -28.01
N ALA B 450 40.58 9.16 -26.83
CA ALA B 450 40.65 7.77 -26.40
C ALA B 450 39.76 6.88 -27.23
N LEU B 451 38.54 7.34 -27.52
CA LEU B 451 37.67 6.62 -28.46
C LEU B 451 38.30 6.49 -29.85
N GLU B 452 38.96 7.56 -30.30
CA GLU B 452 39.55 7.57 -31.62
C GLU B 452 40.82 6.71 -31.72
N ALA B 453 41.51 6.54 -30.60
CA ALA B 453 42.79 5.83 -30.57
C ALA B 453 42.64 4.30 -30.45
N VAL B 454 41.41 3.78 -30.38
CA VAL B 454 41.23 2.32 -30.29
C VAL B 454 41.80 1.66 -31.54
N ARG B 455 42.41 0.48 -31.36
CA ARG B 455 43.08 -0.22 -32.45
C ARG B 455 42.12 -0.79 -33.46
N PHE B 456 40.91 -1.14 -33.02
CA PHE B 456 39.96 -1.83 -33.87
C PHE B 456 38.61 -1.11 -33.90
N PRO B 457 38.59 0.14 -34.42
CA PRO B 457 37.32 0.87 -34.48
C PRO B 457 36.32 0.11 -35.35
N GLY B 458 35.08 0.01 -34.86
CA GLY B 458 34.04 -0.74 -35.54
C GLY B 458 33.99 -2.23 -35.25
N CYS B 459 34.94 -2.75 -34.49
CA CYS B 459 34.99 -4.17 -34.16
C CYS B 459 34.41 -4.39 -32.78
N LEU B 460 33.98 -5.62 -32.51
CA LEU B 460 33.17 -5.88 -31.32
C LEU B 460 33.86 -5.50 -30.02
N SER B 461 35.16 -5.75 -29.92
CA SER B 461 35.89 -5.46 -28.68
C SER B 461 36.45 -4.04 -28.59
N LEU B 462 36.46 -3.32 -29.72
CA LEU B 462 37.12 -2.01 -29.88
C LEU B 462 38.64 -2.03 -29.79
N ASP B 463 39.19 -2.69 -28.77
CA ASP B 463 40.64 -2.62 -28.50
C ASP B 463 41.33 -3.88 -27.94
N SER B 464 40.71 -5.05 -28.08
CA SER B 464 41.33 -6.32 -27.63
C SER B 464 41.91 -7.11 -28.81
N PRO B 465 43.25 -7.05 -29.02
CA PRO B 465 43.79 -7.82 -30.15
C PRO B 465 43.49 -9.33 -30.10
N ALA B 466 43.56 -9.90 -28.91
CA ALA B 466 43.27 -11.35 -28.74
C ALA B 466 41.85 -11.66 -29.19
N TYR B 467 40.88 -10.87 -28.75
CA TYR B 467 39.51 -11.10 -29.19
C TYR B 467 39.38 -11.00 -30.71
N GLU B 468 39.95 -9.96 -31.32
CA GLU B 468 39.80 -9.75 -32.75
C GLU B 468 40.43 -10.89 -33.57
N SER B 469 41.51 -11.46 -33.04
CA SER B 469 42.09 -12.68 -33.58
C SER B 469 41.10 -13.84 -33.54
N LEU B 470 40.45 -14.03 -32.39
CA LEU B 470 39.43 -15.07 -32.25
C LEU B 470 38.30 -14.87 -33.26
N PHE B 471 37.85 -13.61 -33.39
CA PHE B 471 36.77 -13.28 -34.32
C PHE B 471 37.15 -13.54 -35.77
N ARG B 472 38.32 -13.05 -36.20
CA ARG B 472 38.78 -13.27 -37.58
C ARG B 472 38.86 -14.78 -37.86
N GLN B 473 39.47 -15.51 -36.94
CA GLN B 473 39.73 -16.94 -37.16
C GLN B 473 38.44 -17.76 -37.13
N SER B 474 37.53 -17.39 -36.25
CA SER B 474 36.22 -18.04 -36.18
C SER B 474 35.40 -17.77 -37.43
N CYS B 475 35.39 -16.54 -37.91
CA CYS B 475 34.70 -16.22 -39.18
C CYS B 475 35.28 -17.00 -40.36
N GLN B 476 36.61 -17.15 -40.43
CA GLN B 476 37.25 -17.99 -41.46
C GLN B 476 36.78 -19.44 -41.40
N VAL B 477 36.70 -19.99 -40.19
CA VAL B 477 36.18 -21.35 -40.00
C VAL B 477 34.76 -21.46 -40.56
N MET B 478 33.91 -20.51 -40.23
CA MET B 478 32.51 -20.52 -40.69
C MET B 478 32.37 -20.32 -42.19
N GLN B 479 33.16 -19.42 -42.78
CA GLN B 479 33.09 -19.21 -44.23
C GLN B 479 33.55 -20.44 -45.02
N GLN B 480 34.61 -21.08 -44.54
CA GLN B 480 35.09 -22.34 -45.12
C GLN B 480 34.06 -23.46 -44.99
N ALA B 481 33.41 -23.54 -43.82
CA ALA B 481 32.34 -24.49 -43.54
C ALA B 481 31.15 -24.34 -44.49
N ARG B 482 30.75 -23.11 -44.80
CA ARG B 482 29.69 -22.86 -45.78
C ARG B 482 30.18 -23.25 -47.18
N GLU B 483 31.35 -22.72 -47.57
CA GLU B 483 31.92 -22.98 -48.91
C GLU B 483 31.98 -24.46 -49.25
N GLN B 484 32.44 -25.27 -48.29
CA GLN B 484 32.75 -26.68 -48.54
C GLN B 484 31.83 -27.65 -47.79
N ALA B 485 30.64 -27.18 -47.42
CA ALA B 485 29.65 -27.97 -46.70
C ALA B 485 30.28 -28.94 -45.69
N ARG B 486 31.07 -28.40 -44.76
CA ARG B 486 31.74 -29.19 -43.74
C ARG B 486 30.72 -29.74 -42.74
N PRO B 487 31.02 -30.90 -42.12
CA PRO B 487 30.11 -31.40 -41.09
C PRO B 487 30.03 -30.45 -39.90
N VAL B 488 28.82 -30.20 -39.43
CA VAL B 488 28.58 -29.24 -38.33
C VAL B 488 29.32 -29.59 -37.03
N ALA B 489 29.50 -30.89 -36.76
CA ALA B 489 30.29 -31.32 -35.60
C ALA B 489 31.76 -30.88 -35.69
N GLU B 490 32.33 -30.95 -36.89
CA GLU B 490 33.72 -30.54 -37.13
C GLU B 490 33.89 -29.04 -36.94
N THR B 491 32.97 -28.29 -37.53
CA THR B 491 32.97 -26.83 -37.45
C THR B 491 32.87 -26.38 -35.99
N ALA B 492 31.94 -26.98 -35.26
CA ALA B 492 31.76 -26.71 -33.83
C ALA B 492 33.03 -26.96 -33.02
N ASN B 493 33.69 -28.10 -33.28
CA ASN B 493 34.91 -28.41 -32.56
C ASN B 493 36.03 -27.40 -32.84
N ALA B 494 36.19 -27.00 -34.10
CA ALA B 494 37.20 -26.04 -34.50
C ALA B 494 37.01 -24.71 -33.78
N LEU B 495 35.76 -24.24 -33.75
CA LEU B 495 35.41 -23.04 -32.98
C LEU B 495 35.72 -23.21 -31.51
N HIS B 496 35.37 -24.38 -30.96
CA HIS B 496 35.60 -24.67 -29.55
C HIS B 496 37.09 -24.58 -29.18
N GLU B 497 37.94 -25.15 -30.04
CA GLU B 497 39.40 -25.06 -29.90
C GLU B 497 39.92 -23.62 -29.96
N LEU B 498 39.39 -22.82 -30.88
CA LEU B 498 39.75 -21.39 -30.96
C LEU B 498 39.36 -20.64 -29.68
N ILE B 499 38.17 -20.91 -29.14
CA ILE B 499 37.74 -20.25 -27.90
C ILE B 499 38.68 -20.62 -26.74
N LYS B 500 38.98 -21.90 -26.62
CA LYS B 500 39.93 -22.38 -25.61
C LYS B 500 41.32 -21.74 -25.74
N GLU B 501 41.80 -21.64 -26.97
CA GLU B 501 43.09 -21.00 -27.25
C GLU B 501 43.16 -19.54 -26.81
N HIS B 502 42.07 -18.79 -26.96
CA HIS B 502 42.06 -17.35 -26.65
C HIS B 502 41.45 -17.01 -25.29
N GLU B 503 40.98 -18.02 -24.55
CA GLU B 503 40.14 -17.79 -23.38
C GLU B 503 40.82 -17.00 -22.28
N ALA B 504 42.13 -17.18 -22.13
CA ALA B 504 42.87 -16.43 -21.12
C ALA B 504 42.82 -14.92 -21.33
N GLU B 505 42.60 -14.48 -22.58
CA GLU B 505 42.47 -13.05 -22.90
C GLU B 505 41.03 -12.53 -22.96
N LEU B 506 40.04 -13.39 -22.71
CA LEU B 506 38.65 -12.97 -22.71
C LEU B 506 38.27 -12.70 -21.27
N LEU B 507 37.11 -12.09 -21.03
CA LEU B 507 36.64 -11.89 -19.66
C LEU B 507 36.38 -13.26 -19.01
N PRO B 508 36.54 -13.35 -17.67
CA PRO B 508 36.55 -14.66 -17.01
C PRO B 508 35.15 -15.27 -16.77
N LEU B 509 34.44 -15.60 -17.86
CA LEU B 509 33.03 -16.05 -17.80
C LEU B 509 32.82 -17.53 -18.14
N GLY B 510 33.86 -18.26 -18.51
CA GLY B 510 33.72 -19.67 -18.86
C GLY B 510 33.07 -19.88 -20.22
N TYR B 511 33.54 -19.12 -21.19
CA TYR B 511 33.02 -19.21 -22.56
C TYR B 511 33.24 -20.58 -23.20
N SER B 512 34.27 -21.32 -22.77
CA SER B 512 34.54 -22.63 -23.37
C SER B 512 33.74 -23.78 -22.76
N ARG B 513 32.99 -23.53 -21.69
CA ARG B 513 32.13 -24.54 -21.08
C ARG B 513 30.81 -24.68 -21.85
N ILE B 514 30.84 -25.50 -22.89
CA ILE B 514 29.73 -25.62 -23.85
C ILE B 514 28.46 -26.19 -23.22
N SER B 515 28.62 -27.01 -22.18
CA SER B 515 27.48 -27.52 -21.40
C SER B 515 26.69 -26.43 -20.66
N ASN B 516 27.32 -25.30 -20.33
CA ASN B 516 26.62 -24.13 -19.79
C ASN B 516 26.02 -23.29 -20.92
N ARG B 517 24.73 -23.50 -21.17
CA ARG B 517 23.98 -22.75 -22.19
C ARG B 517 23.47 -21.37 -21.73
N PHE B 518 23.75 -20.99 -20.48
CA PHE B 518 23.31 -19.71 -19.92
C PHE B 518 24.49 -19.00 -19.24
N ILE B 519 25.35 -18.38 -20.06
CA ILE B 519 26.62 -17.81 -19.61
C ILE B 519 26.37 -16.51 -18.87
N LEU B 520 26.81 -16.49 -17.60
CA LEU B 520 26.43 -15.45 -16.64
C LEU B 520 27.58 -14.53 -16.25
N LYS B 521 27.21 -13.33 -15.78
CA LYS B 521 28.09 -12.19 -15.47
C LYS B 521 28.36 -11.35 -16.72
N ASN C 22 -17.79 -33.82 48.69
CA ASN C 22 -16.50 -33.18 48.27
C ASN C 22 -16.19 -33.51 46.81
N GLN C 23 -16.40 -32.52 45.94
CA GLN C 23 -16.00 -32.66 44.55
C GLN C 23 -14.55 -32.22 44.41
N TYR C 24 -14.00 -31.48 45.39
CA TYR C 24 -12.58 -31.15 45.37
C TYR C 24 -11.92 -31.52 46.68
N ASP C 25 -10.60 -31.65 46.67
CA ASP C 25 -9.84 -31.78 47.90
C ASP C 25 -9.69 -30.44 48.57
N VAL C 26 -9.27 -29.44 47.80
CA VAL C 26 -8.93 -28.11 48.31
C VAL C 26 -9.52 -27.03 47.42
N ILE C 27 -10.15 -26.04 48.03
CA ILE C 27 -10.55 -24.80 47.36
C ILE C 27 -9.55 -23.72 47.79
N ILE C 28 -9.08 -22.93 46.83
CA ILE C 28 -8.18 -21.83 47.08
C ILE C 28 -8.90 -20.56 46.65
N ILE C 29 -9.00 -19.59 47.55
CA ILE C 29 -9.52 -18.28 47.22
C ILE C 29 -8.35 -17.40 46.82
N GLY C 30 -8.41 -16.88 45.59
CA GLY C 30 -7.39 -15.95 45.08
C GLY C 30 -6.51 -16.63 44.06
N SER C 31 -6.35 -16.02 42.88
CA SER C 31 -5.58 -16.61 41.79
C SER C 31 -4.34 -15.78 41.45
N GLY C 32 -3.89 -14.95 42.40
CA GLY C 32 -2.58 -14.31 42.32
C GLY C 32 -1.46 -15.32 42.51
N ILE C 33 -0.22 -14.83 42.59
CA ILE C 33 0.91 -15.73 42.69
C ILE C 33 0.77 -16.71 43.85
N ALA C 34 0.25 -16.26 44.99
CA ALA C 34 0.12 -17.12 46.16
C ALA C 34 -0.82 -18.31 45.90
N GLY C 35 -2.03 -18.00 45.46
CA GLY C 35 -3.02 -19.03 45.21
C GLY C 35 -2.62 -19.92 44.07
N ALA C 36 -2.00 -19.34 43.03
CA ALA C 36 -1.59 -20.10 41.86
C ALA C 36 -0.47 -21.07 42.20
N LEU C 37 0.54 -20.60 42.95
CA LEU C 37 1.63 -21.50 43.31
C LEU C 37 1.14 -22.60 44.26
N THR C 38 0.25 -22.27 45.19
CA THR C 38 -0.31 -23.28 46.09
C THR C 38 -1.10 -24.34 45.29
N GLY C 39 -1.95 -23.87 44.39
CA GLY C 39 -2.72 -24.74 43.51
C GLY C 39 -1.86 -25.64 42.63
N ALA C 40 -0.74 -25.09 42.14
CA ALA C 40 0.16 -25.86 41.30
C ALA C 40 0.82 -27.01 42.08
N VAL C 41 1.30 -26.74 43.28
CA VAL C 41 2.00 -27.78 44.02
C VAL C 41 1.06 -28.88 44.52
N LEU C 42 -0.16 -28.51 44.91
CA LEU C 42 -1.15 -29.47 45.37
C LEU C 42 -1.69 -30.31 44.22
N ALA C 43 -1.95 -29.67 43.08
CA ALA C 43 -2.42 -30.38 41.87
C ALA C 43 -1.38 -31.35 41.33
N LYS C 44 -0.14 -30.89 41.25
CA LYS C 44 1.02 -31.74 40.90
C LYS C 44 1.09 -33.00 41.77
N SER C 45 0.81 -32.85 43.05
CA SER C 45 0.87 -33.92 44.05
C SER C 45 -0.34 -34.85 44.09
N GLY C 46 -1.33 -34.63 43.22
CA GLY C 46 -2.47 -35.54 43.10
C GLY C 46 -3.76 -35.10 43.74
N LEU C 47 -3.85 -33.83 44.20
CA LEU C 47 -5.09 -33.31 44.73
C LEU C 47 -5.90 -32.65 43.63
N ASN C 48 -7.22 -32.72 43.77
N ASN C 48 -7.23 -32.71 43.76
CA ASN C 48 -8.14 -31.97 42.92
CA ASN C 48 -8.18 -32.01 42.91
C ASN C 48 -8.38 -30.61 43.56
C ASN C 48 -8.42 -30.63 43.53
N VAL C 49 -7.93 -29.59 42.86
CA VAL C 49 -7.88 -28.22 43.38
C VAL C 49 -8.80 -27.33 42.56
N LEU C 50 -9.56 -26.48 43.25
CA LEU C 50 -10.36 -25.43 42.62
C LEU C 50 -9.92 -24.08 43.13
N ILE C 51 -9.44 -23.22 42.22
CA ILE C 51 -9.07 -21.83 42.52
C ILE C 51 -10.24 -20.92 42.14
N LEU C 52 -10.70 -20.11 43.09
CA LEU C 52 -11.78 -19.14 42.88
C LEU C 52 -11.25 -17.74 43.03
N ASP C 53 -11.70 -16.82 42.17
CA ASP C 53 -11.29 -15.43 42.29
C ASP C 53 -12.43 -14.57 41.82
N SER C 54 -12.76 -13.54 42.60
CA SER C 54 -13.72 -12.54 42.15
C SER C 54 -13.15 -11.61 41.09
N ALA C 55 -11.83 -11.46 41.07
CA ALA C 55 -11.13 -10.67 40.05
C ALA C 55 -10.79 -11.56 38.87
N GLN C 56 -10.16 -11.00 37.85
CA GLN C 56 -9.74 -11.81 36.72
C GLN C 56 -8.44 -11.29 36.15
N HIS C 57 -7.66 -12.18 35.55
CA HIS C 57 -6.42 -11.80 34.90
C HIS C 57 -6.73 -11.21 33.52
N PRO C 58 -5.94 -10.27 33.04
CA PRO C 58 -4.78 -9.72 33.73
C PRO C 58 -5.23 -8.67 34.76
N ARG C 59 -4.43 -8.50 35.80
CA ARG C 59 -4.67 -7.38 36.71
C ARG C 59 -3.40 -6.94 37.40
N PHE C 60 -3.45 -5.68 37.80
CA PHE C 60 -2.38 -5.00 38.46
C PHE C 60 -2.23 -5.49 39.90
N SER C 61 -1.00 -5.55 40.38
CA SER C 61 -0.72 -5.77 41.78
C SER C 61 0.64 -5.14 42.08
N VAL C 62 0.81 -4.59 43.29
CA VAL C 62 2.16 -4.30 43.81
C VAL C 62 2.67 -5.52 44.63
N GLY C 63 3.82 -5.38 45.30
CA GLY C 63 4.54 -6.56 45.82
C GLY C 63 5.52 -7.01 44.78
N GLU C 64 6.48 -6.14 44.49
CA GLU C 64 7.27 -6.24 43.28
C GLU C 64 8.75 -6.52 43.49
N ALA C 65 9.30 -6.11 44.64
CA ALA C 65 10.73 -6.26 44.85
C ALA C 65 11.08 -7.66 45.36
N ALA C 66 11.72 -8.49 44.53
CA ALA C 66 12.26 -9.76 44.97
C ALA C 66 13.41 -9.52 45.93
N THR C 67 13.69 -10.54 46.74
CA THR C 67 14.80 -10.50 47.70
C THR C 67 15.61 -11.79 47.53
N PRO C 68 16.83 -11.85 48.09
CA PRO C 68 17.52 -13.16 48.05
C PRO C 68 16.71 -14.28 48.70
N GLU C 69 16.05 -13.98 49.81
CA GLU C 69 15.16 -14.97 50.44
C GLU C 69 14.02 -15.43 49.51
N SER C 70 13.31 -14.50 48.88
CA SER C 70 12.18 -14.91 48.04
C SER C 70 12.66 -15.80 46.90
N GLY C 71 13.83 -15.48 46.34
CA GLY C 71 14.46 -16.28 45.31
C GLY C 71 14.79 -17.71 45.75
N PHE C 72 15.42 -17.85 46.91
CA PHE C 72 15.68 -19.20 47.46
C PHE C 72 14.37 -19.94 47.74
N LEU C 73 13.35 -19.24 48.23
CA LEU C 73 12.07 -19.89 48.53
C LEU C 73 11.36 -20.39 47.26
N LEU C 74 11.43 -19.62 46.18
CA LEU C 74 10.88 -20.07 44.89
C LEU C 74 11.64 -21.29 44.38
N ARG C 75 12.95 -21.29 44.53
CA ARG C 75 13.75 -22.42 44.10
C ARG C 75 13.47 -23.64 44.96
N LEU C 76 13.24 -23.42 46.25
CA LEU C 76 12.83 -24.53 47.15
C LEU C 76 11.45 -25.10 46.76
N LEU C 77 10.46 -24.24 46.51
CA LEU C 77 9.14 -24.70 46.06
C LEU C 77 9.29 -25.55 44.80
N SER C 78 10.08 -25.06 43.84
CA SER C 78 10.30 -25.74 42.56
C SER C 78 10.93 -27.12 42.76
N LYS C 79 11.97 -27.18 43.57
CA LYS C 79 12.69 -28.42 43.83
C LYS C 79 11.88 -29.40 44.68
N ARG C 80 11.27 -28.89 45.75
CA ARG C 80 10.50 -29.71 46.68
C ARG C 80 9.34 -30.43 46.01
N PHE C 81 8.69 -29.77 45.04
CA PHE C 81 7.54 -30.34 44.34
C PHE C 81 7.81 -30.71 42.88
N ASP C 82 9.06 -30.56 42.44
CA ASP C 82 9.49 -30.87 41.07
C ASP C 82 8.61 -30.19 40.02
N ILE C 83 8.59 -28.87 40.09
CA ILE C 83 7.93 -28.06 39.08
C ILE C 83 8.96 -27.03 38.65
N PRO C 84 9.79 -27.39 37.65
CA PRO C 84 10.85 -26.49 37.18
C PRO C 84 10.44 -25.06 36.84
N GLU C 85 9.24 -24.84 36.30
CA GLU C 85 8.82 -23.50 35.93
C GLU C 85 8.73 -22.52 37.08
N ILE C 86 8.45 -23.03 38.29
CA ILE C 86 8.41 -22.13 39.46
C ILE C 86 9.77 -21.47 39.66
N ALA C 87 10.87 -22.20 39.45
CA ALA C 87 12.19 -21.63 39.66
C ALA C 87 12.53 -20.50 38.65
N TYR C 88 11.90 -20.51 37.47
CA TYR C 88 12.11 -19.44 36.50
C TYR C 88 11.77 -18.08 37.10
N LEU C 89 10.79 -18.06 37.99
CA LEU C 89 10.36 -16.81 38.59
C LEU C 89 11.37 -16.20 39.57
N SER C 90 12.45 -16.91 39.90
CA SER C 90 13.45 -16.41 40.83
C SER C 90 14.56 -15.59 40.19
N HIS C 91 14.70 -15.61 38.86
CA HIS C 91 15.83 -14.92 38.20
C HIS C 91 15.32 -14.08 37.04
N PRO C 92 15.75 -12.80 36.96
CA PRO C 92 15.24 -11.92 35.88
C PRO C 92 15.51 -12.42 34.45
N ASP C 93 16.68 -12.98 34.18
CA ASP C 93 16.96 -13.62 32.88
C ASP C 93 16.00 -14.77 32.49
N LYS C 94 15.64 -15.61 33.47
CA LYS C 94 14.69 -16.69 33.22
C LYS C 94 13.27 -16.15 33.05
N ILE C 95 12.93 -15.10 33.81
CA ILE C 95 11.64 -14.41 33.62
C ILE C 95 11.50 -13.82 32.21
N ILE C 96 12.52 -13.08 31.78
CA ILE C 96 12.53 -12.51 30.44
C ILE C 96 12.38 -13.63 29.38
N GLN C 97 13.13 -14.71 29.56
CA GLN C 97 13.13 -15.82 28.60
C GLN C 97 11.81 -16.59 28.54
N HIS C 98 11.25 -16.90 29.70
CA HIS C 98 10.11 -17.82 29.81
C HIS C 98 8.75 -17.17 30.03
N VAL C 99 8.69 -16.06 30.79
CA VAL C 99 7.43 -15.37 31.05
C VAL C 99 7.17 -14.33 29.96
N GLY C 100 8.18 -13.50 29.71
CA GLY C 100 8.08 -12.49 28.66
C GLY C 100 8.99 -11.31 28.92
N SER C 101 9.33 -10.62 27.84
CA SER C 101 10.33 -9.57 27.94
C SER C 101 9.83 -8.35 28.72
N SER C 102 8.50 -8.21 28.88
CA SER C 102 7.94 -7.11 29.69
C SER C 102 7.69 -7.49 31.16
N ALA C 103 8.06 -8.71 31.56
CA ALA C 103 7.58 -9.25 32.83
C ALA C 103 8.42 -8.87 34.03
N CYS C 104 9.60 -8.28 33.83
CA CYS C 104 10.37 -7.75 34.95
C CYS C 104 11.37 -6.70 34.58
N GLY C 105 11.81 -5.97 35.59
CA GLY C 105 13.07 -5.26 35.56
C GLY C 105 14.07 -6.01 36.40
N ILE C 106 15.23 -5.39 36.61
CA ILE C 106 16.35 -5.98 37.32
C ILE C 106 16.63 -5.18 38.61
N LYS C 107 17.14 -5.87 39.63
CA LYS C 107 17.71 -5.20 40.78
C LYS C 107 18.99 -5.89 41.20
N LEU C 108 20.00 -5.07 41.45
CA LEU C 108 21.29 -5.54 41.92
C LEU C 108 21.47 -5.23 43.41
N GLY C 109 20.40 -4.84 44.08
CA GLY C 109 20.45 -4.47 45.50
C GLY C 109 19.31 -3.60 45.93
N PHE C 110 19.20 -3.37 47.23
CA PHE C 110 18.37 -2.32 47.79
C PHE C 110 19.25 -1.08 47.99
N SER C 111 18.76 0.09 47.59
CA SER C 111 19.49 1.35 47.84
C SER C 111 18.62 2.26 48.65
N PHE C 112 19.25 3.07 49.50
CA PHE C 112 18.55 4.00 50.37
C PHE C 112 19.20 5.36 50.29
N ALA C 113 18.42 6.38 49.93
CA ALA C 113 18.88 7.77 49.90
C ALA C 113 18.07 8.59 50.87
N TRP C 114 18.74 9.31 51.76
CA TRP C 114 18.09 10.03 52.84
C TRP C 114 17.94 11.52 52.53
N HIS C 115 16.83 12.11 52.98
CA HIS C 115 16.51 13.51 52.73
C HIS C 115 15.91 14.13 53.97
N GLN C 116 15.99 15.46 54.03
CA GLN C 116 15.29 16.20 55.06
C GLN C 116 14.71 17.48 54.52
N GLU C 117 13.63 17.88 55.14
CA GLU C 117 12.95 19.10 54.80
C GLU C 117 13.88 20.28 55.09
N ASN C 118 13.81 21.29 54.23
CA ASN C 118 14.54 22.56 54.42
C ASN C 118 16.05 22.47 54.35
N ALA C 119 16.55 21.51 53.58
CA ALA C 119 17.97 21.36 53.35
C ALA C 119 18.16 20.61 52.03
N PRO C 120 19.25 20.91 51.29
CA PRO C 120 19.53 20.16 50.08
C PRO C 120 19.93 18.74 50.40
N SER C 121 19.61 17.80 49.50
CA SER C 121 19.93 16.40 49.69
C SER C 121 21.36 16.14 49.23
N SER C 122 22.08 15.30 49.98
CA SER C 122 23.44 14.93 49.65
C SER C 122 23.50 13.55 49.00
N PRO C 123 24.22 13.42 47.88
CA PRO C 123 24.53 12.09 47.31
C PRO C 123 25.39 11.19 48.18
N ASP C 124 25.96 11.72 49.27
CA ASP C 124 26.70 10.92 50.25
C ASP C 124 25.83 10.33 51.35
N HIS C 125 24.56 10.72 51.38
CA HIS C 125 23.60 10.20 52.32
C HIS C 125 22.87 8.96 51.73
N LEU C 126 23.64 7.98 51.29
CA LEU C 126 23.06 6.78 50.70
C LEU C 126 23.85 5.56 51.14
N VAL C 127 23.14 4.45 51.27
CA VAL C 127 23.67 3.15 51.49
C VAL C 127 23.01 2.20 50.45
N ALA C 128 23.80 1.27 49.98
CA ALA C 128 23.34 0.31 48.97
C ALA C 128 24.18 -0.95 49.04
N PRO C 129 23.73 -1.95 49.81
CA PRO C 129 24.48 -3.20 49.81
C PRO C 129 24.14 -4.03 48.56
N PRO C 130 25.13 -4.30 47.69
CA PRO C 130 24.84 -4.99 46.44
C PRO C 130 24.70 -6.50 46.55
N LEU C 131 24.02 -7.08 45.56
CA LEU C 131 23.92 -8.53 45.41
C LEU C 131 25.00 -9.02 44.46
N LYS C 132 25.39 -10.29 44.59
CA LYS C 132 26.20 -10.94 43.54
C LYS C 132 25.33 -11.39 42.38
N VAL C 133 24.20 -12.04 42.70
CA VAL C 133 23.29 -12.57 41.68
C VAL C 133 22.12 -11.59 41.51
N PRO C 134 21.82 -11.16 40.27
CA PRO C 134 20.73 -10.21 40.07
C PRO C 134 19.37 -10.77 40.46
N GLU C 135 18.49 -9.89 40.91
CA GLU C 135 17.14 -10.28 41.24
C GLU C 135 16.17 -9.48 40.41
N ALA C 136 14.88 -9.79 40.56
CA ALA C 136 13.85 -9.19 39.70
C ALA C 136 13.03 -8.10 40.38
N HIS C 137 12.57 -7.14 39.56
CA HIS C 137 11.44 -6.28 39.87
C HIS C 137 10.26 -6.87 39.12
N LEU C 138 9.34 -7.47 39.85
CA LEU C 138 8.30 -8.31 39.24
C LEU C 138 7.16 -7.45 38.70
N PHE C 139 6.87 -7.57 37.40
CA PHE C 139 5.68 -6.90 36.82
C PHE C 139 4.51 -7.87 37.03
N ARG C 140 3.81 -7.66 38.13
CA ARG C 140 2.92 -8.70 38.68
C ARG C 140 1.80 -9.17 37.75
N GLN C 141 1.25 -8.28 36.94
CA GLN C 141 0.23 -8.70 35.97
C GLN C 141 0.69 -9.86 35.07
N ASP C 142 1.97 -9.85 34.69
CA ASP C 142 2.51 -10.88 33.79
C ASP C 142 3.01 -12.09 34.60
N ILE C 143 3.69 -11.81 35.71
CA ILE C 143 4.21 -12.86 36.59
C ILE C 143 3.06 -13.72 37.13
N ASP C 144 2.02 -13.07 37.65
CA ASP C 144 0.90 -13.80 38.27
C ASP C 144 0.11 -14.60 37.27
N TYR C 145 -0.07 -14.07 36.07
CA TYR C 145 -0.85 -14.79 35.07
C TYR C 145 -0.08 -16.06 34.69
N PHE C 146 1.24 -15.90 34.50
CA PHE C 146 2.15 -17.04 34.23
C PHE C 146 2.06 -18.07 35.34
N ALA C 147 2.03 -17.63 36.60
CA ALA C 147 1.93 -18.58 37.72
C ALA C 147 0.60 -19.34 37.67
N LEU C 148 -0.50 -18.65 37.35
CA LEU C 148 -1.77 -19.32 37.20
C LEU C 148 -1.70 -20.38 36.10
N MET C 149 -0.98 -20.09 35.02
CA MET C 149 -0.82 -21.05 33.93
C MET C 149 -0.05 -22.30 34.39
N ILE C 150 0.88 -22.13 35.33
CA ILE C 150 1.55 -23.30 35.92
C ILE C 150 0.52 -24.21 36.59
N ALA C 151 -0.38 -23.61 37.37
CA ALA C 151 -1.40 -24.35 38.09
C ALA C 151 -2.36 -25.04 37.13
N LEU C 152 -2.84 -24.31 36.14
CA LEU C 152 -3.73 -24.88 35.13
C LEU C 152 -3.10 -26.06 34.37
N LYS C 153 -1.83 -25.95 34.02
CA LYS C 153 -1.14 -27.03 33.30
C LYS C 153 -0.95 -28.28 34.16
N HIS C 154 -0.93 -28.12 35.49
CA HIS C 154 -0.85 -29.26 36.40
C HIS C 154 -2.20 -29.83 36.84
N GLY C 155 -3.28 -29.26 36.35
CA GLY C 155 -4.61 -29.82 36.52
C GLY C 155 -5.50 -29.12 37.52
N ALA C 156 -5.03 -27.99 38.08
CA ALA C 156 -5.91 -27.18 38.93
C ALA C 156 -7.01 -26.57 38.08
N GLU C 157 -8.23 -26.54 38.62
CA GLU C 157 -9.32 -25.85 37.97
C GLU C 157 -9.38 -24.42 38.51
N SER C 158 -9.82 -23.50 37.66
CA SER C 158 -9.88 -22.08 38.01
C SER C 158 -11.18 -21.46 37.51
N ARG C 159 -11.85 -20.71 38.39
CA ARG C 159 -13.02 -19.92 38.01
C ARG C 159 -12.74 -18.50 38.40
N GLN C 160 -12.71 -17.61 37.41
N GLN C 160 -12.80 -17.62 37.41
CA GLN C 160 -12.43 -16.22 37.61
CA GLN C 160 -12.48 -16.22 37.55
C GLN C 160 -13.72 -15.41 37.48
C GLN C 160 -13.75 -15.42 37.50
N ASN C 161 -13.69 -14.19 38.01
CA ASN C 161 -14.84 -13.29 37.97
C ASN C 161 -16.11 -13.88 38.62
N ILE C 162 -15.92 -14.65 39.70
CA ILE C 162 -17.05 -15.29 40.40
C ILE C 162 -17.43 -14.45 41.62
N LYS C 163 -18.59 -14.73 42.19
CA LYS C 163 -19.01 -14.06 43.40
C LYS C 163 -19.31 -15.14 44.42
N ILE C 164 -18.56 -15.14 45.52
CA ILE C 164 -18.79 -16.09 46.61
C ILE C 164 -19.96 -15.56 47.44
N GLU C 165 -20.98 -16.38 47.62
CA GLU C 165 -22.14 -16.00 48.44
C GLU C 165 -21.97 -16.38 49.91
N SER C 166 -21.38 -17.54 50.16
CA SER C 166 -21.10 -17.99 51.53
C SER C 166 -20.05 -19.08 51.56
N ILE C 167 -19.38 -19.20 52.69
CA ILE C 167 -18.42 -20.27 52.93
C ILE C 167 -18.82 -20.93 54.24
N SER C 168 -19.22 -22.19 54.18
CA SER C 168 -19.59 -22.95 55.39
C SER C 168 -18.46 -23.86 55.78
N LEU C 169 -18.07 -23.80 57.04
CA LEU C 169 -17.04 -24.66 57.58
C LEU C 169 -17.74 -25.68 58.48
N ASN C 170 -17.73 -26.94 58.07
CA ASN C 170 -18.48 -28.02 58.72
C ASN C 170 -17.48 -29.01 59.26
N ASP C 171 -17.92 -29.98 60.06
CA ASP C 171 -17.00 -30.99 60.57
C ASP C 171 -16.58 -32.04 59.52
N ASP C 172 -17.25 -32.11 58.37
CA ASP C 172 -16.87 -33.04 57.30
C ASP C 172 -16.39 -32.36 55.99
N GLY C 173 -16.08 -31.06 56.05
CA GLY C 173 -15.58 -30.33 54.89
C GLY C 173 -16.04 -28.90 54.85
N VAL C 174 -15.84 -28.28 53.69
CA VAL C 174 -16.16 -26.90 53.43
C VAL C 174 -17.16 -26.86 52.29
N GLU C 175 -18.11 -25.94 52.34
CA GLU C 175 -19.03 -25.74 51.22
C GLU C 175 -19.06 -24.26 50.83
N VAL C 176 -18.85 -24.00 49.53
CA VAL C 176 -18.81 -22.63 49.03
C VAL C 176 -19.97 -22.45 48.05
N ALA C 177 -20.82 -21.47 48.34
CA ALA C 177 -21.93 -21.11 47.47
C ALA C 177 -21.48 -20.00 46.56
N LEU C 178 -21.85 -20.11 45.29
CA LEU C 178 -21.46 -19.18 44.25
C LEU C 178 -22.72 -18.61 43.60
N SER C 179 -22.66 -17.36 43.12
CA SER C 179 -23.79 -16.77 42.40
C SER C 179 -23.95 -17.42 41.04
N ASN C 180 -25.18 -17.76 40.68
CA ASN C 180 -25.48 -18.37 39.37
C ASN C 180 -24.74 -19.69 39.08
N ALA C 181 -24.46 -20.45 40.13
CA ALA C 181 -23.85 -21.75 39.97
C ALA C 181 -24.14 -22.62 41.18
N ALA C 182 -24.04 -23.94 41.00
CA ALA C 182 -24.20 -24.90 42.08
C ALA C 182 -23.05 -24.73 43.09
N PRO C 183 -23.31 -25.01 44.38
CA PRO C 183 -22.21 -24.88 45.34
C PRO C 183 -21.13 -25.92 45.13
N VAL C 184 -19.94 -25.62 45.64
CA VAL C 184 -18.79 -26.51 45.52
C VAL C 184 -18.32 -26.90 46.91
N LYS C 185 -17.76 -28.11 47.02
CA LYS C 185 -17.44 -28.70 48.30
C LYS C 185 -16.01 -29.15 48.25
N ALA C 186 -15.33 -29.07 49.39
CA ALA C 186 -13.97 -29.56 49.51
C ALA C 186 -13.68 -30.01 50.93
N ALA C 187 -12.53 -30.66 51.10
CA ALA C 187 -12.05 -31.02 52.41
C ALA C 187 -11.43 -29.83 53.18
N PHE C 188 -10.97 -28.80 52.46
CA PHE C 188 -10.15 -27.77 53.06
C PHE C 188 -10.20 -26.53 52.19
N ILE C 189 -10.13 -25.37 52.82
CA ILE C 189 -10.08 -24.11 52.08
C ILE C 189 -8.86 -23.29 52.48
N ILE C 190 -8.14 -22.79 51.48
CA ILE C 190 -6.97 -21.94 51.67
C ILE C 190 -7.31 -20.55 51.17
N ASP C 191 -7.18 -19.55 52.04
CA ASP C 191 -7.40 -18.15 51.66
C ASP C 191 -6.09 -17.54 51.19
N ALA C 192 -5.97 -17.40 49.87
CA ALA C 192 -4.78 -16.80 49.23
C ALA C 192 -5.04 -15.38 48.72
N ALA C 193 -6.10 -14.73 49.21
CA ALA C 193 -6.42 -13.33 48.85
C ALA C 193 -5.66 -12.37 49.79
N ALA C 194 -5.94 -11.06 49.75
CA ALA C 194 -5.11 -10.13 50.56
C ALA C 194 -5.95 -9.41 51.63
N GLN C 195 -6.06 -8.08 51.55
CA GLN C 195 -6.88 -7.30 52.47
C GLN C 195 -8.33 -7.74 52.38
N GLY C 196 -8.74 -8.22 51.20
CA GLY C 196 -10.10 -8.70 50.97
C GLY C 196 -10.36 -10.16 51.29
N SER C 197 -9.55 -10.76 52.14
CA SER C 197 -9.76 -12.13 52.59
C SER C 197 -11.19 -12.30 53.18
N PRO C 198 -12.11 -12.98 52.43
CA PRO C 198 -13.53 -13.11 52.85
C PRO C 198 -13.70 -14.11 53.99
N LEU C 199 -12.79 -15.06 54.04
CA LEU C 199 -12.62 -15.95 55.14
C LEU C 199 -12.14 -15.17 56.36
N SER C 200 -11.19 -14.24 56.21
CA SER C 200 -10.74 -13.45 57.36
C SER C 200 -11.89 -12.62 57.95
N ARG C 201 -12.72 -12.05 57.09
CA ARG C 201 -13.89 -11.27 57.56
C ARG C 201 -14.84 -12.12 58.40
N GLN C 202 -15.17 -13.31 57.90
CA GLN C 202 -16.20 -14.11 58.56
C GLN C 202 -15.73 -14.78 59.86
N LEU C 203 -14.43 -15.01 60.00
CA LEU C 203 -13.88 -15.70 61.17
C LEU C 203 -13.50 -14.77 62.33
N GLY C 204 -13.48 -13.47 62.09
CA GLY C 204 -13.17 -12.47 63.10
C GLY C 204 -11.78 -12.57 63.69
N LEU C 205 -10.79 -12.91 62.87
CA LEU C 205 -9.42 -13.10 63.38
C LEU C 205 -8.52 -11.87 63.19
N ARG C 206 -8.95 -10.88 62.41
CA ARG C 206 -8.08 -9.77 62.07
C ARG C 206 -8.15 -8.66 63.12
N THR C 207 -7.01 -8.03 63.39
CA THR C 207 -6.98 -6.89 64.30
C THR C 207 -5.80 -5.97 63.96
N THR C 208 -5.89 -4.72 64.40
CA THR C 208 -4.73 -3.81 64.38
C THR C 208 -4.17 -3.61 65.79
N GLU C 209 -4.80 -4.23 66.79
CA GLU C 209 -4.37 -4.08 68.18
C GLU C 209 -2.91 -4.51 68.34
N GLY C 210 -2.13 -3.72 69.04
CA GLY C 210 -0.75 -4.10 69.38
C GLY C 210 0.31 -3.82 68.34
N LEU C 211 -0.08 -3.41 67.13
CA LEU C 211 0.90 -3.15 66.05
C LEU C 211 1.64 -1.85 66.30
N ALA C 212 2.96 -1.91 66.22
CA ALA C 212 3.82 -0.73 66.28
C ALA C 212 3.82 0.11 65.00
N THR C 213 3.45 -0.48 63.87
CA THR C 213 3.50 0.21 62.58
C THR C 213 2.09 0.65 62.19
N ASP C 214 1.96 1.95 61.91
CA ASP C 214 0.70 2.56 61.50
C ASP C 214 1.02 3.44 60.28
N THR C 215 0.88 2.87 59.09
CA THR C 215 1.30 3.53 57.87
C THR C 215 0.23 3.47 56.80
N CYS C 216 0.28 4.45 55.90
CA CYS C 216 -0.54 4.47 54.70
C CYS C 216 0.36 4.31 53.47
N SER C 217 -0.25 4.13 52.31
CA SER C 217 0.48 3.98 51.04
C SER C 217 -0.31 4.54 49.85
N PHE C 218 0.38 5.26 48.98
CA PHE C 218 -0.12 5.73 47.71
C PHE C 218 0.75 5.07 46.66
N PHE C 219 0.18 4.38 45.68
CA PHE C 219 1.04 3.72 44.68
C PHE C 219 0.47 3.69 43.28
N THR C 220 1.36 3.68 42.30
CA THR C 220 1.00 3.68 40.90
C THR C 220 2.16 3.21 40.05
N HIS C 221 1.92 3.17 38.73
CA HIS C 221 2.97 2.95 37.74
C HIS C 221 3.06 4.19 36.85
N MET C 222 4.28 4.57 36.50
CA MET C 222 4.55 5.75 35.68
C MET C 222 5.45 5.50 34.49
N LEU C 223 5.30 6.37 33.49
CA LEU C 223 6.19 6.46 32.34
C LEU C 223 7.16 7.62 32.51
N ASN C 224 8.30 7.48 31.85
CA ASN C 224 9.32 8.54 31.76
C ASN C 224 9.84 9.05 33.11
N VAL C 225 10.00 8.13 34.06
CA VAL C 225 10.65 8.42 35.33
C VAL C 225 12.14 8.39 35.06
N LYS C 226 12.83 9.47 35.38
CA LYS C 226 14.26 9.56 35.17
C LYS C 226 15.01 8.70 36.18
N SER C 227 16.11 8.11 35.73
CA SER C 227 16.98 7.30 36.59
C SER C 227 17.62 8.15 37.68
N TYR C 228 18.01 7.50 38.78
CA TYR C 228 18.72 8.22 39.84
C TYR C 228 19.97 8.91 39.28
N GLU C 229 20.71 8.19 38.44
CA GLU C 229 21.98 8.66 37.89
C GLU C 229 21.80 9.90 37.02
N ASP C 230 20.76 9.93 36.20
CA ASP C 230 20.42 11.10 35.38
C ASP C 230 19.82 12.25 36.17
N ALA C 231 19.00 11.95 37.18
CA ALA C 231 18.21 12.98 37.87
C ALA C 231 18.95 13.66 38.99
N LEU C 232 19.75 12.87 39.73
CA LEU C 232 20.34 13.31 40.98
C LEU C 232 21.85 13.27 41.04
N ALA C 233 22.47 12.11 40.83
CA ALA C 233 23.94 12.04 40.84
C ALA C 233 24.46 10.83 40.09
N PRO C 234 25.46 11.01 39.21
CA PRO C 234 26.04 9.86 38.52
C PRO C 234 26.91 9.00 39.43
N LEU C 235 27.31 7.84 38.92
CA LEU C 235 28.16 6.89 39.67
C LEU C 235 29.51 7.46 40.05
N SER C 236 30.03 8.38 39.24
CA SER C 236 31.29 9.05 39.56
C SER C 236 31.16 9.92 40.82
N ARG C 237 29.96 10.43 41.09
CA ARG C 237 29.69 11.21 42.29
C ARG C 237 29.35 10.34 43.50
N THR C 238 28.41 9.40 43.36
CA THR C 238 27.97 8.57 44.49
C THR C 238 29.01 7.54 44.89
N ARG C 239 29.77 7.05 43.91
CA ARG C 239 30.74 5.95 44.07
C ARG C 239 30.05 4.63 44.43
N SER C 240 28.77 4.50 44.12
CA SER C 240 28.05 3.25 44.35
C SER C 240 28.62 2.17 43.40
N PRO C 241 28.77 0.92 43.88
CA PRO C 241 29.15 -0.16 42.98
C PRO C 241 28.03 -0.63 42.06
N ILE C 242 26.80 -0.14 42.25
CA ILE C 242 25.66 -0.45 41.38
C ILE C 242 24.92 0.84 40.99
N GLU C 243 24.43 0.89 39.75
CA GLU C 243 23.50 1.96 39.34
C GLU C 243 22.28 1.87 40.24
N LEU C 244 21.89 2.98 40.85
CA LEU C 244 20.67 2.96 41.67
C LEU C 244 19.44 2.75 40.78
N PHE C 245 19.54 3.13 39.51
CA PHE C 245 18.57 2.73 38.48
C PHE C 245 18.33 1.21 38.41
N LYS C 246 19.39 0.42 38.63
CA LYS C 246 19.31 -1.04 38.69
C LYS C 246 19.24 -1.54 40.15
N SER C 247 18.39 -0.89 40.93
CA SER C 247 18.19 -1.23 42.33
C SER C 247 16.76 -0.92 42.73
N THR C 248 16.31 -1.54 43.82
CA THR C 248 15.12 -1.08 44.51
C THR C 248 15.50 0.15 45.32
N LEU C 249 15.09 1.31 44.84
CA LEU C 249 15.53 2.58 45.42
C LEU C 249 14.52 3.07 46.45
N HIS C 250 15.00 3.32 47.67
CA HIS C 250 14.15 3.80 48.76
C HIS C 250 14.60 5.22 49.12
N HIS C 251 13.77 6.22 48.82
CA HIS C 251 14.01 7.57 49.30
C HIS C 251 13.34 7.70 50.64
N ILE C 252 14.14 7.96 51.68
CA ILE C 252 13.66 7.91 53.05
C ILE C 252 13.78 9.29 53.68
N PHE C 253 12.87 9.57 54.62
CA PHE C 253 12.81 10.85 55.29
C PHE C 253 11.97 10.69 56.57
N GLU C 254 11.96 11.71 57.43
CA GLU C 254 11.48 11.53 58.79
C GLU C 254 10.10 10.88 58.87
N GLU C 255 9.17 11.32 58.03
CA GLU C 255 7.78 10.90 58.13
C GLU C 255 7.36 9.77 57.18
N GLY C 256 8.29 9.24 56.39
CA GLY C 256 7.90 8.19 55.44
C GLY C 256 8.96 7.87 54.42
N TRP C 257 8.53 7.31 53.29
CA TRP C 257 9.46 6.90 52.26
C TRP C 257 8.76 6.69 50.93
N LEU C 258 9.54 6.78 49.86
CA LEU C 258 9.05 6.61 48.51
C LEU C 258 9.94 5.62 47.77
N TRP C 259 9.32 4.70 47.02
CA TRP C 259 10.06 3.73 46.22
C TRP C 259 10.11 4.11 44.75
N VAL C 260 11.23 3.79 44.11
CA VAL C 260 11.42 3.87 42.66
C VAL C 260 11.88 2.50 42.21
N ILE C 261 10.99 1.77 41.53
CA ILE C 261 11.20 0.37 41.19
C ILE C 261 10.99 0.27 39.68
N PRO C 262 12.08 0.45 38.89
CA PRO C 262 11.93 0.40 37.43
C PRO C 262 11.70 -1.00 36.86
N PHE C 263 10.83 -1.08 35.85
CA PHE C 263 10.72 -2.26 35.00
C PHE C 263 11.49 -2.07 33.70
N ASN C 264 12.00 -0.86 33.47
CA ASN C 264 12.64 -0.49 32.20
C ASN C 264 14.14 -0.38 32.31
N ASN C 265 14.74 -1.17 33.19
CA ASN C 265 16.17 -1.08 33.48
C ASN C 265 16.95 -2.33 33.10
N HIS C 266 16.29 -3.29 32.43
CA HIS C 266 16.91 -4.56 32.06
C HIS C 266 17.33 -4.46 30.58
N PRO C 267 18.56 -4.88 30.25
CA PRO C 267 19.02 -4.71 28.85
C PRO C 267 18.15 -5.41 27.77
N GLN C 268 17.59 -6.56 28.09
CA GLN C 268 16.61 -7.27 27.24
C GLN C 268 15.14 -7.05 27.57
N GLY C 269 14.83 -6.16 28.50
CA GLY C 269 13.43 -5.88 28.84
C GLY C 269 12.75 -4.96 27.83
N THR C 270 11.43 -5.04 27.79
CA THR C 270 10.62 -4.16 26.95
C THR C 270 9.63 -3.31 27.74
N ASN C 271 9.51 -3.53 29.05
CA ASN C 271 8.56 -2.76 29.84
C ASN C 271 9.05 -1.33 29.96
N GLN C 272 8.16 -0.36 29.78
CA GLN C 272 8.51 1.05 29.86
C GLN C 272 8.20 1.66 31.22
N LEU C 273 7.53 0.90 32.09
CA LEU C 273 6.99 1.47 33.32
C LEU C 273 7.99 1.42 34.47
N CYS C 274 7.72 2.27 35.45
CA CYS C 274 8.41 2.32 36.73
C CYS C 274 7.35 2.35 37.84
N SER C 275 7.49 1.49 38.83
CA SER C 275 6.57 1.47 39.95
C SER C 275 7.01 2.54 40.94
N ILE C 276 6.02 3.28 41.44
CA ILE C 276 6.24 4.35 42.40
C ILE C 276 5.23 4.21 43.54
N GLY C 277 5.73 4.20 44.79
CA GLY C 277 4.86 4.15 45.96
C GLY C 277 5.42 5.03 47.07
N PHE C 278 4.59 5.87 47.67
CA PHE C 278 5.01 6.64 48.86
C PHE C 278 4.12 6.36 50.06
N GLN C 279 4.77 6.22 51.21
CA GLN C 279 4.17 5.74 52.44
C GLN C 279 4.44 6.79 53.49
N PHE C 280 3.46 7.03 54.37
CA PHE C 280 3.66 7.89 55.53
C PHE C 280 3.42 7.12 56.82
N ASN C 281 4.23 7.46 57.82
CA ASN C 281 3.99 7.09 59.20
C ASN C 281 2.84 7.96 59.68
N ASN C 282 1.68 7.35 59.92
CA ASN C 282 0.46 8.07 60.30
C ASN C 282 0.61 8.80 61.63
N ALA C 283 1.51 8.35 62.49
CA ALA C 283 1.81 9.06 63.74
C ALA C 283 2.54 10.38 63.52
N LYS C 284 3.15 10.56 62.34
CA LYS C 284 3.90 11.80 62.02
C LYS C 284 3.25 12.68 60.98
N TYR C 285 2.63 12.09 59.96
CA TYR C 285 1.93 12.86 58.95
C TYR C 285 0.75 12.07 58.44
N ARG C 286 -0.44 12.67 58.52
CA ARG C 286 -1.64 12.14 57.89
C ARG C 286 -1.99 12.95 56.65
N PRO C 287 -2.05 12.29 55.49
CA PRO C 287 -2.43 13.01 54.29
C PRO C 287 -3.91 13.44 54.35
N THR C 288 -4.21 14.58 53.74
CA THR C 288 -5.57 15.13 53.74
C THR C 288 -6.19 15.35 52.37
N GLU C 289 -5.39 15.31 51.30
CA GLU C 289 -5.84 15.70 49.97
C GLU C 289 -5.68 14.55 48.99
N ALA C 290 -6.19 14.75 47.79
CA ALA C 290 -6.16 13.75 46.71
C ALA C 290 -4.73 13.25 46.48
N PRO C 291 -4.57 11.99 46.06
CA PRO C 291 -3.23 11.44 45.82
C PRO C 291 -2.27 12.30 45.00
N GLU C 292 -2.71 12.84 43.86
CA GLU C 292 -1.79 13.66 43.05
C GLU C 292 -1.38 14.93 43.81
N ILE C 293 -2.29 15.52 44.59
CA ILE C 293 -1.94 16.70 45.38
C ILE C 293 -0.95 16.33 46.48
N GLU C 294 -1.19 15.22 47.19
CA GLU C 294 -0.21 14.73 48.18
C GLU C 294 1.15 14.47 47.53
N PHE C 295 1.17 13.91 46.33
CA PHE C 295 2.43 13.61 45.63
C PHE C 295 3.17 14.91 45.38
N ARG C 296 2.47 15.92 44.86
CA ARG C 296 3.11 17.21 44.57
C ARG C 296 3.63 17.91 45.83
N LYS C 297 2.87 17.85 46.92
CA LYS C 297 3.35 18.36 48.21
C LYS C 297 4.64 17.67 48.68
N LEU C 298 4.72 16.36 48.46
CA LEU C 298 5.91 15.60 48.82
C LEU C 298 7.11 16.03 48.03
N LEU C 299 6.93 16.23 46.72
CA LEU C 299 8.03 16.65 45.85
C LEU C 299 8.49 18.09 46.16
N LYS C 300 7.56 18.93 46.62
CA LYS C 300 7.91 20.30 47.05
C LYS C 300 8.77 20.27 48.32
N LYS C 301 8.40 19.38 49.23
CA LYS C 301 9.12 19.16 50.48
C LYS C 301 10.52 18.56 50.23
N TYR C 302 10.62 17.65 49.25
CA TYR C 302 11.88 16.96 48.90
C TYR C 302 12.18 17.10 47.40
N PRO C 303 12.68 18.28 46.96
CA PRO C 303 12.92 18.52 45.53
C PRO C 303 13.93 17.60 44.86
N ALA C 304 14.85 16.99 45.64
CA ALA C 304 15.73 15.98 45.09
C ALA C 304 14.92 14.78 44.55
N ILE C 305 13.94 14.32 45.33
CA ILE C 305 13.04 13.25 44.91
C ILE C 305 12.30 13.71 43.65
N GLY C 306 11.87 14.97 43.64
CA GLY C 306 11.20 15.58 42.48
C GLY C 306 11.95 15.53 41.15
N GLU C 307 13.28 15.48 41.20
CA GLU C 307 14.09 15.36 39.97
C GLU C 307 13.79 14.11 39.15
N HIS C 308 13.29 13.04 39.79
CA HIS C 308 12.90 11.83 39.05
C HIS C 308 11.73 12.10 38.10
N PHE C 309 10.89 13.07 38.46
CA PHE C 309 9.54 13.19 37.92
C PHE C 309 9.27 14.39 37.01
N LYS C 310 10.31 15.14 36.62
CA LYS C 310 10.09 16.36 35.80
C LYS C 310 9.29 16.10 34.52
N ASP C 311 9.61 15.01 33.82
CA ASP C 311 8.89 14.62 32.59
C ASP C 311 8.00 13.39 32.73
N ALA C 312 7.75 12.95 33.95
CA ALA C 312 7.00 11.72 34.20
C ALA C 312 5.51 11.89 34.02
N VAL C 313 4.86 10.82 33.59
CA VAL C 313 3.41 10.81 33.50
C VAL C 313 2.89 9.54 34.12
N ASN C 314 1.80 9.70 34.85
CA ASN C 314 1.15 8.58 35.48
C ASN C 314 0.51 7.67 34.44
N ALA C 315 0.69 6.36 34.57
CA ALA C 315 0.11 5.39 33.62
C ALA C 315 -1.03 4.56 34.21
N ARG C 316 -1.44 4.91 35.43
CA ARG C 316 -2.61 4.33 36.11
C ARG C 316 -3.20 5.38 37.03
N GLU C 317 -4.36 5.10 37.61
CA GLU C 317 -4.84 5.88 38.75
C GLU C 317 -3.98 5.57 39.98
N TRP C 318 -3.69 6.58 40.79
CA TRP C 318 -3.12 6.35 42.12
C TRP C 318 -4.10 5.52 42.92
N ILE C 319 -3.58 4.59 43.71
CA ILE C 319 -4.37 3.93 44.75
C ILE C 319 -3.84 4.43 46.08
N TYR C 320 -4.77 4.77 46.97
CA TYR C 320 -4.45 5.20 48.34
C TYR C 320 -5.05 4.19 49.30
N ALA C 321 -4.23 3.77 50.26
CA ALA C 321 -4.64 2.84 51.32
C ALA C 321 -4.32 3.53 52.65
N PRO C 322 -5.35 3.95 53.42
CA PRO C 322 -5.13 4.75 54.64
C PRO C 322 -4.45 4.02 55.81
N ARG C 323 -4.65 2.72 55.91
CA ARG C 323 -3.93 1.91 56.88
C ARG C 323 -3.66 0.56 56.29
N ILE C 324 -2.40 0.27 56.07
CA ILE C 324 -2.01 -0.96 55.39
C ILE C 324 -1.67 -2.12 56.34
N ASN C 325 -1.63 -1.86 57.64
CA ASN C 325 -1.10 -2.81 58.61
C ASN C 325 -2.22 -3.55 59.32
N TYR C 326 -2.06 -4.87 59.45
CA TYR C 326 -2.99 -5.71 60.21
C TYR C 326 -2.28 -7.01 60.57
N ARG C 327 -2.87 -7.72 61.53
CA ARG C 327 -2.40 -9.02 61.92
C ARG C 327 -3.62 -9.84 62.28
N SER C 328 -3.40 -11.10 62.61
CA SER C 328 -4.47 -11.99 62.99
C SER C 328 -4.10 -12.74 64.26
N VAL C 329 -5.12 -13.08 65.05
CA VAL C 329 -4.91 -13.79 66.31
C VAL C 329 -4.68 -15.28 66.10
N GLN C 330 -5.25 -15.83 65.02
CA GLN C 330 -5.03 -17.21 64.58
C GLN C 330 -5.17 -17.20 63.08
N ASN C 331 -4.69 -18.23 62.42
CA ASN C 331 -4.93 -18.35 60.99
C ASN C 331 -5.08 -19.75 60.43
N VAL C 332 -5.23 -20.77 61.27
CA VAL C 332 -5.53 -22.10 60.82
C VAL C 332 -6.62 -22.68 61.70
N GLY C 333 -7.39 -23.58 61.11
CA GLY C 333 -8.37 -24.37 61.83
C GLY C 333 -8.41 -25.76 61.25
N ASP C 334 -9.41 -26.54 61.68
CA ASP C 334 -9.58 -27.89 61.20
C ASP C 334 -9.68 -27.95 59.68
N ARG C 335 -10.39 -26.97 59.11
CA ARG C 335 -10.73 -27.01 57.69
C ARG C 335 -10.28 -25.79 56.89
N PHE C 336 -9.43 -24.94 57.47
CA PHE C 336 -8.93 -23.76 56.73
C PHE C 336 -7.51 -23.36 57.11
N CYS C 337 -6.87 -22.65 56.18
CA CYS C 337 -5.66 -21.91 56.45
C CYS C 337 -5.73 -20.60 55.68
N LEU C 338 -5.40 -19.50 56.35
CA LEU C 338 -5.20 -18.23 55.67
C LEU C 338 -3.71 -18.15 55.37
N LEU C 339 -3.37 -17.89 54.11
CA LEU C 339 -1.99 -17.59 53.75
C LEU C 339 -1.61 -16.20 54.29
N PRO C 340 -0.32 -15.84 54.19
CA PRO C 340 0.10 -14.64 54.95
C PRO C 340 -0.60 -13.35 54.62
N GLN C 341 -0.79 -13.04 53.33
CA GLN C 341 -1.50 -11.82 52.95
C GLN C 341 -2.89 -11.72 53.56
N ALA C 342 -3.58 -12.84 53.72
CA ALA C 342 -4.88 -12.85 54.36
C ALA C 342 -4.77 -12.74 55.89
N THR C 343 -3.59 -13.04 56.43
CA THR C 343 -3.36 -13.06 57.88
C THR C 343 -2.83 -11.75 58.42
N GLY C 344 -1.78 -11.22 57.79
CA GLY C 344 -1.09 -10.05 58.32
C GLY C 344 -0.27 -9.37 57.27
N PHE C 345 -0.12 -8.06 57.41
CA PHE C 345 0.77 -7.31 56.53
C PHE C 345 1.26 -6.10 57.30
N ILE C 346 2.54 -5.77 57.14
CA ILE C 346 3.11 -4.62 57.83
C ILE C 346 3.35 -3.43 56.89
N ASP C 347 4.19 -3.62 55.89
CA ASP C 347 4.61 -2.50 55.02
C ASP C 347 5.38 -3.02 53.81
N PRO C 348 5.42 -2.25 52.71
CA PRO C 348 6.31 -2.60 51.60
C PRO C 348 7.80 -2.61 51.96
N LEU C 349 8.18 -1.89 53.02
CA LEU C 349 9.59 -1.71 53.33
C LEU C 349 10.30 -3.00 53.60
N PHE C 350 11.36 -3.25 52.84
CA PHE C 350 12.16 -4.49 52.85
C PHE C 350 11.49 -5.69 52.17
N SER C 351 10.27 -5.52 51.65
CA SER C 351 9.58 -6.52 50.83
C SER C 351 9.52 -7.91 51.52
N ARG C 352 9.16 -7.88 52.80
CA ARG C 352 9.07 -9.10 53.60
C ARG C 352 7.80 -9.93 53.28
N GLY C 353 6.78 -9.28 52.71
CA GLY C 353 5.51 -9.94 52.39
C GLY C 353 5.64 -11.15 51.46
N LEU C 354 6.39 -11.00 50.38
CA LEU C 354 6.61 -12.11 49.45
C LEU C 354 7.36 -13.26 50.11
N ILE C 355 8.32 -12.91 50.96
CA ILE C 355 9.12 -13.92 51.67
C ILE C 355 8.20 -14.76 52.54
N THR C 356 7.35 -14.09 53.33
CA THR C 356 6.48 -14.77 54.24
C THR C 356 5.50 -15.67 53.48
N THR C 357 4.93 -15.13 52.41
CA THR C 357 4.03 -15.86 51.51
C THR C 357 4.65 -17.16 51.01
N PHE C 358 5.84 -17.08 50.41
CA PHE C 358 6.42 -18.28 49.80
C PHE C 358 6.82 -19.31 50.84
N GLU C 359 7.34 -18.85 51.97
CA GLU C 359 7.73 -19.78 53.02
C GLU C 359 6.50 -20.48 53.60
N SER C 360 5.42 -19.74 53.73
CA SER C 360 4.18 -20.31 54.28
C SER C 360 3.63 -21.43 53.38
N ILE C 361 3.63 -21.20 52.08
CA ILE C 361 3.18 -22.22 51.11
C ILE C 361 4.04 -23.49 51.25
N LEU C 362 5.35 -23.28 51.31
CA LEU C 362 6.31 -24.35 51.43
C LEU C 362 6.11 -25.17 52.72
N ARG C 363 5.73 -24.51 53.82
CA ARG C 363 5.39 -25.19 55.08
C ARG C 363 4.03 -25.86 55.03
N LEU C 364 3.04 -25.21 54.42
CA LEU C 364 1.65 -25.66 54.43
C LEU C 364 1.42 -26.86 53.53
N ALA C 365 1.92 -26.78 52.30
CA ALA C 365 1.53 -27.75 51.29
C ALA C 365 1.81 -29.22 51.68
N PRO C 366 2.97 -29.54 52.27
CA PRO C 366 3.15 -30.95 52.70
C PRO C 366 2.13 -31.41 53.76
N LYS C 367 1.74 -30.49 54.64
CA LYS C 367 0.77 -30.81 55.69
C LYS C 367 -0.61 -31.05 55.09
N VAL C 368 -0.95 -30.31 54.03
CA VAL C 368 -2.25 -30.46 53.37
C VAL C 368 -2.28 -31.79 52.63
N LEU C 369 -1.16 -32.14 51.99
CA LEU C 369 -1.01 -33.43 51.35
C LEU C 369 -1.15 -34.58 52.34
N ASP C 370 -0.49 -34.47 53.50
N ASP C 370 -0.49 -34.48 53.50
CA ASP C 370 -0.62 -35.50 54.55
CA ASP C 370 -0.62 -35.48 54.58
C ASP C 370 -2.05 -35.64 55.04
C ASP C 370 -2.06 -35.64 55.05
N ALA C 371 -2.74 -34.51 55.25
CA ALA C 371 -4.13 -34.49 55.67
C ALA C 371 -5.03 -35.17 54.65
N ALA C 372 -4.82 -34.84 53.38
CA ALA C 372 -5.64 -35.38 52.30
C ALA C 372 -5.45 -36.89 52.14
N ARG C 373 -4.24 -37.35 52.37
CA ARG C 373 -3.87 -38.76 52.26
C ARG C 373 -4.25 -39.57 53.51
N SER C 374 -4.34 -38.94 54.67
CA SER C 374 -4.81 -39.63 55.88
C SER C 374 -6.26 -39.35 56.24
N ASN C 375 -6.90 -38.44 55.51
CA ASN C 375 -8.25 -37.97 55.84
C ASN C 375 -8.35 -37.53 57.32
N ARG C 376 -7.36 -36.78 57.77
CA ARG C 376 -7.33 -36.22 59.11
C ARG C 376 -7.24 -34.71 58.93
N TRP C 377 -8.21 -33.99 59.49
CA TRP C 377 -8.32 -32.54 59.34
C TRP C 377 -8.56 -31.89 60.70
N GLN C 378 -7.46 -31.63 61.41
CA GLN C 378 -7.47 -31.03 62.74
C GLN C 378 -6.47 -29.87 62.80
N ARG C 379 -6.88 -28.77 63.44
CA ARG C 379 -6.07 -27.56 63.62
C ARG C 379 -4.63 -27.84 64.03
N GLU C 380 -4.45 -28.75 64.98
CA GLU C 380 -3.10 -29.05 65.50
C GLU C 380 -2.15 -29.52 64.40
N GLN C 381 -2.68 -30.15 63.34
CA GLN C 381 -1.83 -30.51 62.21
C GLN C 381 -1.14 -29.31 61.55
N PHE C 382 -1.76 -28.14 61.62
CA PHE C 382 -1.30 -26.95 60.91
C PHE C 382 -0.69 -25.89 61.83
N ILE C 383 -0.48 -26.25 63.09
CA ILE C 383 -0.11 -25.27 64.10
C ILE C 383 1.24 -24.61 63.78
N GLU C 384 2.18 -25.32 63.20
CA GLU C 384 3.50 -24.74 62.87
C GLU C 384 3.43 -23.74 61.69
N VAL C 385 2.42 -23.89 60.83
CA VAL C 385 2.13 -22.89 59.80
C VAL C 385 1.71 -21.57 60.44
N GLU C 386 0.81 -21.68 61.41
CA GLU C 386 0.37 -20.53 62.16
C GLU C 386 1.50 -19.88 62.95
N ARG C 387 2.31 -20.69 63.63
CA ARG C 387 3.42 -20.18 64.42
C ARG C 387 4.34 -19.37 63.54
N HIS C 388 4.68 -19.93 62.37
CA HIS C 388 5.59 -19.24 61.45
C HIS C 388 4.98 -17.92 60.99
N CYS C 389 3.74 -17.97 60.52
CA CYS C 389 3.13 -16.78 59.96
C CYS C 389 2.97 -15.66 60.99
N LEU C 390 2.43 -15.99 62.17
CA LEU C 390 2.22 -14.96 63.19
C LEU C 390 3.56 -14.41 63.72
N ASN C 391 4.56 -15.28 63.88
CA ASN C 391 5.90 -14.80 64.28
C ASN C 391 6.52 -13.91 63.20
N ALA C 392 6.31 -14.28 61.93
CA ALA C 392 6.87 -13.48 60.82
C ALA C 392 6.27 -12.11 60.78
N VAL C 393 4.96 -12.03 60.97
CA VAL C 393 4.27 -10.75 60.96
C VAL C 393 4.73 -9.88 62.15
N ALA C 394 4.88 -10.49 63.32
CA ALA C 394 5.38 -9.77 64.51
C ALA C 394 6.81 -9.26 64.33
N THR C 395 7.68 -10.10 63.79
CA THR C 395 9.06 -9.70 63.48
C THR C 395 9.08 -8.57 62.47
N ASN C 396 8.24 -8.67 61.44
CA ASN C 396 8.13 -7.66 60.40
C ASN C 396 7.68 -6.32 61.01
N ASP C 397 6.75 -6.36 61.96
CA ASP C 397 6.26 -5.15 62.65
C ASP C 397 7.41 -4.46 63.40
N GLN C 398 8.24 -5.25 64.10
CA GLN C 398 9.39 -4.69 64.83
C GLN C 398 10.40 -4.10 63.85
N LEU C 399 10.76 -4.87 62.83
CA LEU C 399 11.70 -4.43 61.79
C LEU C 399 11.30 -3.09 61.17
N VAL C 400 10.05 -3.02 60.74
CA VAL C 400 9.59 -1.85 60.01
C VAL C 400 9.37 -0.67 60.94
N SER C 401 8.73 -0.87 62.08
CA SER C 401 8.47 0.27 63.00
C SER C 401 9.79 0.91 63.43
N CYS C 402 10.79 0.08 63.75
CA CYS C 402 12.08 0.59 64.17
C CYS C 402 12.82 1.29 63.01
N SER C 403 12.70 0.75 61.80
CA SER C 403 13.18 1.42 60.57
C SER C 403 12.58 2.80 60.36
N TYR C 404 11.27 2.94 60.54
CA TYR C 404 10.62 4.24 60.36
C TYR C 404 11.12 5.29 61.38
N GLU C 405 11.49 4.84 62.58
CA GLU C 405 12.17 5.73 63.52
C GLU C 405 13.58 6.09 63.05
N ALA C 406 14.31 5.13 62.50
CA ALA C 406 15.66 5.36 61.99
C ALA C 406 15.71 6.28 60.76
N PHE C 407 14.57 6.47 60.08
CA PHE C 407 14.47 7.45 58.99
C PHE C 407 14.74 8.89 59.41
N SER C 408 14.73 9.17 60.72
CA SER C 408 14.95 10.52 61.25
C SER C 408 16.32 11.11 60.97
N ASP C 409 17.33 10.28 60.67
CA ASP C 409 18.69 10.80 60.49
C ASP C 409 19.51 9.86 59.60
N PHE C 410 20.32 10.40 58.67
CA PHE C 410 21.09 9.50 57.80
C PHE C 410 22.07 8.62 58.57
N HIS C 411 22.87 9.21 59.45
CA HIS C 411 23.88 8.42 60.17
C HIS C 411 23.19 7.32 60.99
N LEU C 412 22.06 7.65 61.61
CA LEU C 412 21.25 6.66 62.32
C LEU C 412 20.78 5.53 61.38
N TRP C 413 20.22 5.92 60.24
CA TRP C 413 19.82 4.93 59.23
C TRP C 413 21.00 4.03 58.85
N ASN C 414 22.14 4.66 58.59
CA ASN C 414 23.33 3.91 58.17
C ASN C 414 23.70 2.83 59.19
N VAL C 415 23.71 3.19 60.47
CA VAL C 415 24.00 2.20 61.52
C VAL C 415 22.90 1.14 61.58
N TRP C 416 21.65 1.60 61.65
CA TRP C 416 20.50 0.71 61.76
C TRP C 416 20.41 -0.33 60.63
N HIS C 417 20.73 0.06 59.40
CA HIS C 417 20.49 -0.83 58.25
C HIS C 417 21.34 -2.08 58.33
N ARG C 418 22.47 -2.01 59.05
CA ARG C 418 23.29 -3.18 59.28
C ARG C 418 22.63 -4.26 60.13
N VAL C 419 21.70 -3.87 61.00
CA VAL C 419 20.91 -4.83 61.78
C VAL C 419 20.03 -5.63 60.82
N TRP C 420 19.29 -4.94 59.97
CA TRP C 420 18.51 -5.66 58.93
C TRP C 420 19.42 -6.50 58.02
N LEU C 421 20.52 -5.91 57.56
CA LEU C 421 21.35 -6.59 56.56
C LEU C 421 22.01 -7.87 57.07
N SER C 422 22.57 -7.80 58.27
CA SER C 422 23.20 -8.96 58.89
C SER C 422 22.20 -10.08 59.13
N GLY C 423 20.98 -9.73 59.52
CA GLY C 423 19.93 -10.74 59.72
C GLY C 423 19.49 -11.40 58.40
N SER C 424 19.20 -10.56 57.43
CA SER C 424 18.79 -11.02 56.11
C SER C 424 19.86 -11.89 55.47
N ASN C 425 21.12 -11.48 55.58
CA ASN C 425 22.24 -12.28 55.07
C ASN C 425 22.28 -13.68 55.73
N LEU C 426 22.08 -13.74 57.05
CA LEU C 426 22.06 -15.05 57.75
C LEU C 426 20.88 -15.92 57.31
N GLY C 427 19.71 -15.32 57.17
CA GLY C 427 18.53 -16.06 56.76
C GLY C 427 18.68 -16.59 55.33
N SER C 428 19.19 -15.73 54.44
CA SER C 428 19.43 -16.11 53.05
C SER C 428 20.40 -17.28 52.96
N ALA C 429 21.49 -17.22 53.73
CA ALA C 429 22.46 -18.31 53.80
C ALA C 429 21.84 -19.61 54.33
N PHE C 430 20.96 -19.50 55.32
CA PHE C 430 20.25 -20.68 55.85
C PHE C 430 19.34 -21.32 54.81
N LEU C 431 18.58 -20.50 54.09
CA LEU C 431 17.74 -21.01 53.02
C LEU C 431 18.57 -21.66 51.90
N GLN C 432 19.70 -21.03 51.58
CA GLN C 432 20.62 -21.55 50.58
C GLN C 432 21.14 -22.94 50.98
N LYS C 433 21.42 -23.10 52.27
CA LYS C 433 21.89 -24.39 52.82
C LYS C 433 20.80 -25.45 52.72
N LEU C 434 19.56 -25.09 53.10
CA LEU C 434 18.45 -26.04 52.97
C LEU C 434 18.29 -26.51 51.51
N LEU C 435 18.40 -25.57 50.56
CA LEU C 435 18.31 -25.89 49.15
C LEU C 435 19.46 -26.80 48.68
N HIS C 436 20.68 -26.49 49.09
CA HIS C 436 21.82 -27.33 48.76
C HIS C 436 21.64 -28.76 49.29
N ASP C 437 21.18 -28.87 50.54
CA ASP C 437 20.93 -30.17 51.16
C ASP C 437 19.82 -30.96 50.43
N LEU C 438 18.72 -30.28 50.08
CA LEU C 438 17.64 -30.89 49.31
C LEU C 438 18.08 -31.37 47.92
N GLU C 439 18.81 -30.52 47.20
CA GLU C 439 19.36 -30.88 45.88
C GLU C 439 20.31 -32.08 45.98
N HIS C 440 21.12 -32.13 47.02
CA HIS C 440 22.09 -33.23 47.19
C HIS C 440 21.43 -34.57 47.57
N SER C 441 20.51 -34.53 48.54
CA SER C 441 19.92 -35.73 49.11
C SER C 441 18.65 -36.19 48.41
N GLY C 442 17.94 -35.26 47.76
CA GLY C 442 16.60 -35.49 47.24
C GLY C 442 15.57 -35.82 48.30
N ASP C 443 15.87 -35.54 49.58
CA ASP C 443 15.04 -36.02 50.69
C ASP C 443 14.07 -34.92 51.14
N ALA C 444 12.84 -35.00 50.64
CA ALA C 444 11.84 -33.97 50.89
C ALA C 444 11.41 -33.92 52.36
N ARG C 445 11.29 -35.10 52.96
CA ARG C 445 10.87 -35.23 54.35
C ARG C 445 11.89 -34.57 55.30
N GLN C 446 13.17 -34.82 55.04
CA GLN C 446 14.31 -34.20 55.74
C GLN C 446 14.26 -32.68 55.62
N PHE C 447 14.01 -32.18 54.41
CA PHE C 447 13.86 -30.74 54.22
C PHE C 447 12.70 -30.15 55.03
N ASP C 448 11.51 -30.76 54.94
CA ASP C 448 10.34 -30.23 55.67
C ASP C 448 10.65 -30.17 57.17
N ALA C 449 11.28 -31.21 57.68
CA ALA C 449 11.62 -31.28 59.10
C ALA C 449 12.66 -30.23 59.49
N ALA C 450 13.69 -30.06 58.65
CA ALA C 450 14.73 -29.07 58.90
C ALA C 450 14.18 -27.64 58.92
N LEU C 451 13.30 -27.29 57.99
CA LEU C 451 12.66 -25.97 57.99
C LEU C 451 11.84 -25.77 59.25
N GLU C 452 11.10 -26.83 59.64
CA GLU C 452 10.26 -26.74 60.83
C GLU C 452 11.07 -26.66 62.13
N ALA C 453 12.26 -27.23 62.14
CA ALA C 453 13.11 -27.28 63.34
C ALA C 453 13.92 -26.03 63.60
N VAL C 454 13.84 -25.01 62.73
CA VAL C 454 14.62 -23.78 62.96
C VAL C 454 14.22 -23.17 64.30
N ARG C 455 15.18 -22.57 64.98
CA ARG C 455 14.93 -22.08 66.34
C ARG C 455 14.10 -20.82 66.40
N PHE C 456 14.08 -20.04 65.31
CA PHE C 456 13.37 -18.76 65.26
C PHE C 456 12.56 -18.63 63.96
N PRO C 457 11.53 -19.48 63.80
CA PRO C 457 10.69 -19.38 62.62
C PRO C 457 10.07 -17.98 62.53
N GLY C 458 10.16 -17.39 61.35
CA GLY C 458 9.63 -16.05 61.12
C GLY C 458 10.55 -14.91 61.49
N CYS C 459 11.76 -15.20 61.98
CA CYS C 459 12.72 -14.16 62.31
C CYS C 459 13.76 -14.08 61.19
N LEU C 460 14.48 -12.97 61.11
CA LEU C 460 15.32 -12.72 59.93
C LEU C 460 16.43 -13.77 59.71
N SER C 461 17.05 -14.24 60.79
CA SER C 461 18.13 -15.23 60.67
C SER C 461 17.64 -16.68 60.58
N LEU C 462 16.37 -16.91 60.90
CA LEU C 462 15.76 -18.25 61.04
C LEU C 462 16.30 -19.07 62.22
N ASP C 463 17.61 -19.08 62.43
CA ASP C 463 18.20 -20.03 63.37
C ASP C 463 19.38 -19.51 64.18
N SER C 464 19.69 -18.22 64.17
CA SER C 464 20.89 -17.73 64.88
C SER C 464 20.52 -17.03 66.19
N PRO C 465 20.81 -17.67 67.36
CA PRO C 465 20.49 -16.99 68.62
C PRO C 465 21.25 -15.69 68.82
N ALA C 466 22.52 -15.63 68.41
CA ALA C 466 23.30 -14.39 68.54
C ALA C 466 22.69 -13.27 67.68
N TYR C 467 22.26 -13.58 66.47
CA TYR C 467 21.64 -12.55 65.65
C TYR C 467 20.33 -12.08 66.31
N GLU C 468 19.48 -13.01 66.73
CA GLU C 468 18.20 -12.61 67.29
C GLU C 468 18.36 -11.77 68.56
N SER C 469 19.42 -12.03 69.33
CA SER C 469 19.83 -11.15 70.44
C SER C 469 20.13 -9.72 69.97
N LEU C 470 20.92 -9.59 68.91
CA LEU C 470 21.20 -8.29 68.31
C LEU C 470 19.90 -7.59 67.87
N PHE C 471 19.04 -8.33 67.17
CA PHE C 471 17.80 -7.77 66.64
C PHE C 471 16.91 -7.26 67.78
N ARG C 472 16.69 -8.09 68.80
CA ARG C 472 15.79 -7.72 69.89
C ARG C 472 16.29 -6.52 70.71
N GLN C 473 17.59 -6.49 70.99
CA GLN C 473 18.16 -5.36 71.72
C GLN C 473 18.18 -4.08 70.88
N SER C 474 18.45 -4.22 69.59
CA SER C 474 18.47 -3.06 68.67
C SER C 474 17.07 -2.45 68.54
N CYS C 475 16.05 -3.29 68.40
CA CYS C 475 14.67 -2.80 68.34
C CYS C 475 14.28 -2.09 69.63
N GLN C 476 14.71 -2.65 70.76
CA GLN C 476 14.48 -2.03 72.06
C GLN C 476 15.12 -0.63 72.13
N VAL C 477 16.35 -0.50 71.62
CA VAL C 477 17.03 0.82 71.57
C VAL C 477 16.21 1.82 70.73
N MET C 478 15.74 1.37 69.57
CA MET C 478 14.91 2.22 68.70
C MET C 478 13.57 2.60 69.31
N GLN C 479 12.92 1.67 70.00
CA GLN C 479 11.63 1.98 70.61
C GLN C 479 11.77 2.98 71.76
N GLN C 480 12.79 2.80 72.60
CA GLN C 480 13.09 3.79 73.66
C GLN C 480 13.45 5.15 73.08
N ALA C 481 14.24 5.16 72.01
CA ALA C 481 14.60 6.39 71.32
C ALA C 481 13.37 7.15 70.79
N ARG C 482 12.38 6.42 70.27
CA ARG C 482 11.09 7.04 69.86
C ARG C 482 10.34 7.55 71.10
N GLU C 483 10.12 6.66 72.08
CA GLU C 483 9.32 6.97 73.28
C GLU C 483 9.87 8.15 74.08
N GLN C 484 11.19 8.28 74.11
CA GLN C 484 11.85 9.31 74.91
C GLN C 484 12.50 10.41 74.08
N ALA C 485 12.26 10.43 72.76
CA ALA C 485 12.83 11.45 71.88
C ALA C 485 14.32 11.64 72.14
N ARG C 486 15.06 10.53 72.13
CA ARG C 486 16.49 10.56 72.45
C ARG C 486 17.25 11.18 71.30
N PRO C 487 18.42 11.80 71.58
CA PRO C 487 19.17 12.37 70.45
C PRO C 487 19.67 11.28 69.50
N VAL C 488 19.61 11.56 68.21
CA VAL C 488 19.96 10.55 67.20
C VAL C 488 21.40 10.06 67.27
N ALA C 489 22.33 10.92 67.68
CA ALA C 489 23.73 10.51 67.81
C ALA C 489 23.88 9.44 68.90
N GLU C 490 23.14 9.58 69.99
CA GLU C 490 23.20 8.64 71.10
C GLU C 490 22.62 7.29 70.68
N THR C 491 21.49 7.34 70.00
CA THR C 491 20.84 6.13 69.50
C THR C 491 21.77 5.41 68.51
N ALA C 492 22.35 6.15 67.57
CA ALA C 492 23.29 5.57 66.61
C ALA C 492 24.49 4.88 67.28
N ASN C 493 25.09 5.56 68.26
CA ASN C 493 26.21 4.95 68.98
C ASN C 493 25.81 3.68 69.72
N ALA C 494 24.63 3.70 70.35
CA ALA C 494 24.10 2.54 71.05
C ALA C 494 23.92 1.32 70.13
N LEU C 495 23.35 1.55 68.96
CA LEU C 495 23.26 0.50 67.96
C LEU C 495 24.62 0.02 67.52
N HIS C 496 25.54 0.95 67.29
CA HIS C 496 26.88 0.58 66.86
C HIS C 496 27.59 -0.31 67.87
N GLU C 497 27.48 0.02 69.15
CA GLU C 497 28.03 -0.85 70.21
C GLU C 497 27.39 -2.25 70.23
N LEU C 498 26.08 -2.34 69.99
CA LEU C 498 25.42 -3.63 69.90
C LEU C 498 25.94 -4.45 68.72
N ILE C 499 26.16 -3.79 67.58
CA ILE C 499 26.68 -4.47 66.39
C ILE C 499 28.08 -5.00 66.72
N LYS C 500 28.94 -4.15 67.28
CA LYS C 500 30.29 -4.57 67.64
C LYS C 500 30.27 -5.74 68.62
N GLU C 501 29.39 -5.67 69.61
CA GLU C 501 29.24 -6.75 70.59
C GLU C 501 28.90 -8.09 69.96
N HIS C 502 28.03 -8.10 68.95
CA HIS C 502 27.54 -9.34 68.34
C HIS C 502 28.28 -9.77 67.09
N GLU C 503 29.18 -8.91 66.61
CA GLU C 503 29.70 -9.02 65.25
C GLU C 503 30.42 -10.34 64.96
N ALA C 504 31.13 -10.85 65.95
CA ALA C 504 31.87 -12.09 65.78
C ALA C 504 31.00 -13.29 65.39
N GLU C 505 29.72 -13.28 65.76
CA GLU C 505 28.80 -14.36 65.40
C GLU C 505 27.97 -14.09 64.13
N LEU C 506 28.20 -12.95 63.48
CA LEU C 506 27.52 -12.64 62.22
C LEU C 506 28.46 -13.04 61.10
N LEU C 507 27.98 -13.00 59.86
CA LEU C 507 28.86 -13.28 58.72
C LEU C 507 29.97 -12.23 58.66
N PRO C 508 31.17 -12.62 58.22
CA PRO C 508 32.29 -11.65 58.29
C PRO C 508 32.31 -10.58 57.18
N LEU C 509 31.30 -9.71 57.12
CA LEU C 509 31.21 -8.66 56.08
C LEU C 509 31.66 -7.26 56.53
N GLY C 510 31.99 -7.09 57.80
CA GLY C 510 32.40 -5.78 58.32
C GLY C 510 31.23 -4.86 58.62
N TYR C 511 30.19 -5.40 59.25
CA TYR C 511 28.98 -4.63 59.54
C TYR C 511 29.22 -3.42 60.43
N SER C 512 30.20 -3.49 61.32
CA SER C 512 30.47 -2.35 62.20
C SER C 512 31.29 -1.23 61.54
N ARG C 513 31.79 -1.42 60.33
CA ARG C 513 32.54 -0.37 59.63
C ARG C 513 31.59 0.65 58.98
N ILE C 514 31.26 1.69 59.75
CA ILE C 514 30.21 2.65 59.35
C ILE C 514 30.59 3.49 58.14
N SER C 515 31.89 3.71 57.92
CA SER C 515 32.34 4.47 56.77
C SER C 515 32.11 3.74 55.44
N ASN C 516 32.01 2.42 55.46
CA ASN C 516 31.59 1.63 54.28
C ASN C 516 30.06 1.56 54.14
N ARG C 517 29.54 2.36 53.19
CA ARG C 517 28.10 2.48 52.95
C ARG C 517 27.58 1.51 51.88
N PHE C 518 28.47 0.68 51.33
CA PHE C 518 28.15 -0.26 50.25
C PHE C 518 28.71 -1.64 50.60
N ILE C 519 28.07 -2.27 51.58
CA ILE C 519 28.58 -3.50 52.18
C ILE C 519 28.44 -4.65 51.20
N LEU C 520 29.59 -5.22 50.79
CA LEU C 520 29.70 -6.22 49.73
C LEU C 520 29.77 -7.62 50.34
N LYS C 521 29.37 -8.61 49.55
CA LYS C 521 29.30 -10.00 49.99
C LYS C 521 30.66 -10.70 49.94
N ASN D 22 -13.83 25.54 28.53
CA ASN D 22 -13.27 24.28 27.93
C ASN D 22 -11.82 24.03 28.37
N GLN D 23 -11.66 23.16 29.38
N GLN D 23 -11.64 23.14 29.35
CA GLN D 23 -10.35 22.67 29.83
CA GLN D 23 -10.30 22.76 29.80
C GLN D 23 -9.59 21.98 28.70
C GLN D 23 -9.58 21.80 28.84
N TYR D 24 -10.31 21.22 27.87
CA TYR D 24 -9.70 20.40 26.81
C TYR D 24 -10.23 20.76 25.43
N ASP D 25 -9.47 20.39 24.40
CA ASP D 25 -9.99 20.46 23.02
C ASP D 25 -10.92 19.27 22.75
N VAL D 26 -10.46 18.08 23.14
CA VAL D 26 -11.18 16.84 22.83
C VAL D 26 -11.21 15.92 24.03
N ILE D 27 -12.40 15.39 24.29
CA ILE D 27 -12.56 14.26 25.23
C ILE D 27 -12.77 12.98 24.38
N ILE D 28 -12.07 11.92 24.74
CA ILE D 28 -12.17 10.61 24.10
C ILE D 28 -12.70 9.62 25.15
N ILE D 29 -13.79 8.94 24.84
CA ILE D 29 -14.34 7.90 25.71
C ILE D 29 -13.76 6.56 25.24
N GLY D 30 -12.98 5.89 26.10
CA GLY D 30 -12.36 4.61 25.75
C GLY D 30 -10.87 4.76 25.60
N SER D 31 -10.12 3.93 26.33
CA SER D 31 -8.65 3.95 26.31
C SER D 31 -8.05 2.68 25.72
N GLY D 32 -8.84 1.94 24.94
CA GLY D 32 -8.33 0.85 24.11
C GLY D 32 -7.60 1.39 22.90
N ILE D 33 -7.24 0.49 21.98
CA ILE D 33 -6.37 0.90 20.88
C ILE D 33 -6.98 2.06 20.09
N ALA D 34 -8.28 2.08 19.89
CA ALA D 34 -8.89 3.17 19.09
C ALA D 34 -8.73 4.53 19.77
N GLY D 35 -9.14 4.58 21.03
CA GLY D 35 -9.08 5.82 21.80
C GLY D 35 -7.64 6.29 22.00
N ALA D 36 -6.76 5.32 22.24
CA ALA D 36 -5.36 5.62 22.48
C ALA D 36 -4.68 6.19 21.24
N LEU D 37 -4.88 5.57 20.09
CA LEU D 37 -4.25 6.07 18.88
C LEU D 37 -4.85 7.41 18.47
N THR D 38 -6.16 7.57 18.67
CA THR D 38 -6.81 8.84 18.41
C THR D 38 -6.20 9.93 19.30
N GLY D 39 -6.10 9.63 20.59
CA GLY D 39 -5.48 10.55 21.54
C GLY D 39 -4.04 10.92 21.20
N ALA D 40 -3.27 9.92 20.80
CA ALA D 40 -1.88 10.13 20.44
C ALA D 40 -1.72 11.10 19.27
N VAL D 41 -2.47 10.89 18.18
CA VAL D 41 -2.31 11.72 16.99
C VAL D 41 -2.78 13.14 17.25
N LEU D 42 -3.84 13.30 18.04
CA LEU D 42 -4.37 14.62 18.35
C LEU D 42 -3.45 15.37 19.33
N ALA D 43 -2.94 14.66 20.34
CA ALA D 43 -2.00 15.30 21.30
C ALA D 43 -0.69 15.71 20.60
N LYS D 44 -0.15 14.81 19.79
CA LYS D 44 1.02 15.10 18.94
C LYS D 44 0.84 16.38 18.11
N SER D 45 -0.36 16.55 17.60
CA SER D 45 -0.71 17.68 16.74
C SER D 45 -1.02 19.01 17.46
N GLY D 46 -0.92 19.05 18.79
CA GLY D 46 -1.08 20.28 19.55
C GLY D 46 -2.39 20.43 20.28
N LEU D 47 -3.22 19.39 20.31
CA LEU D 47 -4.47 19.49 21.03
C LEU D 47 -4.31 18.98 22.45
N ASN D 48 -5.09 19.56 23.37
CA ASN D 48 -5.20 19.05 24.72
C ASN D 48 -6.34 18.04 24.81
N VAL D 49 -5.96 16.80 25.09
CA VAL D 49 -6.84 15.65 24.97
C VAL D 49 -7.04 15.04 26.35
N LEU D 50 -8.27 14.66 26.66
CA LEU D 50 -8.57 13.86 27.84
C LEU D 50 -9.23 12.56 27.43
N ILE D 51 -8.61 11.43 27.82
CA ILE D 51 -9.15 10.11 27.61
C ILE D 51 -9.83 9.64 28.90
N LEU D 52 -11.09 9.22 28.79
CA LEU D 52 -11.86 8.71 29.92
C LEU D 52 -12.20 7.26 29.69
N ASP D 53 -11.98 6.40 30.70
CA ASP D 53 -12.37 5.00 30.61
C ASP D 53 -12.95 4.52 31.94
N SER D 54 -14.06 3.78 31.86
CA SER D 54 -14.66 3.15 33.03
C SER D 54 -13.84 1.93 33.48
N ALA D 55 -13.13 1.32 32.54
CA ALA D 55 -12.24 0.19 32.82
C ALA D 55 -10.83 0.69 33.16
N GLN D 56 -9.90 -0.23 33.35
CA GLN D 56 -8.51 0.16 33.53
C GLN D 56 -7.63 -0.86 32.85
N HIS D 57 -6.40 -0.48 32.60
CA HIS D 57 -5.42 -1.40 32.05
C HIS D 57 -4.67 -2.09 33.21
N PRO D 58 -4.24 -3.33 33.03
CA PRO D 58 -4.42 -4.13 31.82
C PRO D 58 -5.82 -4.76 31.75
N ARG D 59 -6.36 -4.94 30.55
N ARG D 59 -6.28 -5.02 30.53
CA ARG D 59 -7.57 -5.72 30.43
CA ARG D 59 -7.60 -5.59 30.32
C ARG D 59 -7.68 -6.40 29.07
C ARG D 59 -7.58 -6.46 29.08
N PHE D 60 -8.38 -7.52 29.09
CA PHE D 60 -8.61 -8.37 27.95
C PHE D 60 -9.51 -7.69 26.92
N SER D 61 -9.29 -8.01 25.66
CA SER D 61 -10.21 -7.67 24.59
C SER D 61 -9.98 -8.67 23.46
N VAL D 62 -11.02 -9.02 22.69
CA VAL D 62 -10.84 -9.72 21.41
C VAL D 62 -10.74 -8.68 20.28
N GLY D 63 -10.64 -9.11 19.03
CA GLY D 63 -10.31 -8.22 17.89
C GLY D 63 -8.82 -8.38 17.67
N GLU D 64 -8.43 -9.58 17.28
CA GLU D 64 -7.04 -10.04 17.41
C GLU D 64 -6.33 -10.29 16.07
N ALA D 65 -7.09 -10.59 15.02
CA ALA D 65 -6.47 -11.00 13.76
C ALA D 65 -6.20 -9.76 12.95
N ALA D 66 -4.92 -9.43 12.79
CA ALA D 66 -4.52 -8.38 11.88
C ALA D 66 -4.78 -8.84 10.44
N THR D 67 -4.85 -7.86 9.55
CA THR D 67 -5.03 -8.07 8.12
C THR D 67 -4.03 -7.21 7.35
N PRO D 68 -3.80 -7.51 6.06
CA PRO D 68 -2.97 -6.59 5.26
C PRO D 68 -3.47 -5.16 5.35
N GLU D 69 -4.78 -4.98 5.32
CA GLU D 69 -5.35 -3.63 5.34
C GLU D 69 -5.04 -2.94 6.66
N SER D 70 -5.24 -3.66 7.78
CA SER D 70 -5.01 -3.05 9.10
C SER D 70 -3.54 -2.68 9.28
N GLY D 71 -2.63 -3.49 8.73
CA GLY D 71 -1.20 -3.17 8.72
C GLY D 71 -0.86 -1.90 7.96
N PHE D 72 -1.42 -1.75 6.76
CA PHE D 72 -1.16 -0.54 5.98
C PHE D 72 -1.74 0.71 6.68
N LEU D 73 -2.92 0.55 7.30
CA LEU D 73 -3.59 1.65 7.97
C LEU D 73 -2.81 2.11 9.21
N LEU D 74 -2.24 1.18 9.96
CA LEU D 74 -1.33 1.55 11.07
C LEU D 74 -0.09 2.31 10.58
N ARG D 75 0.50 1.85 9.49
CA ARG D 75 1.69 2.50 8.93
C ARG D 75 1.32 3.88 8.35
N LEU D 76 0.13 3.98 7.75
CA LEU D 76 -0.40 5.27 7.31
C LEU D 76 -0.60 6.22 8.47
N LEU D 77 -1.23 5.75 9.54
CA LEU D 77 -1.40 6.60 10.73
C LEU D 77 -0.05 7.09 11.24
N SER D 78 0.91 6.17 11.29
CA SER D 78 2.26 6.45 11.76
C SER D 78 2.94 7.52 10.91
N LYS D 79 2.87 7.38 9.59
CA LYS D 79 3.53 8.32 8.67
C LYS D 79 2.78 9.64 8.61
N ARG D 80 1.46 9.56 8.54
CA ARG D 80 0.62 10.76 8.42
C ARG D 80 0.83 11.73 9.58
N PHE D 81 1.02 11.21 10.79
CA PHE D 81 1.16 12.03 12.00
C PHE D 81 2.56 12.01 12.63
N ASP D 82 3.52 11.35 11.98
CA ASP D 82 4.92 11.29 12.43
C ASP D 82 5.03 10.74 13.85
N ILE D 83 4.43 9.58 14.08
CA ILE D 83 4.60 8.85 15.31
C ILE D 83 5.12 7.44 14.95
N PRO D 84 6.45 7.28 14.87
CA PRO D 84 7.04 5.98 14.50
C PRO D 84 6.53 4.76 15.29
N GLU D 85 6.26 4.92 16.58
CA GLU D 85 5.83 3.79 17.43
C GLU D 85 4.53 3.14 16.98
N ILE D 86 3.64 3.90 16.35
CA ILE D 86 2.41 3.32 15.82
C ILE D 86 2.71 2.22 14.79
N ALA D 87 3.70 2.43 13.94
CA ALA D 87 4.02 1.46 12.88
C ALA D 87 4.56 0.14 13.43
N TYR D 88 5.14 0.16 14.63
CA TYR D 88 5.59 -1.10 15.29
C TYR D 88 4.44 -2.08 15.45
N LEU D 89 3.24 -1.56 15.69
CA LEU D 89 2.06 -2.40 15.87
C LEU D 89 1.59 -3.16 14.61
N SER D 90 2.15 -2.84 13.43
CA SER D 90 1.77 -3.48 12.16
C SER D 90 2.54 -4.76 11.81
N HIS D 91 3.67 -5.02 12.44
CA HIS D 91 4.48 -6.19 12.11
C HIS D 91 4.79 -7.00 13.40
N PRO D 92 4.59 -8.34 13.38
CA PRO D 92 4.82 -9.16 14.58
C PRO D 92 6.27 -9.08 15.13
N ASP D 93 7.27 -9.04 14.26
CA ASP D 93 8.67 -8.84 14.70
C ASP D 93 8.90 -7.52 15.44
N LYS D 94 8.26 -6.45 14.99
CA LYS D 94 8.35 -5.16 15.70
C LYS D 94 7.56 -5.16 17.02
N ILE D 95 6.40 -5.81 17.02
CA ILE D 95 5.60 -6.01 18.25
C ILE D 95 6.45 -6.75 19.28
N ILE D 96 7.05 -7.86 18.88
CA ILE D 96 7.88 -8.66 19.78
C ILE D 96 9.04 -7.80 20.32
N GLN D 97 9.68 -7.06 19.43
CA GLN D 97 10.84 -6.26 19.80
C GLN D 97 10.50 -5.09 20.73
N HIS D 98 9.42 -4.38 20.44
CA HIS D 98 9.10 -3.12 21.11
C HIS D 98 8.00 -3.19 22.15
N VAL D 99 6.99 -4.03 21.93
CA VAL D 99 5.88 -4.14 22.87
C VAL D 99 6.20 -5.22 23.91
N GLY D 100 6.68 -6.37 23.45
CA GLY D 100 7.09 -7.47 24.33
C GLY D 100 6.87 -8.82 23.67
N SER D 101 7.64 -9.81 24.13
CA SER D 101 7.61 -11.13 23.50
C SER D 101 6.29 -11.87 23.71
N SER D 102 5.48 -11.47 24.69
CA SER D 102 4.14 -12.05 24.87
C SER D 102 3.02 -11.33 24.09
N ALA D 103 3.34 -10.29 23.34
CA ALA D 103 2.33 -9.37 22.82
C ALA D 103 1.65 -9.82 21.51
N CYS D 104 2.18 -10.86 20.87
CA CYS D 104 1.52 -11.39 19.67
C CYS D 104 1.95 -12.81 19.32
N GLY D 105 1.07 -13.47 18.56
CA GLY D 105 1.43 -14.60 17.74
C GLY D 105 1.62 -14.13 16.31
N ILE D 106 1.84 -15.08 15.42
CA ILE D 106 2.06 -14.81 14.00
C ILE D 106 0.89 -15.34 13.19
N LYS D 107 0.64 -14.70 12.05
CA LYS D 107 -0.22 -15.29 11.04
C LYS D 107 0.40 -15.10 9.66
N LEU D 108 0.40 -16.20 8.91
CA LEU D 108 0.92 -16.24 7.57
C LEU D 108 -0.21 -16.33 6.55
N GLY D 109 -1.45 -16.20 7.01
CA GLY D 109 -2.62 -16.26 6.15
C GLY D 109 -3.87 -16.46 6.98
N PHE D 110 -5.01 -16.44 6.31
CA PHE D 110 -6.28 -16.88 6.83
C PHE D 110 -6.50 -18.28 6.28
N SER D 111 -6.91 -19.22 7.11
CA SER D 111 -7.22 -20.58 6.64
C SER D 111 -8.64 -20.93 7.02
N PHE D 112 -9.29 -21.74 6.19
CA PHE D 112 -10.68 -22.10 6.38
C PHE D 112 -10.82 -23.59 6.17
N ALA D 113 -11.33 -24.28 7.18
CA ALA D 113 -11.56 -25.73 7.12
C ALA D 113 -13.03 -25.99 7.34
N TRP D 114 -13.64 -26.73 6.42
CA TRP D 114 -15.08 -26.95 6.40
C TRP D 114 -15.45 -28.31 7.00
N HIS D 115 -16.60 -28.33 7.68
CA HIS D 115 -17.11 -29.53 8.34
C HIS D 115 -18.59 -29.64 8.16
N GLN D 116 -19.10 -30.85 8.38
CA GLN D 116 -20.53 -31.06 8.43
C GLN D 116 -20.93 -32.06 9.49
N GLU D 117 -22.13 -31.86 9.99
CA GLU D 117 -22.71 -32.78 10.94
C GLU D 117 -22.89 -34.18 10.31
N ASN D 118 -22.66 -35.20 11.11
CA ASN D 118 -22.85 -36.60 10.72
C ASN D 118 -22.01 -37.12 9.56
N ALA D 119 -20.82 -36.54 9.38
CA ALA D 119 -19.85 -37.04 8.41
C ALA D 119 -18.45 -36.73 8.91
N PRO D 120 -17.47 -37.59 8.55
CA PRO D 120 -16.10 -37.23 8.95
C PRO D 120 -15.61 -36.01 8.18
N SER D 121 -14.77 -35.21 8.83
CA SER D 121 -14.18 -34.04 8.19
C SER D 121 -13.02 -34.43 7.31
N SER D 122 -12.94 -33.81 6.13
CA SER D 122 -11.86 -34.06 5.20
C SER D 122 -10.85 -32.92 5.26
N PRO D 123 -9.55 -33.23 5.43
CA PRO D 123 -8.47 -32.26 5.24
C PRO D 123 -8.30 -31.68 3.84
N ASP D 124 -9.03 -32.18 2.83
CA ASP D 124 -9.06 -31.55 1.50
C ASP D 124 -10.10 -30.44 1.38
N HIS D 125 -10.95 -30.29 2.39
CA HIS D 125 -11.95 -29.22 2.44
C HIS D 125 -11.36 -28.01 3.18
N LEU D 126 -10.26 -27.50 2.62
CA LEU D 126 -9.46 -26.42 3.17
C LEU D 126 -9.17 -25.43 2.07
N VAL D 127 -9.25 -24.14 2.39
CA VAL D 127 -8.60 -23.11 1.58
C VAL D 127 -7.75 -22.22 2.50
N ALA D 128 -6.59 -21.80 2.02
CA ALA D 128 -5.71 -20.94 2.80
C ALA D 128 -4.83 -20.12 1.88
N PRO D 129 -5.25 -18.89 1.54
CA PRO D 129 -4.42 -18.01 0.70
C PRO D 129 -3.30 -17.39 1.54
N PRO D 130 -2.02 -17.72 1.26
CA PRO D 130 -0.95 -17.18 2.12
C PRO D 130 -0.55 -15.75 1.85
N LEU D 131 0.00 -15.10 2.89
CA LEU D 131 0.58 -13.76 2.77
C LEU D 131 2.04 -13.85 2.33
N LYS D 132 2.56 -12.76 1.77
CA LYS D 132 4.02 -12.64 1.54
C LYS D 132 4.69 -12.19 2.83
N VAL D 133 4.10 -11.17 3.45
CA VAL D 133 4.62 -10.57 4.67
C VAL D 133 3.79 -11.02 5.87
N PRO D 134 4.44 -11.55 6.94
CA PRO D 134 3.69 -12.04 8.12
C PRO D 134 2.96 -10.93 8.82
N GLU D 135 1.85 -11.29 9.43
CA GLU D 135 1.05 -10.38 10.22
C GLU D 135 0.90 -10.92 11.64
N ALA D 136 0.21 -10.15 12.50
CA ALA D 136 0.14 -10.46 13.93
C ALA D 136 -1.21 -11.02 14.35
N HIS D 137 -1.17 -11.91 15.35
CA HIS D 137 -2.31 -12.18 16.21
C HIS D 137 -2.10 -11.35 17.47
N LEU D 138 -2.91 -10.33 17.61
CA LEU D 138 -2.70 -9.29 18.61
C LEU D 138 -3.16 -9.73 20.01
N PHE D 139 -2.24 -9.76 20.97
CA PHE D 139 -2.61 -10.04 22.37
C PHE D 139 -2.98 -8.71 22.97
N ARG D 140 -4.29 -8.42 22.94
CA ARG D 140 -4.77 -7.05 23.05
C ARG D 140 -4.47 -6.38 24.39
N GLN D 141 -4.45 -7.13 25.50
CA GLN D 141 -4.06 -6.54 26.78
C GLN D 141 -2.70 -5.83 26.72
N ASP D 142 -1.75 -6.38 25.96
CA ASP D 142 -0.41 -5.82 25.89
C ASP D 142 -0.33 -4.74 24.80
N ILE D 143 -0.89 -5.04 23.64
CA ILE D 143 -0.96 -4.08 22.54
C ILE D 143 -1.65 -2.79 22.96
N ASP D 144 -2.83 -2.90 23.55
CA ASP D 144 -3.61 -1.70 23.88
C ASP D 144 -2.95 -0.88 24.99
N TYR D 145 -2.28 -1.54 25.92
CA TYR D 145 -1.59 -0.80 26.99
C TYR D 145 -0.43 0.00 26.36
N PHE D 146 0.31 -0.66 25.47
CA PHE D 146 1.39 -0.01 24.74
C PHE D 146 0.86 1.17 23.93
N ALA D 147 -0.30 1.00 23.29
CA ALA D 147 -0.93 2.12 22.57
C ALA D 147 -1.28 3.30 23.49
N LEU D 148 -1.84 3.00 24.66
CA LEU D 148 -2.09 4.06 25.64
C LEU D 148 -0.81 4.80 26.06
N MET D 149 0.28 4.08 26.24
CA MET D 149 1.56 4.69 26.56
C MET D 149 2.02 5.65 25.46
N ILE D 150 1.76 5.32 24.19
CA ILE D 150 2.05 6.26 23.09
C ILE D 150 1.29 7.56 23.34
N ALA D 151 0.00 7.48 23.66
CA ALA D 151 -0.83 8.66 23.88
C ALA D 151 -0.32 9.49 25.07
N LEU D 152 -0.02 8.80 26.17
CA LEU D 152 0.52 9.43 27.38
C LEU D 152 1.86 10.13 27.15
N LYS D 153 2.73 9.49 26.38
CA LYS D 153 4.04 10.09 26.10
C LYS D 153 3.93 11.33 25.19
N HIS D 154 2.85 11.41 24.41
CA HIS D 154 2.59 12.60 23.60
C HIS D 154 1.75 13.69 24.28
N GLY D 155 1.40 13.52 25.55
CA GLY D 155 0.73 14.58 26.30
C GLY D 155 -0.76 14.43 26.55
N ALA D 156 -1.39 13.38 26.02
CA ALA D 156 -2.79 13.12 26.32
C ALA D 156 -2.93 12.82 27.79
N GLU D 157 -3.97 13.33 28.42
CA GLU D 157 -4.30 12.94 29.79
C GLU D 157 -5.26 11.77 29.75
N SER D 158 -5.20 10.93 30.80
CA SER D 158 -6.00 9.73 30.88
C SER D 158 -6.52 9.54 32.29
N ARG D 159 -7.83 9.34 32.42
CA ARG D 159 -8.45 8.99 33.69
C ARG D 159 -9.14 7.67 33.52
N GLN D 160 -8.71 6.70 34.31
CA GLN D 160 -9.26 5.36 34.27
C GLN D 160 -10.20 5.19 35.43
N ASN D 161 -11.00 4.14 35.39
CA ASN D 161 -11.82 3.79 36.52
C ASN D 161 -12.90 4.84 36.85
N ILE D 162 -13.34 5.61 35.84
CA ILE D 162 -14.26 6.72 36.10
C ILE D 162 -15.67 6.30 35.73
N LYS D 163 -16.65 7.07 36.17
CA LYS D 163 -18.04 6.86 35.76
C LYS D 163 -18.58 8.19 35.25
N ILE D 164 -19.08 8.17 34.02
CA ILE D 164 -19.71 9.33 33.42
C ILE D 164 -21.18 9.36 33.89
N GLU D 165 -21.55 10.44 34.57
CA GLU D 165 -22.95 10.65 35.04
C GLU D 165 -23.82 11.20 33.89
N SER D 166 -23.30 12.19 33.15
CA SER D 166 -24.00 12.69 31.96
C SER D 166 -23.09 13.44 30.98
N ILE D 167 -23.58 13.59 29.75
CA ILE D 167 -22.88 14.33 28.68
C ILE D 167 -23.87 15.34 28.13
N SER D 168 -23.46 16.62 28.09
CA SER D 168 -24.25 17.69 27.50
C SER D 168 -23.53 18.21 26.26
N LEU D 169 -24.22 18.18 25.12
CA LEU D 169 -23.73 18.73 23.86
C LEU D 169 -24.43 20.07 23.59
N ASN D 170 -23.64 21.15 23.58
CA ASN D 170 -24.15 22.52 23.47
C ASN D 170 -23.55 23.16 22.24
N ASP D 171 -24.09 24.32 21.86
CA ASP D 171 -23.53 25.07 20.73
C ASP D 171 -22.11 25.59 20.99
N ASP D 172 -21.72 25.75 22.25
CA ASP D 172 -20.38 26.24 22.59
C ASP D 172 -19.40 25.17 23.11
N GLY D 173 -19.85 23.91 23.17
CA GLY D 173 -18.97 22.81 23.55
C GLY D 173 -19.70 21.62 24.15
N VAL D 174 -18.91 20.78 24.80
CA VAL D 174 -19.39 19.55 25.43
C VAL D 174 -19.04 19.63 26.91
N GLU D 175 -19.93 19.14 27.77
CA GLU D 175 -19.64 19.05 29.20
C GLU D 175 -19.92 17.64 29.67
N VAL D 176 -18.95 17.06 30.38
CA VAL D 176 -19.07 15.69 30.87
C VAL D 176 -19.04 15.71 32.40
N ALA D 177 -20.13 15.30 33.00
CA ALA D 177 -20.21 15.16 34.46
C ALA D 177 -19.67 13.79 34.86
N LEU D 178 -18.85 13.77 35.92
CA LEU D 178 -18.21 12.57 36.43
C LEU D 178 -18.57 12.34 37.90
N SER D 179 -18.69 11.08 38.30
CA SER D 179 -18.85 10.73 39.73
C SER D 179 -17.57 11.06 40.49
N ASN D 180 -17.72 11.68 41.67
CA ASN D 180 -16.59 12.03 42.55
C ASN D 180 -15.53 12.95 41.92
N ALA D 181 -15.95 13.81 40.99
CA ALA D 181 -15.06 14.82 40.44
C ALA D 181 -15.84 15.95 39.80
N ALA D 182 -15.17 17.08 39.60
CA ALA D 182 -15.74 18.21 38.90
C ALA D 182 -16.00 17.82 37.43
N PRO D 183 -16.99 18.46 36.79
CA PRO D 183 -17.22 18.14 35.39
C PRO D 183 -16.06 18.63 34.53
N VAL D 184 -15.93 18.05 33.33
CA VAL D 184 -14.90 18.45 32.40
C VAL D 184 -15.57 18.96 31.13
N LYS D 185 -14.88 19.83 30.42
CA LYS D 185 -15.42 20.54 29.26
C LYS D 185 -14.46 20.42 28.09
N ALA D 186 -15.01 20.28 26.90
CA ALA D 186 -14.21 20.23 25.68
C ALA D 186 -14.97 20.80 24.51
N ALA D 187 -14.26 21.03 23.41
CA ALA D 187 -14.90 21.45 22.17
C ALA D 187 -15.58 20.29 21.43
N PHE D 188 -15.14 19.04 21.69
CA PHE D 188 -15.54 17.90 20.87
C PHE D 188 -15.43 16.63 21.70
N ILE D 189 -16.31 15.66 21.43
CA ILE D 189 -16.22 14.36 22.08
C ILE D 189 -16.19 13.23 21.06
N ILE D 190 -15.28 12.28 21.28
CA ILE D 190 -15.12 11.11 20.42
C ILE D 190 -15.43 9.86 21.23
N ASP D 191 -16.37 9.05 20.74
CA ASP D 191 -16.73 7.81 21.43
C ASP D 191 -15.93 6.66 20.83
N ALA D 192 -14.88 6.26 21.54
CA ALA D 192 -13.97 5.18 21.10
C ALA D 192 -14.22 3.90 21.89
N ALA D 193 -15.34 3.82 22.59
CA ALA D 193 -15.63 2.68 23.47
C ALA D 193 -16.04 1.46 22.67
N GLY D 196 -19.97 -0.19 24.04
CA GLY D 196 -21.06 0.66 24.51
C GLY D 196 -20.58 1.74 25.47
N SER D 197 -21.26 2.88 25.47
CA SER D 197 -20.92 3.98 26.40
C SER D 197 -22.13 4.86 26.65
N PRO D 198 -22.06 5.74 27.68
CA PRO D 198 -23.12 6.72 27.91
C PRO D 198 -23.48 7.59 26.69
N LEU D 199 -22.49 7.96 25.87
CA LEU D 199 -22.78 8.81 24.70
C LEU D 199 -23.65 8.11 23.66
N SER D 200 -23.29 6.88 23.29
CA SER D 200 -24.06 6.09 22.32
C SER D 200 -25.47 5.77 22.82
N ARG D 201 -25.61 5.40 24.09
CA ARG D 201 -26.92 5.14 24.69
C ARG D 201 -27.79 6.38 24.73
N GLN D 202 -27.19 7.51 25.11
CA GLN D 202 -27.95 8.76 25.19
C GLN D 202 -28.40 9.28 23.81
N LEU D 203 -27.57 9.12 22.79
CA LEU D 203 -27.92 9.58 21.42
C LEU D 203 -29.01 8.74 20.73
N GLY D 204 -29.13 7.46 21.08
CA GLY D 204 -30.20 6.62 20.57
C GLY D 204 -30.13 6.37 19.07
N LEU D 205 -28.92 6.29 18.52
CA LEU D 205 -28.74 6.15 17.08
C LEU D 205 -28.59 4.70 16.65
N ARG D 206 -28.44 3.80 17.61
CA ARG D 206 -28.14 2.42 17.28
C ARG D 206 -29.40 1.61 16.97
N THR D 207 -29.26 0.63 16.06
CA THR D 207 -30.38 -0.24 15.66
C THR D 207 -29.87 -1.56 15.07
N THR D 208 -30.72 -2.58 15.11
CA THR D 208 -30.50 -3.82 14.35
C THR D 208 -31.35 -3.90 13.08
N GLU D 209 -32.22 -2.91 12.87
CA GLU D 209 -33.08 -2.90 11.70
C GLU D 209 -32.30 -2.90 10.38
N GLY D 210 -32.71 -3.77 9.47
CA GLY D 210 -32.07 -3.86 8.15
C GLY D 210 -30.79 -4.69 8.06
N LEU D 211 -30.26 -5.19 9.18
CA LEU D 211 -29.03 -6.02 9.13
C LEU D 211 -29.36 -7.44 8.66
N ALA D 212 -28.59 -7.92 7.68
CA ALA D 212 -28.70 -9.29 7.18
C ALA D 212 -28.06 -10.31 8.14
N THR D 213 -27.10 -9.86 8.95
CA THR D 213 -26.34 -10.74 9.84
C THR D 213 -26.93 -10.70 11.25
N ASP D 214 -27.25 -11.88 11.77
CA ASP D 214 -27.85 -12.04 13.10
C ASP D 214 -27.06 -13.18 13.77
N THR D 215 -26.01 -12.82 14.50
CA THR D 215 -25.08 -13.79 15.08
C THR D 215 -24.78 -13.52 16.54
N CYS D 216 -24.38 -14.58 17.23
CA CYS D 216 -23.93 -14.53 18.60
C CYS D 216 -22.48 -15.01 18.65
N SER D 217 -21.80 -14.77 19.76
CA SER D 217 -20.40 -15.17 19.92
C SER D 217 -20.10 -15.62 21.34
N PHE D 218 -19.30 -16.68 21.45
CA PHE D 218 -18.76 -17.16 22.70
C PHE D 218 -17.24 -17.11 22.53
N PHE D 219 -16.50 -16.46 23.44
CA PHE D 219 -15.06 -16.39 23.27
C PHE D 219 -14.30 -16.44 24.58
N THR D 220 -13.07 -16.92 24.48
CA THR D 220 -12.19 -17.07 25.63
C THR D 220 -10.75 -17.23 25.16
N HIS D 221 -9.83 -17.36 26.11
CA HIS D 221 -8.44 -17.75 25.82
C HIS D 221 -8.14 -19.08 26.55
N MET D 222 -7.41 -19.97 25.88
CA MET D 222 -7.10 -21.30 26.41
C MET D 222 -5.61 -21.62 26.37
N LEU D 223 -5.23 -22.53 27.25
CA LEU D 223 -3.90 -23.14 27.29
C LEU D 223 -3.99 -24.52 26.70
N ASN D 224 -2.87 -25.00 26.18
CA ASN D 224 -2.72 -26.36 25.69
C ASN D 224 -3.69 -26.75 24.58
N VAL D 225 -4.01 -25.78 23.73
CA VAL D 225 -4.77 -26.05 22.51
C VAL D 225 -3.78 -26.69 21.53
N LYS D 226 -4.14 -27.84 20.98
CA LYS D 226 -3.31 -28.53 20.00
C LYS D 226 -3.36 -27.82 18.65
N SER D 227 -2.24 -27.82 17.94
CA SER D 227 -2.15 -27.19 16.63
C SER D 227 -2.98 -27.98 15.63
N TYR D 228 -3.41 -27.32 14.56
CA TYR D 228 -4.13 -28.03 13.51
C TYR D 228 -3.31 -29.24 13.04
N GLU D 229 -2.00 -29.05 12.87
CA GLU D 229 -1.13 -30.10 12.34
C GLU D 229 -1.06 -31.33 13.23
N ASP D 230 -1.03 -31.12 14.55
CA ASP D 230 -0.97 -32.23 15.52
C ASP D 230 -2.33 -32.88 15.76
N ALA D 231 -3.39 -32.10 15.69
CA ALA D 231 -4.71 -32.59 16.10
C ALA D 231 -5.52 -33.18 14.93
N LEU D 232 -5.42 -32.57 13.76
CA LEU D 232 -6.32 -32.89 12.63
C LEU D 232 -5.57 -33.47 11.44
N ALA D 233 -4.59 -32.76 10.89
CA ALA D 233 -3.89 -33.26 9.70
C ALA D 233 -2.55 -32.56 9.52
N PRO D 234 -1.46 -33.34 9.33
CA PRO D 234 -0.15 -32.71 9.16
C PRO D 234 0.02 -32.07 7.79
N LEU D 235 1.08 -31.32 7.61
CA LEU D 235 1.35 -30.65 6.33
C LEU D 235 1.38 -31.62 5.15
N SER D 236 1.86 -32.84 5.39
CA SER D 236 1.92 -33.85 4.35
C SER D 236 0.54 -34.27 3.86
N ARG D 237 -0.46 -34.28 4.75
CA ARG D 237 -1.83 -34.60 4.36
C ARG D 237 -2.55 -33.41 3.70
N THR D 238 -2.42 -32.22 4.27
CA THR D 238 -3.12 -31.05 3.71
C THR D 238 -2.53 -30.51 2.41
N ARG D 239 -1.21 -30.65 2.25
CA ARG D 239 -0.46 -30.02 1.16
C ARG D 239 -0.51 -28.49 1.18
N SER D 240 -0.82 -27.91 2.35
CA SER D 240 -0.87 -26.47 2.50
C SER D 240 0.56 -25.92 2.40
N PRO D 241 0.74 -24.73 1.78
CA PRO D 241 2.06 -24.11 1.80
C PRO D 241 2.45 -23.55 3.17
N ILE D 242 1.48 -23.35 4.06
CA ILE D 242 1.72 -22.86 5.43
C ILE D 242 1.12 -23.79 6.49
N GLU D 243 1.76 -23.82 7.65
CA GLU D 243 1.14 -24.44 8.82
C GLU D 243 -0.14 -23.67 9.17
N LEU D 244 -1.26 -24.38 9.32
CA LEU D 244 -2.49 -23.74 9.79
C LEU D 244 -2.35 -23.23 11.23
N PHE D 245 -1.44 -23.85 11.99
CA PHE D 245 -1.04 -23.33 13.31
C PHE D 245 -0.53 -21.89 13.22
N LYS D 246 0.10 -21.54 12.10
CA LYS D 246 0.63 -20.20 11.83
C LYS D 246 -0.31 -19.38 10.93
N SER D 247 -1.61 -19.51 11.20
CA SER D 247 -2.65 -18.82 10.44
C SER D 247 -3.79 -18.47 11.38
N THR D 248 -4.66 -17.56 10.94
CA THR D 248 -5.94 -17.37 11.58
C THR D 248 -6.85 -18.46 11.02
N LEU D 249 -7.16 -19.45 11.85
CA LEU D 249 -7.85 -20.66 11.41
C LEU D 249 -9.33 -20.51 11.69
N HIS D 250 -10.13 -20.72 10.64
CA HIS D 250 -11.57 -20.59 10.72
C HIS D 250 -12.14 -21.98 10.43
N HIS D 251 -12.76 -22.59 11.43
CA HIS D 251 -13.50 -23.83 11.21
C HIS D 251 -14.93 -23.45 10.91
N ILE D 252 -15.42 -23.79 9.72
CA ILE D 252 -16.72 -23.32 9.23
C ILE D 252 -17.66 -24.51 9.03
N PHE D 253 -18.94 -24.24 9.20
CA PHE D 253 -19.96 -25.28 9.09
C PHE D 253 -21.30 -24.59 8.93
N GLU D 254 -22.37 -25.34 8.63
CA GLU D 254 -23.61 -24.71 8.17
C GLU D 254 -24.12 -23.57 9.03
N GLU D 255 -24.14 -23.76 10.35
CA GLU D 255 -24.76 -22.84 11.29
C GLU D 255 -23.82 -21.84 11.96
N GLY D 256 -22.52 -21.87 11.61
CA GLY D 256 -21.56 -20.97 12.25
C GLY D 256 -20.10 -21.27 11.99
N TRP D 257 -19.27 -20.72 12.86
CA TRP D 257 -17.85 -20.93 12.74
C TRP D 257 -17.11 -20.77 14.07
N LEU D 258 -15.91 -21.33 14.11
CA LEU D 258 -15.06 -21.27 15.29
C LEU D 258 -13.67 -20.87 14.88
N TRP D 259 -13.06 -19.93 15.63
CA TRP D 259 -11.70 -19.50 15.35
C TRP D 259 -10.69 -20.15 16.28
N VAL D 260 -9.48 -20.35 15.74
CA VAL D 260 -8.33 -20.79 16.52
C VAL D 260 -7.22 -19.84 16.13
N ILE D 261 -6.88 -18.95 17.07
CA ILE D 261 -5.93 -17.86 16.85
C ILE D 261 -4.84 -17.99 17.91
N PRO D 262 -3.75 -18.68 17.57
CA PRO D 262 -2.72 -18.87 18.60
C PRO D 262 -1.87 -17.64 18.85
N PHE D 263 -1.46 -17.45 20.10
CA PHE D 263 -0.41 -16.51 20.45
C PHE D 263 0.91 -17.22 20.68
N ASN D 264 0.91 -18.55 20.66
CA ASN D 264 2.09 -19.37 21.02
C ASN D 264 2.74 -20.03 19.82
N ASN D 265 2.63 -19.38 18.66
CA ASN D 265 3.07 -19.97 17.39
C ASN D 265 4.21 -19.17 16.76
N HIS D 266 4.75 -18.19 17.49
CA HIS D 266 5.83 -17.32 16.99
C HIS D 266 7.16 -17.85 17.56
N PRO D 267 8.19 -18.00 16.71
CA PRO D 267 9.44 -18.58 17.20
C PRO D 267 10.15 -17.74 18.30
N GLN D 268 9.99 -16.42 18.32
CA GLN D 268 10.44 -15.57 19.43
C GLN D 268 9.39 -15.16 20.46
N GLY D 269 8.19 -15.74 20.38
CA GLY D 269 7.12 -15.40 21.30
C GLY D 269 7.19 -16.18 22.60
N THR D 270 6.61 -15.62 23.65
CA THR D 270 6.52 -16.28 24.95
C THR D 270 5.10 -16.50 25.43
N ASN D 271 4.10 -16.01 24.70
CA ASN D 271 2.72 -16.21 25.13
C ASN D 271 2.33 -17.69 24.99
N GLN D 272 1.66 -18.26 25.97
CA GLN D 272 1.24 -19.67 25.89
C GLN D 272 -0.22 -19.85 25.44
N LEU D 273 -0.96 -18.74 25.29
CA LEU D 273 -2.39 -18.83 25.07
C LEU D 273 -2.78 -18.91 23.61
N CYS D 274 -4.03 -19.33 23.42
CA CYS D 274 -4.65 -19.38 22.11
C CYS D 274 -6.05 -18.84 22.26
N SER D 275 -6.43 -17.92 21.40
CA SER D 275 -7.78 -17.35 21.43
C SER D 275 -8.71 -18.29 20.68
N ILE D 276 -9.91 -18.49 21.24
CA ILE D 276 -10.94 -19.39 20.73
C ILE D 276 -12.28 -18.64 20.79
N GLY D 277 -13.00 -18.60 19.67
CA GLY D 277 -14.31 -17.97 19.62
C GLY D 277 -15.22 -18.75 18.71
N PHE D 278 -16.45 -19.02 19.13
CA PHE D 278 -17.42 -19.67 18.24
C PHE D 278 -18.68 -18.87 18.13
N GLN D 279 -19.18 -18.80 16.89
CA GLN D 279 -20.28 -17.93 16.52
C GLN D 279 -21.36 -18.78 15.85
N PHE D 280 -22.62 -18.46 16.15
CA PHE D 280 -23.74 -19.06 15.46
C PHE D 280 -24.56 -18.03 14.71
N ASN D 281 -25.03 -18.44 13.53
CA ASN D 281 -26.12 -17.78 12.84
C ASN D 281 -27.39 -18.11 13.61
N ASN D 282 -27.90 -17.11 14.33
CA ASN D 282 -29.10 -17.27 15.14
C ASN D 282 -30.34 -17.69 14.36
N ALA D 283 -30.36 -17.41 13.06
CA ALA D 283 -31.46 -17.90 12.19
C ALA D 283 -31.40 -19.43 11.98
N LYS D 284 -30.24 -20.05 12.24
CA LYS D 284 -30.07 -21.51 12.09
C LYS D 284 -29.92 -22.26 13.40
N TYR D 285 -29.23 -21.69 14.38
CA TYR D 285 -29.09 -22.32 15.68
C TYR D 285 -29.02 -21.24 16.75
N ARG D 286 -29.87 -21.36 17.76
CA ARG D 286 -29.82 -20.47 18.93
C ARG D 286 -29.38 -21.29 20.11
N PRO D 287 -28.23 -20.93 20.72
CA PRO D 287 -27.80 -21.65 21.92
C PRO D 287 -28.75 -21.46 23.11
N THR D 288 -28.85 -22.48 23.94
CA THR D 288 -29.76 -22.47 25.10
C THR D 288 -29.10 -22.68 26.45
N GLU D 289 -27.85 -23.13 26.47
CA GLU D 289 -27.22 -23.55 27.70
C GLU D 289 -25.96 -22.71 27.97
N ALA D 290 -25.34 -22.95 29.13
CA ALA D 290 -24.15 -22.22 29.56
C ALA D 290 -23.02 -22.39 28.52
N PRO D 291 -22.13 -21.38 28.38
CA PRO D 291 -21.06 -21.45 27.38
C PRO D 291 -20.30 -22.77 27.32
N GLU D 292 -19.80 -23.30 28.44
CA GLU D 292 -19.03 -24.55 28.39
C GLU D 292 -19.87 -25.74 27.90
N ILE D 293 -21.18 -25.71 28.18
CA ILE D 293 -22.08 -26.77 27.68
C ILE D 293 -22.27 -26.64 26.17
N GLU D 294 -22.51 -25.42 25.69
CA GLU D 294 -22.59 -25.18 24.24
C GLU D 294 -21.29 -25.56 23.52
N PHE D 295 -20.14 -25.27 24.15
CA PHE D 295 -18.85 -25.66 23.58
C PHE D 295 -18.76 -27.17 23.39
N ARG D 296 -19.10 -27.93 24.44
CA ARG D 296 -19.00 -29.40 24.37
C ARG D 296 -20.00 -29.98 23.37
N LYS D 297 -21.18 -29.39 23.29
CA LYS D 297 -22.17 -29.80 22.28
C LYS D 297 -21.63 -29.58 20.87
N LEU D 298 -20.95 -28.46 20.65
CA LEU D 298 -20.34 -28.16 19.35
C LEU D 298 -19.26 -29.18 19.00
N LEU D 299 -18.42 -29.50 19.98
CA LEU D 299 -17.35 -30.50 19.76
C LEU D 299 -17.89 -31.92 19.50
N LYS D 300 -19.02 -32.25 20.10
CA LYS D 300 -19.71 -33.52 19.83
C LYS D 300 -20.25 -33.56 18.38
N LYS D 301 -20.78 -32.43 17.92
CA LYS D 301 -21.29 -32.27 16.56
C LYS D 301 -20.15 -32.33 15.54
N TYR D 302 -19.01 -31.75 15.89
CA TYR D 302 -17.85 -31.63 14.99
C TYR D 302 -16.60 -32.17 15.66
N PRO D 303 -16.53 -33.51 15.84
CA PRO D 303 -15.39 -34.12 16.55
C PRO D 303 -14.02 -33.78 15.98
N ALA D 304 -13.90 -33.50 14.68
CA ALA D 304 -12.63 -33.01 14.12
C ALA D 304 -12.15 -31.73 14.83
N ILE D 305 -13.09 -30.80 15.05
CA ILE D 305 -12.79 -29.56 15.77
C ILE D 305 -12.40 -29.91 17.22
N GLY D 306 -13.11 -30.88 17.79
CA GLY D 306 -12.79 -31.38 19.13
C GLY D 306 -11.36 -31.85 19.33
N GLU D 307 -10.69 -32.31 18.28
CA GLU D 307 -9.30 -32.77 18.42
C GLU D 307 -8.33 -31.68 18.90
N HIS D 308 -8.63 -30.42 18.64
CA HIS D 308 -7.82 -29.29 19.15
C HIS D 308 -7.79 -29.26 20.68
N PHE D 309 -8.84 -29.76 21.32
CA PHE D 309 -9.15 -29.39 22.71
C PHE D 309 -9.04 -30.52 23.72
N LYS D 310 -8.53 -31.69 23.31
CA LYS D 310 -8.43 -32.88 24.19
C LYS D 310 -7.74 -32.57 25.54
N ASP D 311 -6.64 -31.84 25.49
CA ASP D 311 -5.88 -31.48 26.71
C ASP D 311 -5.99 -30.01 27.10
N ALA D 312 -6.90 -29.27 26.47
CA ALA D 312 -6.92 -27.83 26.62
C ALA D 312 -7.64 -27.42 27.88
N VAL D 313 -7.22 -26.29 28.42
CA VAL D 313 -7.82 -25.74 29.61
C VAL D 313 -8.14 -24.28 29.36
N ASN D 314 -9.31 -23.89 29.81
CA ASN D 314 -9.71 -22.51 29.78
C ASN D 314 -8.84 -21.64 30.71
N ALA D 315 -8.31 -20.53 30.20
CA ALA D 315 -7.50 -19.62 31.01
C ALA D 315 -8.24 -18.37 31.46
N ARG D 316 -9.51 -18.27 31.10
CA ARG D 316 -10.37 -17.19 31.57
C ARG D 316 -11.83 -17.64 31.45
N GLU D 317 -12.76 -16.84 31.97
CA GLU D 317 -14.21 -17.12 31.85
C GLU D 317 -14.64 -17.02 30.38
N TRP D 318 -15.56 -17.86 29.92
CA TRP D 318 -16.19 -17.65 28.60
C TRP D 318 -17.02 -16.36 28.68
N ILE D 319 -17.02 -15.57 27.61
CA ILE D 319 -17.96 -14.46 27.45
C ILE D 319 -18.95 -14.87 26.36
N TYR D 320 -20.25 -14.65 26.63
CA TYR D 320 -21.30 -14.87 25.63
C TYR D 320 -21.97 -13.55 25.26
N ALA D 321 -22.07 -13.28 23.96
CA ALA D 321 -22.81 -12.13 23.44
C ALA D 321 -23.92 -12.67 22.52
N PRO D 322 -25.21 -12.53 22.91
CA PRO D 322 -26.32 -13.11 22.11
C PRO D 322 -26.62 -12.44 20.76
N ARG D 323 -26.30 -11.15 20.60
CA ARG D 323 -26.48 -10.44 19.32
C ARG D 323 -25.33 -9.46 19.20
N ILE D 324 -24.35 -9.81 18.37
CA ILE D 324 -23.13 -8.99 18.26
C ILE D 324 -23.25 -7.92 17.19
N ASN D 325 -24.34 -7.92 16.41
CA ASN D 325 -24.46 -7.07 15.21
C ASN D 325 -25.30 -5.84 15.50
N TYR D 326 -24.84 -4.69 15.04
CA TYR D 326 -25.59 -3.46 15.17
C TYR D 326 -25.06 -2.46 14.17
N ARG D 327 -25.88 -1.45 13.88
CA ARG D 327 -25.50 -0.33 13.05
C ARG D 327 -26.10 0.94 13.66
N SER D 328 -25.69 2.08 13.11
CA SER D 328 -26.21 3.37 13.54
C SER D 328 -26.70 4.17 12.35
N VAL D 329 -27.71 5.00 12.59
CA VAL D 329 -28.30 5.81 11.52
C VAL D 329 -27.50 7.08 11.24
N GLN D 330 -26.66 7.44 12.19
CA GLN D 330 -25.88 8.65 12.20
C GLN D 330 -24.73 8.38 13.16
N ASN D 331 -23.58 9.00 12.93
CA ASN D 331 -22.49 8.90 13.90
C ASN D 331 -21.60 10.13 14.07
N VAL D 332 -21.98 11.27 13.46
CA VAL D 332 -21.29 12.53 13.68
C VAL D 332 -22.30 13.63 13.92
N GLY D 333 -21.87 14.62 14.69
CA GLY D 333 -22.62 15.85 14.89
C GLY D 333 -21.69 17.03 14.92
N ASP D 334 -22.26 18.18 15.28
CA ASP D 334 -21.52 19.41 15.45
C ASP D 334 -20.34 19.20 16.39
N ARG D 335 -20.57 18.48 17.49
CA ARG D 335 -19.57 18.32 18.52
C ARG D 335 -19.32 16.89 18.97
N PHE D 336 -19.64 15.91 18.13
CA PHE D 336 -19.25 14.53 18.42
C PHE D 336 -18.97 13.70 17.19
N CYS D 337 -18.17 12.65 17.39
CA CYS D 337 -18.06 11.57 16.43
C CYS D 337 -18.01 10.24 17.17
N LEU D 338 -18.78 9.26 16.73
CA LEU D 338 -18.67 7.90 17.23
C LEU D 338 -17.72 7.15 16.29
N LEU D 339 -16.63 6.61 16.82
CA LEU D 339 -15.75 5.72 16.04
C LEU D 339 -16.50 4.42 15.72
N PRO D 340 -15.94 3.58 14.82
CA PRO D 340 -16.71 2.44 14.30
C PRO D 340 -17.30 1.49 15.33
N GLN D 341 -16.54 1.13 16.37
CA GLN D 341 -17.08 0.19 17.38
C GLN D 341 -18.30 0.75 18.12
N ALA D 342 -18.34 2.07 18.31
CA ALA D 342 -19.52 2.70 18.91
C ALA D 342 -20.69 2.91 17.93
N THR D 343 -20.44 2.72 16.64
CA THR D 343 -21.39 2.97 15.56
C THR D 343 -22.03 1.67 15.10
N GLY D 344 -21.17 0.74 14.68
CA GLY D 344 -21.62 -0.49 14.04
C GLY D 344 -20.57 -1.58 14.11
N PHE D 345 -21.05 -2.82 14.19
CA PHE D 345 -20.22 -4.01 14.17
C PHE D 345 -21.01 -5.15 13.57
N ILE D 346 -20.36 -6.00 12.80
CA ILE D 346 -21.03 -7.14 12.16
C ILE D 346 -20.62 -8.47 12.75
N ASP D 347 -19.35 -8.83 12.65
CA ASP D 347 -18.91 -10.17 13.06
C ASP D 347 -17.39 -10.19 13.10
N PRO D 348 -16.83 -11.09 13.89
CA PRO D 348 -15.37 -11.27 13.81
C PRO D 348 -14.89 -11.81 12.46
N LEU D 349 -15.78 -12.42 11.68
CA LEU D 349 -15.37 -13.04 10.40
C LEU D 349 -14.71 -12.04 9.44
N PHE D 350 -13.47 -12.34 9.05
CA PHE D 350 -12.62 -11.51 8.17
C PHE D 350 -11.98 -10.31 8.87
N SER D 351 -12.27 -10.14 10.15
CA SER D 351 -11.62 -9.13 10.98
C SER D 351 -11.66 -7.72 10.37
N ARG D 352 -12.84 -7.34 9.87
CA ARG D 352 -13.05 -6.05 9.24
C ARG D 352 -13.17 -4.91 10.26
N GLY D 353 -13.48 -5.25 11.51
CA GLY D 353 -13.67 -4.24 12.56
C GLY D 353 -12.45 -3.37 12.77
N LEU D 354 -11.27 -3.98 12.89
CA LEU D 354 -10.02 -3.23 13.08
C LEU D 354 -9.71 -2.32 11.90
N ILE D 355 -10.00 -2.81 10.70
CA ILE D 355 -9.78 -2.07 9.47
C ILE D 355 -10.63 -0.80 9.47
N THR D 356 -11.91 -0.98 9.73
CA THR D 356 -12.85 0.14 9.75
C THR D 356 -12.40 1.16 10.81
N THR D 357 -12.03 0.66 11.98
CA THR D 357 -11.56 1.52 13.09
C THR D 357 -10.36 2.38 12.68
N PHE D 358 -9.30 1.76 12.18
CA PHE D 358 -8.08 2.54 11.87
C PHE D 358 -8.33 3.54 10.75
N GLU D 359 -9.10 3.13 9.74
CA GLU D 359 -9.37 4.04 8.62
C GLU D 359 -10.20 5.23 9.10
N SER D 360 -11.16 4.97 9.98
CA SER D 360 -11.99 6.06 10.53
C SER D 360 -11.16 7.09 11.29
N ILE D 361 -10.20 6.62 12.10
CA ILE D 361 -9.30 7.52 12.83
C ILE D 361 -8.52 8.37 11.85
N LEU D 362 -7.99 7.71 10.84
CA LEU D 362 -7.19 8.35 9.81
C LEU D 362 -7.98 9.45 9.06
N ARG D 363 -9.26 9.21 8.85
CA ARG D 363 -10.14 10.19 8.17
C ARG D 363 -10.56 11.30 9.13
N LEU D 364 -10.83 10.93 10.38
CA LEU D 364 -11.36 11.87 11.36
C LEU D 364 -10.33 12.87 11.85
N ALA D 365 -9.13 12.40 12.20
CA ALA D 365 -8.17 13.22 12.93
C ALA D 365 -7.84 14.54 12.23
N PRO D 366 -7.58 14.52 10.91
CA PRO D 366 -7.27 15.81 10.26
C PRO D 366 -8.41 16.80 10.29
N LYS D 367 -9.65 16.31 10.28
CA LYS D 367 -10.83 17.16 10.33
C LYS D 367 -11.04 17.75 11.71
N VAL D 368 -10.70 16.99 12.76
CA VAL D 368 -10.75 17.50 14.13
C VAL D 368 -9.66 18.56 14.33
N LEU D 369 -8.47 18.32 13.77
CA LEU D 369 -7.41 19.36 13.80
C LEU D 369 -7.87 20.64 13.10
N ASP D 370 -8.41 20.53 11.90
CA ASP D 370 -8.92 21.71 11.18
C ASP D 370 -10.01 22.44 11.98
N ALA D 371 -10.92 21.69 12.59
CA ALA D 371 -11.98 22.27 13.41
C ALA D 371 -11.43 23.05 14.61
N ALA D 372 -10.44 22.47 15.28
CA ALA D 372 -9.84 23.07 16.45
C ALA D 372 -9.00 24.30 16.09
N ARG D 373 -8.37 24.28 14.93
CA ARG D 373 -7.55 25.39 14.46
C ARG D 373 -8.36 26.54 13.86
N SER D 374 -9.57 26.26 13.38
CA SER D 374 -10.46 27.29 12.83
C SER D 374 -11.61 27.65 13.77
N ASN D 375 -11.72 26.92 14.88
CA ASN D 375 -12.84 27.04 15.82
C ASN D 375 -14.22 26.98 15.14
N ARG D 376 -14.38 26.03 14.23
CA ARG D 376 -15.66 25.78 13.58
C ARG D 376 -16.05 24.34 13.90
N TRP D 377 -17.26 24.16 14.42
CA TRP D 377 -17.75 22.86 14.84
C TRP D 377 -19.15 22.63 14.31
N GLN D 378 -19.22 22.17 13.07
CA GLN D 378 -20.48 21.87 12.40
C GLN D 378 -20.43 20.46 11.81
N ARG D 379 -21.55 19.75 11.93
CA ARG D 379 -21.74 18.40 11.41
C ARG D 379 -21.24 18.23 9.97
N GLU D 380 -21.52 19.20 9.11
CA GLU D 380 -21.08 19.16 7.70
C GLU D 380 -19.59 18.85 7.53
N GLN D 381 -18.76 19.32 8.48
CA GLN D 381 -17.31 19.09 8.41
C GLN D 381 -16.92 17.63 8.57
N PHE D 382 -17.76 16.84 9.24
CA PHE D 382 -17.44 15.44 9.55
C PHE D 382 -18.20 14.43 8.74
N ILE D 383 -18.94 14.89 7.74
CA ILE D 383 -19.87 14.04 7.03
C ILE D 383 -19.21 12.89 6.24
N GLU D 384 -18.00 13.08 5.74
CA GLU D 384 -17.31 12.01 5.01
C GLU D 384 -16.80 10.89 5.96
N VAL D 385 -16.67 11.23 7.24
CA VAL D 385 -16.36 10.23 8.26
C VAL D 385 -17.58 9.32 8.45
N GLU D 386 -18.76 9.93 8.53
CA GLU D 386 -19.99 9.17 8.65
C GLU D 386 -20.24 8.29 7.44
N ARG D 387 -20.03 8.85 6.24
CA ARG D 387 -20.24 8.13 5.00
C ARG D 387 -19.32 6.91 4.94
N HIS D 388 -18.05 7.09 5.30
CA HIS D 388 -17.12 5.95 5.31
C HIS D 388 -17.60 4.85 6.27
N CYS D 389 -17.88 5.23 7.51
CA CYS D 389 -18.22 4.26 8.56
C CYS D 389 -19.52 3.54 8.26
N LEU D 390 -20.58 4.28 7.92
CA LEU D 390 -21.87 3.64 7.62
C LEU D 390 -21.79 2.76 6.36
N ASN D 391 -21.05 3.19 5.34
CA ASN D 391 -20.83 2.35 4.17
C ASN D 391 -20.03 1.09 4.51
N ALA D 392 -19.00 1.24 5.35
CA ALA D 392 -18.15 0.11 5.76
C ALA D 392 -18.96 -0.95 6.48
N VAL D 393 -19.79 -0.54 7.41
CA VAL D 393 -20.65 -1.46 8.17
C VAL D 393 -21.65 -2.17 7.24
N ALA D 394 -22.22 -1.41 6.30
CA ALA D 394 -23.14 -1.99 5.29
C ALA D 394 -22.46 -3.05 4.42
N THR D 395 -21.28 -2.71 3.89
CA THR D 395 -20.50 -3.65 3.09
C THR D 395 -20.12 -4.90 3.91
N ASN D 396 -19.72 -4.68 5.16
CA ASN D 396 -19.32 -5.75 6.08
C ASN D 396 -20.52 -6.68 6.33
N ASP D 397 -21.70 -6.11 6.45
CA ASP D 397 -22.93 -6.87 6.64
C ASP D 397 -23.22 -7.80 5.45
N GLN D 398 -23.07 -7.27 4.25
CA GLN D 398 -23.21 -8.06 3.01
C GLN D 398 -22.15 -9.15 2.92
N LEU D 399 -20.89 -8.78 3.14
CA LEU D 399 -19.78 -9.74 3.08
C LEU D 399 -20.02 -10.93 4.03
N VAL D 400 -20.35 -10.61 5.27
CA VAL D 400 -20.47 -11.61 6.32
C VAL D 400 -21.74 -12.43 6.14
N SER D 401 -22.89 -11.78 5.88
CA SER D 401 -24.14 -12.55 5.71
C SER D 401 -24.01 -13.55 4.55
N CYS D 402 -23.48 -13.10 3.43
CA CYS D 402 -23.29 -13.98 2.26
C CYS D 402 -22.28 -15.08 2.56
N SER D 403 -21.25 -14.77 3.35
CA SER D 403 -20.30 -15.79 3.79
C SER D 403 -20.95 -16.89 4.64
N TYR D 404 -21.78 -16.50 5.59
CA TYR D 404 -22.49 -17.47 6.44
C TYR D 404 -23.37 -18.39 5.59
N GLU D 405 -23.93 -17.88 4.50
CA GLU D 405 -24.63 -18.77 3.56
C GLU D 405 -23.66 -19.74 2.85
N ALA D 406 -22.50 -19.24 2.42
CA ALA D 406 -21.52 -20.08 1.74
C ALA D 406 -20.85 -21.15 2.64
N PHE D 407 -21.00 -21.01 3.95
CA PHE D 407 -20.63 -22.07 4.91
C PHE D 407 -21.37 -23.40 4.69
N SER D 408 -22.47 -23.39 3.93
CA SER D 408 -23.29 -24.59 3.72
C SER D 408 -22.61 -25.74 2.97
N ASP D 409 -21.53 -25.46 2.26
CA ASP D 409 -20.89 -26.45 1.39
C ASP D 409 -19.45 -26.04 1.14
N PHE D 410 -18.52 -27.00 1.20
CA PHE D 410 -17.13 -26.63 0.95
C PHE D 410 -16.88 -26.05 -0.45
N HIS D 411 -17.37 -26.72 -1.51
CA HIS D 411 -17.09 -26.24 -2.87
C HIS D 411 -17.61 -24.81 -3.06
N LEU D 412 -18.81 -24.57 -2.58
CA LEU D 412 -19.39 -23.21 -2.56
C LEU D 412 -18.49 -22.20 -1.82
N TRP D 413 -18.01 -22.58 -0.63
CA TRP D 413 -17.08 -21.73 0.12
C TRP D 413 -15.82 -21.43 -0.67
N ASN D 414 -15.27 -22.48 -1.29
CA ASN D 414 -14.07 -22.35 -2.09
C ASN D 414 -14.27 -21.29 -3.19
N VAL D 415 -15.36 -21.35 -3.92
CA VAL D 415 -15.59 -20.36 -4.98
C VAL D 415 -15.80 -18.96 -4.35
N TRP D 416 -16.70 -18.91 -3.37
CA TRP D 416 -17.05 -17.65 -2.68
C TRP D 416 -15.85 -16.90 -2.08
N HIS D 417 -14.92 -17.62 -1.44
CA HIS D 417 -13.81 -16.97 -0.74
C HIS D 417 -12.98 -16.14 -1.71
N ARG D 418 -12.96 -16.52 -2.99
CA ARG D 418 -12.28 -15.71 -4.01
C ARG D 418 -12.91 -14.32 -4.22
N VAL D 419 -14.20 -14.17 -3.95
CA VAL D 419 -14.86 -12.87 -4.03
C VAL D 419 -14.29 -11.96 -2.92
N TRP D 420 -14.23 -12.47 -1.70
CA TRP D 420 -13.59 -11.72 -0.58
C TRP D 420 -12.11 -11.45 -0.90
N LEU D 421 -11.39 -12.48 -1.29
CA LEU D 421 -9.94 -12.36 -1.47
C LEU D 421 -9.56 -11.32 -2.52
N SER D 422 -10.20 -11.38 -3.69
CA SER D 422 -9.90 -10.46 -4.78
C SER D 422 -10.17 -9.03 -4.37
N GLY D 423 -11.26 -8.81 -3.64
CA GLY D 423 -11.60 -7.50 -3.13
C GLY D 423 -10.60 -6.99 -2.12
N SER D 424 -10.30 -7.84 -1.14
CA SER D 424 -9.31 -7.51 -0.11
C SER D 424 -7.95 -7.22 -0.72
N ASN D 425 -7.55 -8.02 -1.71
CA ASN D 425 -6.27 -7.79 -2.36
C ASN D 425 -6.21 -6.43 -3.09
N LEU D 426 -7.31 -6.05 -3.73
CA LEU D 426 -7.39 -4.75 -4.40
C LEU D 426 -7.35 -3.59 -3.40
N GLY D 427 -8.14 -3.71 -2.33
CA GLY D 427 -8.13 -2.69 -1.29
C GLY D 427 -6.77 -2.52 -0.63
N SER D 428 -6.13 -3.65 -0.36
CA SER D 428 -4.78 -3.65 0.20
C SER D 428 -3.74 -2.97 -0.69
N ALA D 429 -3.77 -3.30 -1.98
CA ALA D 429 -2.88 -2.69 -2.96
C ALA D 429 -3.12 -1.17 -3.05
N PHE D 430 -4.39 -0.75 -2.95
CA PHE D 430 -4.72 0.68 -2.99
C PHE D 430 -4.14 1.43 -1.80
N LEU D 431 -4.31 0.87 -0.60
CA LEU D 431 -3.72 1.46 0.62
C LEU D 431 -2.19 1.48 0.58
N GLN D 432 -1.59 0.41 0.06
CA GLN D 432 -0.15 0.35 -0.14
C GLN D 432 0.31 1.48 -1.06
N LYS D 433 -0.44 1.75 -2.11
CA LYS D 433 -0.12 2.85 -3.02
C LYS D 433 -0.25 4.23 -2.34
N LEU D 434 -1.32 4.44 -1.59
CA LEU D 434 -1.47 5.66 -0.81
C LEU D 434 -0.27 5.87 0.10
N LEU D 435 0.16 4.79 0.76
CA LEU D 435 1.32 4.84 1.66
C LEU D 435 2.60 5.17 0.90
N HIS D 436 2.84 4.46 -0.21
CA HIS D 436 3.96 4.75 -1.10
C HIS D 436 4.03 6.24 -1.49
N ASP D 437 2.90 6.78 -1.98
CA ASP D 437 2.85 8.18 -2.40
C ASP D 437 3.12 9.15 -1.25
N LEU D 438 2.62 8.82 -0.05
CA LEU D 438 2.85 9.64 1.14
C LEU D 438 4.31 9.59 1.59
N GLU D 439 4.93 8.42 1.53
CA GLU D 439 6.35 8.29 1.85
C GLU D 439 7.23 9.07 0.85
N HIS D 440 6.87 9.03 -0.44
CA HIS D 440 7.62 9.74 -1.47
C HIS D 440 7.48 11.27 -1.35
N SER D 441 6.25 11.75 -1.22
CA SER D 441 5.98 13.19 -1.29
C SER D 441 6.06 13.95 0.04
N GLY D 442 5.81 13.25 1.15
CA GLY D 442 5.60 13.91 2.46
C GLY D 442 4.34 14.77 2.51
N ASP D 443 3.44 14.60 1.53
CA ASP D 443 2.32 15.51 1.33
C ASP D 443 1.06 14.96 2.00
N ALA D 444 0.86 15.37 3.25
CA ALA D 444 -0.23 14.89 4.08
C ALA D 444 -1.61 15.31 3.55
N ARG D 445 -1.72 16.57 3.10
CA ARG D 445 -2.97 17.10 2.54
C ARG D 445 -3.38 16.31 1.29
N GLN D 446 -2.44 16.04 0.40
CA GLN D 446 -2.65 15.21 -0.79
C GLN D 446 -3.14 13.81 -0.39
N PHE D 447 -2.52 13.22 0.64
CA PHE D 447 -2.98 11.93 1.14
C PHE D 447 -4.43 11.98 1.62
N ASP D 448 -4.76 12.96 2.47
CA ASP D 448 -6.12 13.06 3.02
C ASP D 448 -7.16 13.17 1.90
N ALA D 449 -6.86 13.97 0.89
CA ALA D 449 -7.74 14.15 -0.26
C ALA D 449 -7.88 12.89 -1.14
N ALA D 450 -6.79 12.17 -1.36
CA ALA D 450 -6.83 10.94 -2.15
C ALA D 450 -7.67 9.88 -1.45
N LEU D 451 -7.54 9.78 -0.12
CA LEU D 451 -8.34 8.81 0.62
C LEU D 451 -9.83 9.18 0.56
N GLU D 452 -10.14 10.46 0.67
CA GLU D 452 -11.53 10.93 0.61
C GLU D 452 -12.14 10.83 -0.81
N ALA D 453 -11.31 10.88 -1.84
CA ALA D 453 -11.79 10.84 -3.23
C ALA D 453 -12.05 9.44 -3.76
N VAL D 454 -11.78 8.39 -2.97
CA VAL D 454 -12.03 7.03 -3.47
C VAL D 454 -13.50 6.91 -3.87
N ARG D 455 -13.77 6.15 -4.92
CA ARG D 455 -15.15 6.01 -5.42
C ARG D 455 -16.09 5.27 -4.45
N PHE D 456 -15.55 4.30 -3.71
CA PHE D 456 -16.36 3.39 -2.89
C PHE D 456 -15.81 3.29 -1.46
N PRO D 457 -15.90 4.39 -0.70
CA PRO D 457 -15.42 4.36 0.67
C PRO D 457 -16.16 3.28 1.47
N GLY D 458 -15.41 2.51 2.24
CA GLY D 458 -15.99 1.43 3.02
C GLY D 458 -16.22 0.14 2.25
N CYS D 459 -15.91 0.10 0.96
CA CYS D 459 -16.02 -1.13 0.20
C CYS D 459 -14.65 -1.77 0.09
N LEU D 460 -14.63 -3.07 -0.15
CA LEU D 460 -13.40 -3.85 -0.05
C LEU D 460 -12.28 -3.36 -0.97
N SER D 461 -12.62 -2.94 -2.18
CA SER D 461 -11.64 -2.48 -3.16
C SER D 461 -11.24 -1.01 -3.01
N LEU D 462 -12.10 -0.23 -2.35
CA LEU D 462 -12.03 1.24 -2.25
C LEU D 462 -12.35 1.98 -3.55
N ASP D 463 -11.76 1.57 -4.67
CA ASP D 463 -11.79 2.36 -5.90
C ASP D 463 -11.98 1.60 -7.22
N SER D 464 -12.41 0.34 -7.19
CA SER D 464 -12.52 -0.47 -8.41
C SER D 464 -13.98 -0.68 -8.79
N PRO D 465 -14.47 0.03 -9.83
CA PRO D 465 -15.86 -0.24 -10.23
C PRO D 465 -16.11 -1.70 -10.66
N ALA D 466 -15.14 -2.33 -11.34
CA ALA D 466 -15.27 -3.73 -11.78
C ALA D 466 -15.41 -4.65 -10.57
N TYR D 467 -14.57 -4.44 -9.55
CA TYR D 467 -14.68 -5.29 -8.38
C TYR D 467 -16.01 -5.09 -7.67
N GLU D 468 -16.43 -3.84 -7.48
CA GLU D 468 -17.68 -3.60 -6.76
C GLU D 468 -18.90 -4.12 -7.53
N SER D 469 -18.82 -4.17 -8.87
CA SER D 469 -19.82 -4.89 -9.66
C SER D 469 -19.80 -6.40 -9.34
N LEU D 470 -18.61 -7.01 -9.31
CA LEU D 470 -18.48 -8.43 -8.94
C LEU D 470 -19.07 -8.68 -7.55
N PHE D 471 -18.73 -7.82 -6.61
CA PHE D 471 -19.21 -7.97 -5.23
C PHE D 471 -20.73 -7.90 -5.13
N ARG D 472 -21.29 -6.84 -5.68
CA ARG D 472 -22.76 -6.64 -5.67
C ARG D 472 -23.44 -7.86 -6.31
N GLN D 473 -22.97 -8.26 -7.48
CA GLN D 473 -23.60 -9.37 -8.21
C GLN D 473 -23.43 -10.71 -7.47
N SER D 474 -22.25 -10.92 -6.89
CA SER D 474 -21.99 -12.14 -6.10
C SER D 474 -22.88 -12.20 -4.87
N CYS D 475 -23.03 -11.08 -4.16
CA CYS D 475 -23.92 -11.05 -3.01
C CYS D 475 -25.38 -11.31 -3.42
N GLN D 476 -25.80 -10.77 -4.57
CA GLN D 476 -27.14 -11.04 -5.10
C GLN D 476 -27.35 -12.53 -5.38
N VAL D 477 -26.36 -13.19 -5.97
CA VAL D 477 -26.41 -14.64 -6.16
C VAL D 477 -26.59 -15.38 -4.82
N MET D 478 -25.81 -14.99 -3.81
CA MET D 478 -25.86 -15.65 -2.50
C MET D 478 -27.18 -15.43 -1.76
N GLN D 479 -27.68 -14.21 -1.81
CA GLN D 479 -28.97 -13.90 -1.18
C GLN D 479 -30.14 -14.60 -1.88
N GLN D 480 -30.13 -14.62 -3.21
CA GLN D 480 -31.14 -15.36 -3.98
C GLN D 480 -31.05 -16.88 -3.69
N ALA D 481 -29.82 -17.39 -3.59
CA ALA D 481 -29.59 -18.79 -3.21
C ALA D 481 -30.16 -19.12 -1.84
N ARG D 482 -29.98 -18.21 -0.87
CA ARG D 482 -30.55 -18.38 0.47
C ARG D 482 -32.07 -18.35 0.43
N GLU D 483 -32.62 -17.36 -0.25
CA GLU D 483 -34.07 -17.18 -0.31
C GLU D 483 -34.76 -18.36 -1.00
N GLN D 484 -34.14 -18.90 -2.04
CA GLN D 484 -34.76 -19.96 -2.84
C GLN D 484 -34.19 -21.38 -2.58
N ALA D 485 -33.31 -21.53 -1.59
CA ALA D 485 -32.62 -22.81 -1.33
C ALA D 485 -32.13 -23.49 -2.62
N ARG D 486 -31.36 -22.75 -3.41
CA ARG D 486 -30.83 -23.28 -4.67
C ARG D 486 -29.75 -24.33 -4.43
N PRO D 487 -29.61 -25.28 -5.37
CA PRO D 487 -28.55 -26.28 -5.24
C PRO D 487 -27.19 -25.62 -5.16
N VAL D 488 -26.37 -26.07 -4.19
CA VAL D 488 -25.10 -25.40 -3.94
C VAL D 488 -24.15 -25.44 -5.12
N ALA D 489 -24.21 -26.50 -5.94
CA ALA D 489 -23.36 -26.60 -7.12
C ALA D 489 -23.72 -25.53 -8.17
N GLU D 490 -25.00 -25.20 -8.26
CA GLU D 490 -25.47 -24.18 -9.20
C GLU D 490 -25.04 -22.77 -8.75
N THR D 491 -25.15 -22.53 -7.46
CA THR D 491 -24.70 -21.28 -6.87
C THR D 491 -23.21 -21.09 -7.07
N ALA D 492 -22.43 -22.14 -6.80
CA ALA D 492 -20.98 -22.10 -7.03
C ALA D 492 -20.63 -21.78 -8.48
N ASN D 493 -21.33 -22.40 -9.41
CA ASN D 493 -21.07 -22.15 -10.81
C ASN D 493 -21.41 -20.70 -11.20
N ALA D 494 -22.51 -20.17 -10.68
CA ALA D 494 -22.88 -18.76 -10.92
C ALA D 494 -21.79 -17.80 -10.45
N LEU D 495 -21.25 -18.08 -9.26
CA LEU D 495 -20.14 -17.29 -8.73
C LEU D 495 -18.90 -17.44 -9.59
N HIS D 496 -18.61 -18.69 -9.99
CA HIS D 496 -17.44 -18.97 -10.83
C HIS D 496 -17.48 -18.16 -12.14
N GLU D 497 -18.64 -18.10 -12.79
CA GLU D 497 -18.78 -17.41 -14.07
C GLU D 497 -18.64 -15.89 -13.85
N LEU D 498 -19.18 -15.38 -12.74
CA LEU D 498 -18.98 -13.97 -12.38
C LEU D 498 -17.51 -13.62 -12.19
N ILE D 499 -16.77 -14.50 -11.52
CA ILE D 499 -15.34 -14.29 -11.31
C ILE D 499 -14.63 -14.27 -12.66
N LYS D 500 -14.94 -15.27 -13.49
CA LYS D 500 -14.38 -15.32 -14.85
C LYS D 500 -14.69 -14.06 -15.67
N GLU D 501 -15.92 -13.57 -15.59
CA GLU D 501 -16.35 -12.33 -16.30
C GLU D 501 -15.55 -11.09 -15.89
N HIS D 502 -15.22 -11.00 -14.60
CA HIS D 502 -14.53 -9.82 -14.03
C HIS D 502 -13.03 -9.98 -13.85
N GLU D 503 -12.49 -11.14 -14.22
CA GLU D 503 -11.14 -11.54 -13.84
C GLU D 503 -10.06 -10.65 -14.43
N ALA D 504 -10.24 -10.22 -15.68
CA ALA D 504 -9.27 -9.31 -16.29
C ALA D 504 -9.11 -7.99 -15.51
N GLU D 505 -10.10 -7.62 -14.68
CA GLU D 505 -10.03 -6.43 -13.83
C GLU D 505 -9.61 -6.69 -12.36
N LEU D 506 -9.25 -7.93 -12.02
CA LEU D 506 -8.75 -8.28 -10.70
C LEU D 506 -7.25 -8.41 -10.81
N LEU D 507 -6.56 -8.53 -9.68
CA LEU D 507 -5.12 -8.77 -9.72
C LEU D 507 -4.83 -10.14 -10.37
N PRO D 508 -3.67 -10.32 -10.99
CA PRO D 508 -3.44 -11.58 -11.75
C PRO D 508 -3.01 -12.79 -10.89
N LEU D 509 -3.90 -13.25 -10.00
CA LEU D 509 -3.61 -14.35 -9.06
C LEU D 509 -4.26 -15.70 -9.42
N GLY D 510 -5.03 -15.74 -10.50
CA GLY D 510 -5.69 -16.97 -10.92
C GLY D 510 -6.87 -17.28 -10.03
N TYR D 511 -7.67 -16.25 -9.74
CA TYR D 511 -8.82 -16.41 -8.85
C TYR D 511 -9.84 -17.40 -9.38
N SER D 512 -9.98 -17.54 -10.70
CA SER D 512 -10.94 -18.48 -11.26
C SER D 512 -10.46 -19.94 -11.28
N ARG D 513 -9.20 -20.20 -10.93
CA ARG D 513 -8.68 -21.58 -10.94
C ARG D 513 -9.11 -22.29 -9.64
N ILE D 514 -10.32 -22.87 -9.68
CA ILE D 514 -10.98 -23.40 -8.50
C ILE D 514 -10.26 -24.60 -7.89
N SER D 515 -9.52 -25.34 -8.71
CA SER D 515 -8.72 -26.46 -8.23
C SER D 515 -7.55 -26.03 -7.33
N ASN D 516 -7.11 -24.78 -7.44
CA ASN D 516 -6.06 -24.25 -6.58
C ASN D 516 -6.65 -23.68 -5.29
N ARG D 517 -6.54 -24.44 -4.19
CA ARG D 517 -7.12 -24.01 -2.90
C ARG D 517 -6.22 -23.11 -2.05
N PHE D 518 -5.01 -22.83 -2.54
CA PHE D 518 -4.03 -22.02 -1.83
C PHE D 518 -3.51 -20.93 -2.76
N ILE D 519 -4.33 -19.91 -2.96
CA ILE D 519 -4.03 -18.85 -3.93
C ILE D 519 -2.86 -17.98 -3.46
N LEU D 520 -1.76 -18.02 -4.22
CA LEU D 520 -0.51 -17.34 -3.88
C LEU D 520 -0.44 -15.94 -4.47
N LYS D 521 0.38 -15.09 -3.85
CA LYS D 521 0.73 -13.80 -4.41
C LYS D 521 1.96 -13.96 -5.32
CA CA E . -22.31 -12.80 -39.70
CA CA F . -13.52 18.90 -31.34
C1 GOL G . -4.35 31.68 -45.77
O1 GOL G . -5.62 32.34 -45.75
C2 GOL G . -4.13 31.07 -44.40
O2 GOL G . -3.91 32.10 -43.44
C3 GOL G . -2.97 30.08 -44.49
O3 GOL G . -2.54 29.73 -43.17
C1 GOL H . -9.72 20.51 -28.89
O1 GOL H . -9.15 19.26 -29.30
C2 GOL H . -11.22 20.48 -28.54
O2 GOL H . -11.67 19.29 -27.82
C3 GOL H . -11.52 21.78 -27.76
O3 GOL H . -12.85 21.82 -27.25
C1 GOL I . -26.07 15.08 -28.56
O1 GOL I . -25.50 13.77 -28.39
C2 GOL I . -25.82 16.03 -27.38
O2 GOL I . -25.95 17.36 -27.87
C3 GOL I . -26.74 15.93 -26.16
O3 GOL I . -28.07 15.51 -26.49
CA CA J . 26.27 29.73 -36.22
C1 GOL K . 14.17 -5.32 -33.62
O1 GOL K . 13.61 -4.05 -33.98
C2 GOL K . 15.71 -5.39 -33.71
O2 GOL K . 16.35 -4.47 -32.82
C3 GOL K . 16.11 -6.84 -33.43
O3 GOL K . 17.44 -7.01 -32.95
C1 GOL L . 7.66 -10.90 -52.96
O1 GOL L . 8.35 -12.06 -53.45
C2 GOL L . 6.88 -11.27 -51.69
O2 GOL L . 7.16 -12.49 -50.97
C3 GOL L . 6.07 -10.18 -50.97
O3 GOL L . 6.09 -10.45 -49.56
CA CA M . 9.94 24.49 53.80
CA CA N . 5.01 -5.65 49.45
C1 GOL O . 20.84 -7.08 50.60
O1 GOL O . 21.07 -8.50 50.53
C2 GOL O . 20.32 -6.53 49.27
O2 GOL O . 20.56 -5.10 49.12
C3 GOL O . 18.83 -6.82 49.15
O3 GOL O . 18.38 -6.72 47.78
C1 GOL P . 6.88 -2.67 45.94
O1 GOL P . 5.86 -3.31 45.18
C2 GOL P . 7.43 -3.45 47.14
O2 GOL P . 7.90 -4.79 46.86
C3 GOL P . 8.59 -2.60 47.67
O3 GOL P . 9.36 -3.23 48.68
C1 GOL Q . -7.16 10.62 50.00
O1 GOL Q . -6.02 10.44 49.16
C2 GOL Q . -6.81 11.47 51.23
O2 GOL Q . -5.38 11.63 51.36
C3 GOL Q . -7.34 10.84 52.51
O3 GOL Q . -7.53 11.84 53.50
CA CA R . -25.50 -36.92 15.01
CA CA S . -13.15 -8.59 15.47
C1 GOL T . -10.63 -12.53 16.79
O1 GOL T . -10.35 -11.67 17.91
C2 GOL T . -11.01 -11.82 15.48
O2 GOL T . -10.05 -10.84 15.02
C3 GOL T . -11.23 -12.92 14.41
O3 GOL T . -11.36 -12.41 13.08
C1 GOL U . -5.33 -12.90 2.28
O1 GOL U . -4.61 -11.71 1.91
C2 GOL U . -4.89 -13.45 3.65
O2 GOL U . -5.18 -14.86 3.80
C3 GOL U . -5.53 -12.62 4.77
O3 GOL U . -4.85 -12.84 6.01
#